data_6YO6
#
_entry.id   6YO6
#
_cell.length_a   87.450
_cell.length_b   100.600
_cell.length_c   136.280
_cell.angle_alpha   94.230
_cell.angle_beta   108.120
_cell.angle_gamma   113.810
#
_symmetry.space_group_name_H-M   'P 1'
#
loop_
_entity.id
_entity.type
_entity.pdbx_description
1 polymer 'iC3b1 alpha chain'
2 polymer 'iC3b1 beta chain'
3 polymer hC3Nb1
#
loop_
_entity_poly.entity_id
_entity_poly.type
_entity_poly.pdbx_seq_one_letter_code
_entity_poly.pdbx_strand_id
1 'polypeptide(L)'
;SPMYSIITPNILRLESEETMVLEAHDAQGDVPVTVTVHDFPGKKLVLSSEKTVLTPATNHMGNVTFTIPANREFKSEKGR
NKFVTVQATFGTQVVEKVVLVSLQSGYLFIQTDKTIYTPGSTVLYRIFTVNHKLLPVGRTVMVNIENPEGIPVKQDSLSS
QNQLGVLPLSWDIPELVNMGQWKIRAYYENSPQQVFSTEFEVKEYVLPSFEVIVEPTEKFYYIYNEKGLEVTITARFLYG
KKVEGTAFVIFGIQDGEQRISLPESLKRIPIEDGSGEVVLSRKVLLDGVQNPRAEDLVGKSLYVSATVILHSGSDMVQAE
RSGIPIVTSPYQIHFTKTPKYFKPGMPFDLMVFVTNPDGSPAYRVPVAVQGEETVQSLTQGDGVAKLSINTHPSQKPLSI
TVRTKKQEISEAEQATRTMQALPYSTVGNSNNYLHLSVLRTELRPGETLNVNFLLRMDRAHEAKIRYYTYLIMNKGRLLK
AGRQVREPGQDLVVLPLSITTDFIPSFRLVAYYTLIGASGQREVVADSVWVDVKDSCVGSLVVKSGQSEDRQPVPGQQMT
LKIEGDHGARVVLVAVDKGVFVLNKKNKLTQSKIWDVVEKADIGCTPGSGKDYAGVFSDAGLTFTSSSGQQTAQRAELQC
PQPAA
;
A
2 'polypeptide(L)'
;SNLDEDIIAEENIVSRSEFPESWLWNVEDLKEPPKNGISTKLMNIFLKDSITTWEILAVSMSDKKGICVADPFEVTVMQD
FFIDLRLPYSVVRNEQVEIRAVLYNYRQNQELKVRVELLHNPAFCSLATTKRRHQQTVTIPPKSSLSVPYVIVPLKTGLQ
EVEVKAAVYHHFISDGVRKSLKVVPEGIRMNKTVAVRTLDPERLGREGVQKEDIPPADLSDQVPDTESETRILLQGTPVA
QMTEDAVDAERLKHLIVTPSGCGEENMIGMTPTVIAVHYLDETEQWEKFGLEKRQGALELIKKGYTQQLAFRQPSSAFAA
FVKRAPSTWLTAYVVKVFSLAVNLIAIDSQVLCGAVKWLILEKQKPDGVFQEDAPVIHQEMIGGLRNNNEKDMALTAFVL
ISLQEAKDICEEQVNSLPGSITKAGDFLEANYMNLQRSYTVAIAGYALAQMGRLKGPLLNKFLTTAKDKNRWEDPGKQLY
NVEATSYALLALLQLKDFDFVPPVVRWLNEQRYYGGGYGSTQATFMVFQALAQYQKDAPDHQELNLDVSLQLPSRSSKIT
HRIHWESASLLRSEETKENEGFTVTAEGKGQGTLSVVTMYHAKAKDQLTCNKFDLKVTIKPAPETEKRPQDNKNTMILEI
CTRYRGDQDATMSILDISMMTGFAPDTDDLKQLANGVDRYISKYELDKAFSDRNTLIIYLDKVSHSEDDCLAFKVHQYFN
VELIQPGAVKVYAYYNLEESCTRFYHPEKEDGKLNKLCRDELCRCAEENCFIQKSDDKVTLEERLDKACEPGVDYVYKTR
LVKVQLSNDFDEYIMAIEQTIKSGSDEVQVGQQRTFISPIKCREALKLEEKKHYLMWGLSSDFWGEKPNLSYIIGKDTWV
EHWPEEDECQDEENQKQCQDLGAFTESMVVFGCPN
;
B
3 'polypeptide(L)'
;MQVQLVETGGGLVQAGGSLRLSCAASGSIFSLNAMGWFRQAPGKEREFVATINRSGGRTYYADSVKGRFTISRDNGKNMV
YLQMHSLKPEDTAIYYCAAGTGWSPQTDNEYNYWGQGTQVTVSSHHHHHH
;
C
#
# COMPACT_ATOMS: atom_id res chain seq x y z
N SER A 1 -18.49 -53.72 -19.25
CA SER A 1 -18.35 -53.44 -17.82
C SER A 1 -18.46 -51.94 -17.55
N PRO A 2 -19.11 -51.57 -16.45
CA PRO A 2 -19.27 -50.15 -16.13
C PRO A 2 -17.99 -49.55 -15.55
N MET A 3 -17.69 -48.33 -15.99
CA MET A 3 -16.57 -47.56 -15.45
C MET A 3 -17.13 -46.37 -14.69
N TYR A 4 -16.79 -46.27 -13.40
CA TYR A 4 -17.16 -45.16 -12.55
C TYR A 4 -16.03 -44.15 -12.51
N SER A 5 -16.35 -42.89 -12.80
CA SER A 5 -15.36 -41.83 -12.85
C SER A 5 -15.76 -40.68 -11.93
N ILE A 6 -14.76 -40.08 -11.29
CA ILE A 6 -14.96 -38.92 -10.43
C ILE A 6 -14.00 -37.82 -10.89
N ILE A 7 -14.45 -36.58 -10.75
CA ILE A 7 -13.67 -35.41 -11.14
C ILE A 7 -13.79 -34.36 -10.04
N THR A 8 -12.65 -33.85 -9.60
CA THR A 8 -12.55 -32.77 -8.62
C THR A 8 -11.48 -31.81 -9.10
N PRO A 9 -11.45 -30.59 -8.56
CA PRO A 9 -10.34 -29.69 -8.87
C PRO A 9 -9.01 -30.25 -8.40
N ASN A 10 -7.93 -29.84 -9.07
CA ASN A 10 -6.59 -30.28 -8.68
C ASN A 10 -6.27 -29.86 -7.26
N ILE A 11 -6.72 -28.68 -6.85
CA ILE A 11 -6.41 -28.10 -5.55
C ILE A 11 -7.73 -27.79 -4.85
N LEU A 12 -7.86 -28.23 -3.61
CA LEU A 12 -9.03 -27.95 -2.79
C LEU A 12 -8.71 -26.87 -1.77
N ARG A 13 -9.73 -26.05 -1.47
CA ARG A 13 -9.59 -24.93 -0.55
C ARG A 13 -10.34 -25.20 0.75
N LEU A 14 -9.91 -24.52 1.80
CA LEU A 14 -10.56 -24.63 3.10
C LEU A 14 -11.75 -23.69 3.18
N GLU A 15 -12.82 -24.15 3.82
CA GLU A 15 -14.07 -23.43 4.01
C GLU A 15 -14.71 -23.02 2.70
N SER A 16 -14.21 -23.51 1.56
CA SER A 16 -14.78 -23.21 0.26
C SER A 16 -15.56 -24.41 -0.24
N GLU A 17 -16.72 -24.15 -0.84
CA GLU A 17 -17.58 -25.21 -1.36
C GLU A 17 -17.01 -25.69 -2.68
N GLU A 18 -16.37 -26.86 -2.66
CA GLU A 18 -15.88 -27.49 -3.87
C GLU A 18 -16.93 -28.47 -4.40
N THR A 19 -16.89 -28.70 -5.70
CA THR A 19 -17.86 -29.57 -6.37
C THR A 19 -17.16 -30.83 -6.87
N MET A 20 -17.85 -31.96 -6.73
CA MET A 20 -17.34 -33.26 -7.18
C MET A 20 -18.40 -33.94 -8.02
N VAL A 21 -18.12 -34.11 -9.30
CA VAL A 21 -19.07 -34.69 -10.24
C VAL A 21 -18.84 -36.20 -10.32
N LEU A 22 -19.91 -36.97 -10.22
CA LEU A 22 -19.85 -38.43 -10.19
C LEU A 22 -20.56 -38.97 -11.42
N GLU A 23 -19.90 -39.88 -12.13
CA GLU A 23 -20.45 -40.48 -13.33
C GLU A 23 -20.39 -41.99 -13.25
N ALA A 24 -21.35 -42.64 -13.92
CA ALA A 24 -21.45 -44.09 -13.99
C ALA A 24 -21.63 -44.46 -15.47
N HIS A 25 -20.52 -44.65 -16.17
CA HIS A 25 -20.57 -44.91 -17.61
C HIS A 25 -20.99 -46.36 -17.88
N ASP A 26 -21.84 -46.53 -18.89
CA ASP A 26 -22.25 -47.85 -19.38
C ASP A 26 -22.82 -48.72 -18.25
N ALA A 27 -23.86 -48.19 -17.61
CA ALA A 27 -24.50 -48.87 -16.50
C ALA A 27 -26.01 -48.72 -16.61
N GLN A 28 -26.72 -49.72 -16.07
CA GLN A 28 -28.17 -49.69 -15.98
C GLN A 28 -28.59 -49.78 -14.51
N GLY A 29 -29.72 -49.16 -14.19
CA GLY A 29 -30.21 -49.13 -12.84
C GLY A 29 -29.58 -48.02 -12.01
N ASP A 30 -30.12 -47.87 -10.79
CA ASP A 30 -29.66 -46.83 -9.89
C ASP A 30 -28.32 -47.22 -9.26
N VAL A 31 -27.47 -46.22 -9.05
CA VAL A 31 -26.14 -46.41 -8.50
C VAL A 31 -26.00 -45.52 -7.26
N PRO A 32 -26.07 -46.09 -6.07
CA PRO A 32 -25.88 -45.30 -4.84
C PRO A 32 -24.40 -44.97 -4.64
N VAL A 33 -24.12 -43.70 -4.34
CA VAL A 33 -22.77 -43.20 -4.17
C VAL A 33 -22.65 -42.54 -2.82
N THR A 34 -21.65 -42.98 -2.04
CA THR A 34 -21.33 -42.38 -0.76
C THR A 34 -19.95 -41.75 -0.87
N VAL A 35 -19.90 -40.42 -0.87
CA VAL A 35 -18.65 -39.67 -0.99
C VAL A 35 -18.17 -39.30 0.40
N THR A 36 -16.90 -39.61 0.69
CA THR A 36 -16.28 -39.27 1.96
C THR A 36 -14.95 -38.57 1.70
N VAL A 37 -14.61 -37.64 2.59
CA VAL A 37 -13.36 -36.89 2.51
C VAL A 37 -12.62 -37.12 3.83
N HIS A 38 -11.48 -37.80 3.75
CA HIS A 38 -10.64 -38.06 4.91
C HIS A 38 -9.34 -37.30 4.79
N ASP A 39 -8.56 -37.33 5.87
CA ASP A 39 -7.26 -36.67 5.91
C ASP A 39 -6.24 -37.53 5.18
N PHE A 40 -4.94 -37.24 5.39
CA PHE A 40 -3.86 -37.93 4.72
C PHE A 40 -2.60 -37.52 5.45
N PRO A 41 -1.65 -38.43 5.70
CA PRO A 41 -1.59 -39.83 5.27
C PRO A 41 -2.50 -40.77 6.04
N GLY A 42 -3.26 -40.25 7.00
CA GLY A 42 -4.21 -41.07 7.74
C GLY A 42 -5.57 -41.13 7.06
N LYS A 43 -6.48 -41.83 7.73
CA LYS A 43 -7.88 -41.88 7.30
C LYS A 43 -8.82 -41.85 8.50
N LYS A 44 -8.34 -41.40 9.66
CA LYS A 44 -9.15 -41.47 10.88
C LYS A 44 -10.29 -40.46 10.85
N LEU A 45 -10.02 -39.25 10.38
CA LEU A 45 -11.00 -38.17 10.42
C LEU A 45 -11.91 -38.22 9.20
N VAL A 46 -13.19 -37.91 9.42
CA VAL A 46 -14.18 -37.80 8.35
C VAL A 46 -14.48 -36.31 8.20
N LEU A 47 -13.89 -35.68 7.19
CA LEU A 47 -14.06 -34.25 7.00
C LEU A 47 -15.41 -33.92 6.39
N SER A 48 -15.91 -34.77 5.51
CA SER A 48 -17.23 -34.59 4.92
C SER A 48 -17.74 -35.93 4.44
N SER A 49 -19.07 -36.09 4.44
CA SER A 49 -19.69 -37.34 4.01
C SER A 49 -21.08 -37.02 3.49
N GLU A 50 -21.21 -36.96 2.16
CA GLU A 50 -22.47 -36.73 1.50
C GLU A 50 -22.87 -37.97 0.70
N LYS A 51 -24.18 -38.15 0.52
CA LYS A 51 -24.72 -39.29 -0.21
C LYS A 51 -25.58 -38.81 -1.36
N THR A 52 -25.60 -39.60 -2.44
CA THR A 52 -26.41 -39.30 -3.61
C THR A 52 -26.61 -40.59 -4.39
N VAL A 53 -27.51 -40.54 -5.36
CA VAL A 53 -27.83 -41.68 -6.22
C VAL A 53 -27.81 -41.22 -7.66
N LEU A 54 -27.08 -41.95 -8.51
CA LEU A 54 -27.01 -41.65 -9.94
C LEU A 54 -28.11 -42.42 -10.64
N THR A 55 -29.23 -41.75 -10.90
CA THR A 55 -30.36 -42.40 -11.55
C THR A 55 -30.15 -42.47 -13.06
N PRO A 56 -30.67 -43.51 -13.71
CA PRO A 56 -30.61 -43.57 -15.18
C PRO A 56 -31.45 -42.50 -15.87
N ALA A 57 -32.35 -41.83 -15.15
CA ALA A 57 -33.10 -40.74 -15.75
C ALA A 57 -32.20 -39.55 -16.07
N THR A 58 -31.22 -39.28 -15.20
CA THR A 58 -30.23 -38.25 -15.44
C THR A 58 -29.01 -38.77 -16.19
N ASN A 59 -29.13 -39.95 -16.80
CA ASN A 59 -28.02 -40.59 -17.53
C ASN A 59 -26.79 -40.80 -16.64
N HIS A 60 -27.04 -41.05 -15.34
CA HIS A 60 -25.98 -41.32 -14.37
C HIS A 60 -24.99 -40.14 -14.30
N MET A 61 -25.54 -38.96 -14.04
CA MET A 61 -24.77 -37.73 -13.98
C MET A 61 -25.26 -36.92 -12.79
N GLY A 62 -24.43 -36.81 -11.76
CA GLY A 62 -24.77 -36.03 -10.58
C GLY A 62 -23.52 -35.49 -9.92
N ASN A 63 -23.73 -34.56 -9.00
CA ASN A 63 -22.62 -33.92 -8.29
C ASN A 63 -22.86 -33.98 -6.79
N VAL A 64 -21.79 -33.73 -6.05
CA VAL A 64 -21.81 -33.69 -4.59
C VAL A 64 -20.93 -32.53 -4.14
N THR A 65 -21.51 -31.60 -3.40
CA THR A 65 -20.80 -30.42 -2.93
C THR A 65 -20.39 -30.63 -1.48
N PHE A 66 -19.09 -30.52 -1.21
CA PHE A 66 -18.54 -30.67 0.13
C PHE A 66 -17.77 -29.41 0.50
N THR A 67 -17.28 -29.38 1.74
CA THR A 67 -16.51 -28.24 2.22
C THR A 67 -15.50 -28.75 3.25
N ILE A 68 -14.22 -28.54 2.96
CA ILE A 68 -13.15 -28.94 3.88
C ILE A 68 -13.11 -27.97 5.05
N PRO A 69 -13.34 -28.44 6.28
CA PRO A 69 -13.27 -27.53 7.43
C PRO A 69 -11.85 -27.07 7.69
N ALA A 70 -11.76 -25.91 8.36
CA ALA A 70 -10.46 -25.27 8.58
C ALA A 70 -10.01 -25.48 10.03
N ASN A 71 -9.93 -26.75 10.41
CA ASN A 71 -9.40 -27.07 11.74
C ASN A 71 -7.94 -26.68 11.86
N ARG A 72 -7.21 -26.67 10.75
CA ARG A 72 -5.81 -26.27 10.74
C ARG A 72 -5.66 -24.78 10.48
N LYS A 78 3.10 -26.89 8.52
CA LYS A 78 4.42 -26.31 8.81
C LYS A 78 4.93 -25.52 7.62
N GLY A 79 5.60 -26.21 6.71
CA GLY A 79 6.11 -25.59 5.50
C GLY A 79 6.02 -26.51 4.30
N ARG A 80 5.23 -27.57 4.41
CA ARG A 80 5.08 -28.57 3.38
C ARG A 80 3.61 -28.75 3.03
N ASN A 81 3.36 -29.46 1.95
CA ASN A 81 2.01 -29.58 1.42
C ASN A 81 1.15 -30.49 2.30
N LYS A 82 -0.15 -30.25 2.29
CA LYS A 82 -1.12 -31.09 2.96
C LYS A 82 -2.09 -31.67 1.93
N PHE A 83 -2.53 -32.89 2.16
CA PHE A 83 -3.39 -33.61 1.24
C PHE A 83 -4.60 -34.16 1.97
N VAL A 84 -5.61 -34.54 1.19
CA VAL A 84 -6.80 -35.21 1.69
C VAL A 84 -7.11 -36.40 0.79
N THR A 85 -7.91 -37.32 1.32
CA THR A 85 -8.33 -38.51 0.60
C THR A 85 -9.80 -38.33 0.18
N VAL A 86 -10.01 -38.08 -1.11
CA VAL A 86 -11.34 -37.99 -1.67
C VAL A 86 -11.74 -39.39 -2.15
N GLN A 87 -12.86 -39.89 -1.63
CA GLN A 87 -13.23 -41.28 -1.83
C GLN A 87 -14.73 -41.37 -2.06
N ALA A 88 -15.13 -41.89 -3.23
CA ALA A 88 -16.52 -42.10 -3.58
C ALA A 88 -16.72 -43.59 -3.86
N THR A 89 -17.62 -44.21 -3.10
CA THR A 89 -17.89 -45.64 -3.20
C THR A 89 -19.17 -45.84 -4.00
N PHE A 90 -19.02 -46.14 -5.29
CA PHE A 90 -20.16 -46.47 -6.15
C PHE A 90 -20.57 -47.92 -5.89
N GLY A 91 -21.73 -48.11 -5.27
CA GLY A 91 -22.14 -49.44 -4.85
C GLY A 91 -21.13 -50.08 -3.94
N THR A 92 -20.38 -51.04 -4.47
CA THR A 92 -19.29 -51.65 -3.72
C THR A 92 -17.91 -51.32 -4.29
N GLN A 93 -17.84 -50.65 -5.43
CA GLN A 93 -16.57 -50.27 -6.02
C GLN A 93 -16.10 -48.94 -5.45
N VAL A 94 -14.86 -48.90 -4.97
CA VAL A 94 -14.29 -47.71 -4.37
C VAL A 94 -13.36 -47.06 -5.39
N VAL A 95 -13.53 -45.76 -5.61
CA VAL A 95 -12.68 -44.98 -6.49
C VAL A 95 -12.19 -43.78 -5.70
N GLU A 96 -10.90 -43.73 -5.40
CA GLU A 96 -10.32 -42.71 -4.54
C GLU A 96 -9.14 -42.03 -5.23
N LYS A 97 -8.85 -40.82 -4.77
CA LYS A 97 -7.77 -40.01 -5.33
C LYS A 97 -7.24 -39.07 -4.25
N VAL A 98 -5.92 -39.04 -4.08
CA VAL A 98 -5.28 -38.13 -3.15
C VAL A 98 -5.13 -36.78 -3.83
N VAL A 99 -5.65 -35.73 -3.20
CA VAL A 99 -5.78 -34.41 -3.82
C VAL A 99 -5.01 -33.39 -2.99
N LEU A 100 -4.24 -32.54 -3.68
CA LEU A 100 -3.50 -31.47 -3.02
C LEU A 100 -4.46 -30.41 -2.50
N VAL A 101 -4.15 -29.86 -1.33
CA VAL A 101 -5.00 -28.88 -0.66
C VAL A 101 -4.17 -27.62 -0.40
N SER A 102 -4.72 -26.46 -0.74
CA SER A 102 -4.10 -25.17 -0.46
C SER A 102 -4.77 -24.53 0.74
N LEU A 103 -3.96 -24.00 1.65
CA LEU A 103 -4.47 -23.36 2.86
C LEU A 103 -4.80 -21.90 2.56
N GLN A 104 -5.92 -21.73 1.84
CA GLN A 104 -6.45 -20.41 1.51
C GLN A 104 -7.94 -20.38 1.86
N SER A 105 -8.36 -19.33 2.56
CA SER A 105 -9.76 -19.14 2.91
C SER A 105 -10.45 -18.14 2.00
N GLY A 106 -9.06 -17.38 0.02
CA GLY A 106 -9.70 -16.42 -0.86
C GLY A 106 -8.69 -15.35 -1.27
N TYR A 107 -9.21 -14.16 -1.52
CA TYR A 107 -8.39 -13.02 -1.92
C TYR A 107 -8.61 -11.87 -0.93
N LEU A 108 -7.60 -11.00 -0.86
CA LEU A 108 -7.67 -9.76 -0.09
C LEU A 108 -7.19 -8.63 -0.98
N PHE A 109 -8.03 -7.60 -1.12
CA PHE A 109 -7.68 -6.42 -1.88
C PHE A 109 -7.66 -5.22 -0.95
N ILE A 110 -6.59 -4.43 -1.02
CA ILE A 110 -6.35 -3.33 -0.11
C ILE A 110 -6.44 -2.03 -0.88
N GLN A 111 -7.28 -1.11 -0.41
CA GLN A 111 -7.45 0.21 -1.01
C GLN A 111 -7.00 1.27 -0.01
N THR A 112 -6.12 2.16 -0.44
CA THR A 112 -5.77 3.34 0.33
C THR A 112 -6.41 4.56 -0.31
N ASP A 113 -6.80 5.52 0.53
CA ASP A 113 -7.46 6.71 0.01
C ASP A 113 -6.54 7.48 -0.92
N LYS A 114 -5.25 7.56 -0.61
CA LYS A 114 -4.27 8.24 -1.44
C LYS A 114 -3.11 7.30 -1.74
N THR A 115 -2.31 7.69 -2.74
CA THR A 115 -1.10 6.97 -3.10
C THR A 115 0.14 7.50 -2.39
N ILE A 116 0.07 8.69 -1.81
CA ILE A 116 1.22 9.31 -1.16
C ILE A 116 0.71 10.10 0.04
N TYR A 117 1.53 10.17 1.09
CA TYR A 117 1.13 10.81 2.35
C TYR A 117 2.30 11.57 2.93
N THR A 118 2.00 12.66 3.65
CA THR A 118 3.02 13.37 4.41
C THR A 118 3.06 12.86 5.84
N PRO A 119 4.20 13.02 6.52
CA PRO A 119 4.24 12.73 7.96
C PRO A 119 3.25 13.61 8.71
N GLY A 120 2.51 12.99 9.62
CA GLY A 120 1.48 13.68 10.36
C GLY A 120 0.07 13.45 9.85
N SER A 121 -0.08 12.92 8.64
CA SER A 121 -1.38 12.69 8.06
C SER A 121 -1.88 11.29 8.40
N THR A 122 -3.12 11.01 8.03
CA THR A 122 -3.79 9.75 8.35
C THR A 122 -3.96 8.92 7.08
N VAL A 123 -3.67 7.63 7.18
CA VAL A 123 -3.89 6.69 6.10
C VAL A 123 -5.22 6.01 6.32
N LEU A 124 -6.21 6.35 5.51
CA LEU A 124 -7.49 5.66 5.50
C LEU A 124 -7.41 4.53 4.49
N TYR A 125 -7.60 3.29 4.95
CA TYR A 125 -7.49 2.15 4.06
C TYR A 125 -8.57 1.13 4.37
N ARG A 126 -9.10 0.52 3.31
CA ARG A 126 -10.10 -0.53 3.40
C ARG A 126 -9.53 -1.84 2.90
N ILE A 127 -10.05 -2.95 3.45
CA ILE A 127 -9.64 -4.27 3.05
C ILE A 127 -10.90 -5.05 2.67
N PHE A 128 -10.93 -5.57 1.44
CA PHE A 128 -12.07 -6.31 0.93
C PHE A 128 -11.79 -7.80 1.04
N THR A 129 -12.64 -8.51 1.77
CA THR A 129 -12.46 -9.93 2.02
C THR A 129 -13.44 -10.72 1.15
N VAL A 130 -12.92 -11.34 0.09
CA VAL A 130 -13.71 -12.17 -0.81
C VAL A 130 -13.07 -13.54 -0.91
N ASN A 131 -13.84 -14.50 -1.42
CA ASN A 131 -13.35 -15.85 -1.64
C ASN A 131 -12.92 -15.99 -3.10
N HIS A 132 -12.75 -17.23 -3.56
CA HIS A 132 -12.26 -17.46 -4.91
C HIS A 132 -13.31 -17.16 -5.97
N LYS A 133 -14.58 -17.02 -5.58
CA LYS A 133 -15.64 -16.57 -6.48
C LYS A 133 -15.85 -15.06 -6.42
N LEU A 134 -14.94 -14.33 -5.78
CA LEU A 134 -15.01 -12.88 -5.58
C LEU A 134 -16.24 -12.45 -4.79
N LEU A 135 -16.88 -13.39 -4.08
CA LEU A 135 -18.02 -13.04 -3.25
C LEU A 135 -17.55 -12.74 -1.83
N PRO A 136 -18.21 -11.80 -1.15
CA PRO A 136 -17.76 -11.42 0.20
C PRO A 136 -17.96 -12.55 1.19
N VAL A 137 -17.02 -12.64 2.13
CA VAL A 137 -17.01 -13.70 3.13
C VAL A 137 -16.75 -13.09 4.51
N GLY A 138 -17.05 -13.88 5.54
CA GLY A 138 -16.78 -13.48 6.90
C GLY A 138 -15.66 -14.30 7.50
N ARG A 139 -14.45 -13.74 7.50
CA ARG A 139 -13.27 -14.42 8.01
C ARG A 139 -12.50 -13.50 8.94
N THR A 140 -11.59 -14.09 9.71
CA THR A 140 -10.68 -13.32 10.56
C THR A 140 -9.45 -12.99 9.74
N VAL A 141 -9.13 -11.69 9.66
CA VAL A 141 -8.07 -11.18 8.82
C VAL A 141 -7.04 -10.49 9.70
N MET A 142 -5.77 -10.79 9.46
CA MET A 142 -4.65 -10.14 10.13
C MET A 142 -4.09 -9.06 9.23
N VAL A 143 -3.86 -7.86 9.78
CA VAL A 143 -3.42 -6.70 9.02
C VAL A 143 -2.17 -6.13 9.67
N ASN A 144 -1.19 -5.77 8.83
CA ASN A 144 0.05 -5.19 9.29
C ASN A 144 0.37 -3.93 8.48
N ILE A 145 0.97 -2.95 9.16
CA ILE A 145 1.53 -1.77 8.51
C ILE A 145 2.99 -1.71 8.91
N GLU A 146 3.89 -1.85 7.92
CA GLU A 146 5.31 -1.89 8.19
C GLU A 146 6.03 -0.76 7.46
N ASN A 147 7.09 -0.28 8.07
CA ASN A 147 7.89 0.82 7.52
C ASN A 147 8.83 0.27 6.45
N PRO A 148 9.58 1.15 5.76
CA PRO A 148 10.56 0.66 4.77
C PRO A 148 11.57 -0.32 5.33
N GLU A 149 11.81 -0.27 6.63
CA GLU A 149 12.75 -1.20 7.28
C GLU A 149 12.13 -2.56 7.57
N GLY A 150 10.86 -2.76 7.21
CA GLY A 150 10.19 -4.02 7.47
C GLY A 150 9.66 -4.18 8.88
N ILE A 151 9.71 -3.14 9.70
CA ILE A 151 9.26 -3.22 11.09
C ILE A 151 7.77 -2.90 11.12
N PRO A 152 6.91 -3.84 11.51
CA PRO A 152 5.47 -3.55 11.59
C PRO A 152 5.17 -2.59 12.72
N VAL A 153 4.64 -1.41 12.36
CA VAL A 153 4.34 -0.38 13.35
C VAL A 153 2.91 -0.47 13.87
N LYS A 154 2.00 -1.12 13.14
CA LYS A 154 0.64 -1.32 13.62
C LYS A 154 0.15 -2.68 13.14
N GLN A 155 -0.46 -3.45 14.06
CA GLN A 155 -1.00 -4.76 13.77
C GLN A 155 -2.43 -4.84 14.26
N ASP A 156 -3.34 -5.28 13.38
CA ASP A 156 -4.75 -5.40 13.70
C ASP A 156 -5.23 -6.83 13.44
N SER A 157 -6.39 -7.14 13.98
CA SER A 157 -7.01 -8.46 13.79
C SER A 157 -8.52 -8.26 13.83
N LEU A 158 -9.15 -8.24 12.66
CA LEU A 158 -10.56 -7.90 12.54
C LEU A 158 -11.38 -9.13 12.17
N SER A 159 -12.69 -9.01 12.37
CA SER A 159 -13.67 -10.02 11.98
C SER A 159 -14.58 -9.38 10.95
N SER A 160 -14.48 -9.83 9.70
CA SER A 160 -15.32 -9.32 8.63
C SER A 160 -16.72 -9.93 8.63
N GLN A 161 -17.07 -10.70 9.66
CA GLN A 161 -18.39 -11.31 9.73
C GLN A 161 -19.46 -10.23 9.86
N ASN A 162 -20.51 -10.34 9.03
CA ASN A 162 -21.60 -9.38 8.97
C ASN A 162 -21.12 -7.97 8.61
N GLN A 163 -19.94 -7.87 8.00
CA GLN A 163 -19.41 -6.61 7.53
C GLN A 163 -19.52 -6.44 6.02
N LEU A 164 -20.15 -7.40 5.34
CA LEU A 164 -20.26 -7.40 3.88
C LEU A 164 -18.88 -7.34 3.22
N GLY A 165 -17.91 -8.00 3.84
CA GLY A 165 -16.57 -8.09 3.27
C GLY A 165 -15.86 -6.78 3.10
N VAL A 166 -16.13 -5.80 3.96
CA VAL A 166 -15.47 -4.49 3.92
C VAL A 166 -14.94 -4.18 5.32
N LEU A 167 -13.62 -4.09 5.44
CA LEU A 167 -12.98 -3.76 6.71
C LEU A 167 -12.36 -2.37 6.63
N PRO A 168 -13.01 -1.34 7.15
CA PRO A 168 -12.42 0.00 7.16
C PRO A 168 -11.42 0.15 8.30
N LEU A 169 -10.29 0.79 8.00
CA LEU A 169 -9.21 0.95 8.96
C LEU A 169 -8.55 2.30 8.74
N SER A 170 -7.73 2.70 9.72
CA SER A 170 -7.00 3.97 9.63
C SER A 170 -5.76 3.90 10.51
N TRP A 171 -4.80 4.76 10.21
CA TRP A 171 -3.57 4.86 10.98
C TRP A 171 -3.01 6.26 10.86
N ASP A 172 -2.61 6.84 11.98
CA ASP A 172 -2.01 8.17 11.99
C ASP A 172 -0.50 8.05 11.84
N ILE A 173 0.04 8.60 10.75
CA ILE A 173 1.48 8.59 10.54
C ILE A 173 2.13 9.58 11.51
N PRO A 174 3.05 9.15 12.36
CA PRO A 174 3.70 10.08 13.28
C PRO A 174 4.56 11.09 12.54
N GLU A 175 4.90 12.17 13.24
CA GLU A 175 5.75 13.20 12.65
C GLU A 175 7.19 12.72 12.49
N LEU A 176 7.73 12.06 13.52
CA LEU A 176 9.06 11.47 13.47
C LEU A 176 8.92 10.09 12.84
N VAL A 177 9.27 9.98 11.56
CA VAL A 177 8.93 8.81 10.77
C VAL A 177 9.87 8.76 9.56
N ASN A 178 10.04 7.56 9.00
CA ASN A 178 10.88 7.35 7.83
C ASN A 178 10.16 7.70 6.55
N MET A 179 10.92 8.14 5.55
CA MET A 179 10.41 8.37 4.21
C MET A 179 10.70 7.16 3.34
N GLY A 180 9.84 6.93 2.35
CA GLY A 180 10.04 5.86 1.42
C GLY A 180 8.76 5.11 1.19
N GLN A 181 8.90 3.85 0.77
CA GLN A 181 7.76 3.01 0.40
C GLN A 181 7.31 2.22 1.61
N TRP A 182 6.12 2.53 2.11
CA TRP A 182 5.50 1.78 3.20
C TRP A 182 4.55 0.73 2.64
N LYS A 183 4.37 -0.34 3.40
CA LYS A 183 3.57 -1.48 2.96
C LYS A 183 2.39 -1.69 3.91
N ILE A 184 1.28 -2.11 3.34
CA ILE A 184 0.14 -2.63 4.11
C ILE A 184 0.01 -4.09 3.72
N ARG A 185 0.23 -4.99 4.68
CA ARG A 185 0.22 -6.42 4.43
C ARG A 185 -0.92 -7.07 5.19
N ALA A 186 -1.66 -7.93 4.52
CA ALA A 186 -2.81 -8.61 5.11
C ALA A 186 -2.83 -10.05 4.67
N TYR A 187 -3.39 -10.90 5.52
CA TYR A 187 -3.53 -12.32 5.20
C TYR A 187 -4.64 -12.90 6.06
N TYR A 188 -5.21 -14.00 5.58
CA TYR A 188 -6.24 -14.68 6.35
C TYR A 188 -5.61 -15.47 7.50
N GLU A 189 -6.36 -15.57 8.60
CA GLU A 189 -5.87 -16.33 9.73
C GLU A 189 -5.78 -17.82 9.41
N ASN A 190 -6.72 -18.33 8.63
CA ASN A 190 -6.74 -19.75 8.30
C ASN A 190 -5.70 -20.11 7.25
N SER A 191 -5.30 -19.15 6.40
CA SER A 191 -4.29 -19.36 5.38
C SER A 191 -3.24 -18.26 5.50
N PRO A 192 -2.35 -18.36 6.49
CA PRO A 192 -1.36 -17.29 6.71
C PRO A 192 -0.20 -17.31 5.74
N GLN A 193 -0.13 -18.30 4.85
CA GLN A 193 0.96 -18.37 3.87
C GLN A 193 0.69 -17.56 2.61
N GLN A 194 -0.53 -17.06 2.44
CA GLN A 194 -0.90 -16.23 1.29
C GLN A 194 -1.09 -14.80 1.79
N VAL A 195 -0.12 -13.93 1.48
CA VAL A 195 -0.11 -12.56 1.96
C VAL A 195 -0.38 -11.62 0.79
N PHE A 196 -1.26 -10.64 1.00
CA PHE A 196 -1.57 -9.62 0.01
C PHE A 196 -1.05 -8.28 0.50
N SER A 197 -0.46 -7.50 -0.41
CA SER A 197 0.24 -6.29 -0.03
C SER A 197 -0.08 -5.15 -1.00
N THR A 198 0.03 -3.93 -0.49
CA THR A 198 -0.01 -2.72 -1.30
C THR A 198 0.95 -1.71 -0.69
N GLU A 199 1.39 -0.76 -1.52
CA GLU A 199 2.36 0.24 -1.11
C GLU A 199 1.74 1.63 -1.10
N PHE A 200 2.29 2.49 -0.25
CA PHE A 200 1.99 3.91 -0.29
C PHE A 200 3.24 4.67 0.10
N GLU A 201 3.55 5.73 -0.65
CA GLU A 201 4.76 6.50 -0.41
C GLU A 201 4.54 7.50 0.71
N VAL A 202 5.55 7.65 1.57
CA VAL A 202 5.58 8.68 2.60
C VAL A 202 6.65 9.69 2.20
N LYS A 203 6.25 10.93 2.01
CA LYS A 203 7.13 11.96 1.48
C LYS A 203 6.63 13.32 1.93
N GLU A 204 7.55 14.28 2.01
CA GLU A 204 7.21 15.67 2.29
C GLU A 204 6.95 16.38 0.97
N TYR A 205 5.76 16.93 0.80
CA TYR A 205 5.37 17.52 -0.47
C TYR A 205 4.25 18.53 -0.24
N VAL A 206 3.95 19.30 -1.29
CA VAL A 206 2.71 20.04 -1.43
C VAL A 206 2.14 19.71 -2.80
N LEU A 207 0.91 19.96 -2.79
CA LEU A 207 0.26 19.56 -4.03
C LEU A 207 0.62 20.53 -5.14
N PRO A 208 1.02 20.04 -6.32
CA PRO A 208 1.27 20.95 -7.44
C PRO A 208 -0.04 21.49 -7.99
N SER A 209 0.08 22.52 -8.83
CA SER A 209 -1.08 23.17 -9.43
C SER A 209 -1.36 22.70 -10.86
N PHE A 210 -0.45 21.93 -11.47
CA PHE A 210 -0.67 21.44 -12.82
C PHE A 210 0.00 20.08 -12.96
N GLU A 211 -0.41 19.35 -13.99
CA GLU A 211 0.15 18.03 -14.30
C GLU A 211 0.93 18.09 -15.60
N VAL A 212 1.88 17.16 -15.73
CA VAL A 212 2.72 17.06 -16.91
C VAL A 212 2.57 15.66 -17.48
N ILE A 213 2.33 15.58 -18.79
CA ILE A 213 2.18 14.31 -19.50
C ILE A 213 3.30 14.20 -20.51
N VAL A 214 4.07 13.13 -20.41
CA VAL A 214 5.19 12.87 -21.30
C VAL A 214 4.75 11.74 -22.22
N GLU A 215 4.39 12.08 -23.45
CA GLU A 215 3.78 11.12 -24.37
C GLU A 215 4.60 11.01 -25.65
N PRO A 216 5.25 9.87 -25.89
CA PRO A 216 5.94 9.68 -27.17
C PRO A 216 4.95 9.46 -28.30
N THR A 217 5.36 9.83 -29.50
CA THR A 217 4.48 9.70 -30.66
C THR A 217 4.12 8.24 -30.92
N GLU A 218 5.00 7.32 -30.54
CA GLU A 218 4.70 5.89 -30.56
C GLU A 218 5.11 5.30 -29.22
N LYS A 219 4.40 4.24 -28.81
CA LYS A 219 4.64 3.62 -27.51
C LYS A 219 5.80 2.63 -27.60
N PHE A 220 6.75 2.91 -28.49
CA PHE A 220 7.97 2.12 -28.63
C PHE A 220 8.95 2.95 -29.45
N TYR A 221 10.14 2.39 -29.69
CA TYR A 221 11.11 3.01 -30.59
C TYR A 221 11.64 1.98 -31.56
N TYR A 222 11.41 2.22 -32.86
CA TYR A 222 11.95 1.35 -33.90
C TYR A 222 13.44 1.65 -34.08
N ILE A 223 14.28 0.63 -33.87
CA ILE A 223 15.72 0.84 -33.80
C ILE A 223 16.27 1.42 -35.10
N TYR A 224 15.59 1.17 -36.22
CA TYR A 224 16.04 1.69 -37.51
C TYR A 224 15.32 2.97 -37.91
N ASN A 225 14.57 3.58 -36.99
CA ASN A 225 13.90 4.85 -37.27
C ASN A 225 14.93 5.97 -37.20
N GLU A 226 15.18 6.63 -38.32
CA GLU A 226 16.16 7.70 -38.37
C GLU A 226 15.65 8.97 -37.71
N LYS A 227 14.32 9.11 -37.56
CA LYS A 227 13.76 10.29 -36.93
C LYS A 227 14.02 10.34 -35.43
N GLY A 228 14.50 9.24 -34.83
CA GLY A 228 14.68 9.21 -33.40
C GLY A 228 13.35 9.08 -32.67
N LEU A 229 13.43 9.18 -31.35
CA LEU A 229 12.26 9.08 -30.49
C LEU A 229 11.67 10.47 -30.29
N GLU A 230 10.51 10.70 -30.91
CA GLU A 230 9.81 11.97 -30.79
C GLU A 230 8.83 11.91 -29.61
N VAL A 231 8.87 12.95 -28.77
CA VAL A 231 8.07 13.01 -27.55
C VAL A 231 7.35 14.34 -27.51
N THR A 232 6.10 14.32 -27.06
CA THR A 232 5.31 15.52 -26.88
C THR A 232 5.09 15.75 -25.40
N ILE A 233 5.52 16.91 -24.91
CA ILE A 233 5.34 17.27 -23.50
C ILE A 233 4.06 18.08 -23.39
N THR A 234 3.14 17.63 -22.55
CA THR A 234 1.85 18.27 -22.36
C THR A 234 1.69 18.67 -20.89
N ALA A 235 1.40 19.95 -20.66
CA ALA A 235 1.24 20.47 -19.32
C ALA A 235 -0.03 21.30 -19.26
N ARG A 236 -0.89 21.00 -18.29
CA ARG A 236 -2.11 21.77 -18.09
C ARG A 236 -2.45 21.75 -16.61
N PHE A 237 -3.17 22.78 -16.17
CA PHE A 237 -3.55 22.89 -14.78
C PHE A 237 -4.57 21.80 -14.41
N LEU A 238 -4.67 21.54 -13.10
CA LEU A 238 -5.55 20.49 -12.63
C LEU A 238 -7.01 20.79 -12.94
N TYR A 239 -7.37 22.07 -13.04
CA TYR A 239 -8.76 22.46 -13.31
C TYR A 239 -9.06 22.58 -14.79
N GLY A 240 -8.10 22.29 -15.66
CA GLY A 240 -8.37 22.21 -17.09
C GLY A 240 -8.04 23.46 -17.87
N LYS A 241 -6.83 23.98 -17.68
CA LYS A 241 -6.36 25.15 -18.41
C LYS A 241 -4.92 24.92 -18.83
N LYS A 242 -4.55 25.44 -20.00
CA LYS A 242 -3.24 25.18 -20.55
C LYS A 242 -2.16 25.97 -19.80
N VAL A 243 -0.96 25.39 -19.77
CA VAL A 243 0.16 25.90 -19.00
C VAL A 243 1.16 26.54 -19.96
N GLU A 244 1.72 27.69 -19.55
CA GLU A 244 2.82 28.33 -20.25
C GLU A 244 4.07 28.22 -19.39
N GLY A 245 5.16 27.74 -19.98
CA GLY A 245 6.39 27.64 -19.23
C GLY A 245 7.52 27.08 -20.07
N THR A 246 8.50 26.51 -19.37
CA THR A 246 9.69 25.93 -19.98
C THR A 246 9.84 24.50 -19.49
N ALA A 247 10.28 23.61 -20.39
CA ALA A 247 10.45 22.21 -20.06
C ALA A 247 11.91 21.81 -20.20
N PHE A 248 12.40 21.05 -19.23
CA PHE A 248 13.73 20.46 -19.26
C PHE A 248 13.55 18.95 -19.44
N VAL A 249 13.86 18.46 -20.64
CA VAL A 249 13.64 17.06 -21.00
C VAL A 249 14.99 16.40 -21.20
N ILE A 250 15.17 15.23 -20.57
CA ILE A 250 16.38 14.43 -20.72
C ILE A 250 15.99 12.98 -20.90
N PHE A 251 16.73 12.26 -21.73
CA PHE A 251 16.44 10.88 -22.06
C PHE A 251 17.46 9.95 -21.41
N GLY A 252 17.11 8.66 -21.40
CA GLY A 252 18.00 7.65 -20.86
C GLY A 252 17.59 6.29 -21.35
N ILE A 253 18.54 5.36 -21.28
CA ILE A 253 18.32 3.98 -21.70
C ILE A 253 18.38 3.08 -20.47
N GLN A 254 17.53 2.06 -20.44
CA GLN A 254 17.40 1.18 -19.28
C GLN A 254 17.54 -0.26 -19.77
N ASP A 255 18.61 -0.93 -19.34
CA ASP A 255 18.82 -2.35 -19.63
C ASP A 255 18.54 -3.13 -18.35
N GLY A 256 17.40 -3.79 -18.31
CA GLY A 256 16.98 -4.48 -17.11
C GLY A 256 16.65 -3.52 -15.98
N GLU A 257 17.53 -3.44 -14.98
CA GLU A 257 17.35 -2.53 -13.87
C GLU A 257 18.49 -1.53 -13.74
N GLN A 258 19.37 -1.44 -14.73
CA GLN A 258 20.41 -0.43 -14.77
C GLN A 258 19.95 0.72 -15.67
N ARG A 259 19.89 1.91 -15.11
CA ARG A 259 19.52 3.11 -15.86
C ARG A 259 20.77 3.90 -16.22
N ILE A 260 20.89 4.24 -17.49
CA ILE A 260 22.03 5.00 -18.01
C ILE A 260 21.48 6.28 -18.63
N SER A 261 21.69 7.39 -17.95
CA SER A 261 21.21 8.67 -18.48
C SER A 261 22.07 9.13 -19.65
N LEU A 262 21.44 9.82 -20.59
CA LEU A 262 22.11 10.37 -21.76
C LEU A 262 22.24 11.88 -21.58
N PRO A 263 23.37 12.37 -21.06
CA PRO A 263 23.47 13.81 -20.79
C PRO A 263 23.44 14.66 -22.06
N GLU A 264 23.85 14.10 -23.20
CA GLU A 264 23.79 14.85 -24.45
C GLU A 264 22.35 15.06 -24.93
N SER A 265 21.40 14.31 -24.41
CA SER A 265 20.01 14.43 -24.83
C SER A 265 19.25 15.51 -24.06
N LEU A 266 19.90 16.20 -23.12
CA LEU A 266 19.23 17.23 -22.35
C LEU A 266 18.83 18.39 -23.26
N LYS A 267 17.54 18.63 -23.40
CA LYS A 267 17.01 19.72 -24.19
C LYS A 267 16.14 20.61 -23.32
N ARG A 268 16.14 21.91 -23.61
CA ARG A 268 15.31 22.88 -22.93
C ARG A 268 14.35 23.46 -23.96
N ILE A 269 13.10 23.02 -23.91
CA ILE A 269 12.10 23.42 -24.92
C ILE A 269 11.06 24.31 -24.27
N PRO A 270 10.49 25.26 -24.99
CA PRO A 270 9.40 26.05 -24.44
C PRO A 270 8.07 25.30 -24.50
N ILE A 271 7.24 25.57 -23.50
CA ILE A 271 5.90 24.98 -23.42
C ILE A 271 4.94 26.11 -23.79
N GLU A 272 4.56 26.14 -25.06
CA GLU A 272 3.65 27.15 -25.59
C GLU A 272 2.28 26.53 -25.81
N ASP A 273 1.25 27.18 -25.24
CA ASP A 273 -0.13 26.71 -25.33
C ASP A 273 -0.28 25.30 -24.77
N GLY A 274 0.43 25.03 -23.67
CA GLY A 274 0.32 23.77 -22.97
C GLY A 274 1.02 22.60 -23.61
N SER A 275 1.73 22.81 -24.72
CA SER A 275 2.36 21.71 -25.45
C SER A 275 3.79 22.06 -25.83
N GLY A 276 4.60 21.03 -25.98
CA GLY A 276 5.96 21.18 -26.48
C GLY A 276 6.47 19.85 -26.94
N GLU A 277 7.37 19.89 -27.93
CA GLU A 277 7.90 18.67 -28.52
C GLU A 277 9.43 18.66 -28.41
N VAL A 278 9.98 17.45 -28.35
CA VAL A 278 11.41 17.26 -28.18
C VAL A 278 11.76 15.89 -28.74
N VAL A 279 12.94 15.78 -29.32
CA VAL A 279 13.37 14.57 -30.02
C VAL A 279 14.68 14.07 -29.42
N LEU A 280 14.77 12.76 -29.20
CA LEU A 280 16.02 12.09 -28.93
C LEU A 280 16.54 11.53 -30.25
N SER A 281 17.59 12.16 -30.78
CA SER A 281 18.09 11.74 -32.08
C SER A 281 18.74 10.36 -31.98
N ARG A 282 18.80 9.68 -33.13
CA ARG A 282 19.38 8.35 -33.16
C ARG A 282 20.88 8.38 -32.93
N LYS A 283 21.55 9.48 -33.32
CA LYS A 283 22.99 9.58 -33.11
C LYS A 283 23.32 9.80 -31.64
N VAL A 284 22.54 10.64 -30.95
CA VAL A 284 22.78 10.86 -29.52
C VAL A 284 22.58 9.58 -28.74
N LEU A 285 21.56 8.79 -29.09
CA LEU A 285 21.33 7.52 -28.42
C LEU A 285 22.51 6.59 -28.61
N LEU A 286 22.98 6.45 -29.85
CA LEU A 286 24.09 5.54 -30.12
C LEU A 286 25.39 6.05 -29.51
N ASP A 287 25.63 7.37 -29.57
CA ASP A 287 26.84 7.93 -28.99
C ASP A 287 26.84 7.78 -27.48
N GLY A 288 25.69 7.98 -26.83
CA GLY A 288 25.61 7.89 -25.39
C GLY A 288 25.75 6.49 -24.83
N VAL A 289 25.49 5.46 -25.64
CA VAL A 289 25.59 4.09 -25.18
C VAL A 289 26.84 3.46 -25.78
N GLN A 290 27.82 4.31 -26.08
CA GLN A 290 29.18 3.89 -26.42
C GLN A 290 29.27 3.22 -27.79
N ASN A 291 28.52 3.77 -28.77
CA ASN A 291 28.53 3.38 -30.17
C ASN A 291 28.60 1.87 -30.40
N PRO A 292 27.57 1.11 -30.02
CA PRO A 292 27.58 -0.32 -30.32
C PRO A 292 26.89 -0.61 -31.64
N ARG A 293 26.81 -1.88 -32.02
CA ARG A 293 25.96 -2.24 -33.14
C ARG A 293 24.50 -2.06 -32.72
N ALA A 294 23.72 -1.40 -33.57
CA ALA A 294 22.36 -0.99 -33.19
C ALA A 294 21.48 -2.16 -32.78
N GLU A 295 21.81 -3.38 -33.22
CA GLU A 295 21.02 -4.54 -32.84
C GLU A 295 21.19 -4.90 -31.37
N ASP A 296 22.25 -4.45 -30.73
CA ASP A 296 22.46 -4.74 -29.31
C ASP A 296 21.46 -3.98 -28.44
N LEU A 297 20.97 -2.83 -28.90
CA LEU A 297 20.00 -2.07 -28.13
C LEU A 297 18.61 -2.67 -28.18
N VAL A 298 18.35 -3.59 -29.10
CA VAL A 298 17.04 -4.23 -29.18
C VAL A 298 16.82 -5.07 -27.93
N GLY A 299 15.68 -4.88 -27.28
CA GLY A 299 15.34 -5.52 -26.04
C GLY A 299 15.45 -4.61 -24.83
N LYS A 300 16.25 -3.56 -24.94
CA LYS A 300 16.34 -2.55 -23.91
C LYS A 300 15.20 -1.54 -24.09
N SER A 301 15.00 -0.72 -23.05
CA SER A 301 13.93 0.27 -23.06
C SER A 301 14.52 1.67 -22.93
N LEU A 302 13.70 2.65 -23.25
CA LEU A 302 14.03 4.06 -23.13
C LEU A 302 13.11 4.73 -22.15
N TYR A 303 13.64 5.66 -21.36
CA TYR A 303 12.83 6.46 -20.45
C TYR A 303 13.03 7.94 -20.74
N VAL A 304 12.00 8.73 -20.45
CA VAL A 304 12.00 10.17 -20.71
C VAL A 304 11.64 10.86 -19.40
N SER A 305 12.44 11.85 -19.03
CA SER A 305 12.20 12.64 -17.82
C SER A 305 12.05 14.10 -18.21
N ALA A 306 10.90 14.68 -17.90
CA ALA A 306 10.60 16.07 -18.22
C ALA A 306 10.33 16.85 -16.95
N THR A 307 10.85 18.07 -16.90
CA THR A 307 10.63 18.98 -15.78
C THR A 307 10.11 20.30 -16.34
N VAL A 308 8.88 20.64 -16.02
CA VAL A 308 8.21 21.83 -16.55
C VAL A 308 8.14 22.87 -15.44
N ILE A 309 8.57 24.09 -15.75
CA ILE A 309 8.58 25.20 -14.80
C ILE A 309 7.73 26.32 -15.38
N LEU A 310 6.78 26.82 -14.58
CA LEU A 310 6.00 27.98 -15.00
C LEU A 310 6.90 29.18 -15.19
N HIS A 311 6.50 30.06 -16.12
CA HIS A 311 7.29 31.25 -16.39
C HIS A 311 7.37 32.15 -15.17
N SER A 312 6.39 32.07 -14.27
CA SER A 312 6.45 32.81 -13.01
C SER A 312 7.40 32.18 -12.02
N GLY A 313 7.75 30.90 -12.21
CA GLY A 313 8.61 30.20 -11.27
C GLY A 313 7.95 29.82 -9.97
N SER A 314 6.64 30.05 -9.84
CA SER A 314 5.94 29.77 -8.59
C SER A 314 5.66 28.30 -8.38
N ASP A 315 5.68 27.49 -9.45
CA ASP A 315 5.43 26.07 -9.31
C ASP A 315 6.13 25.33 -10.43
N MET A 316 6.53 24.08 -10.15
CA MET A 316 7.17 23.23 -11.13
C MET A 316 6.78 21.78 -10.86
N VAL A 317 6.84 20.96 -11.91
CA VAL A 317 6.38 19.57 -11.85
C VAL A 317 7.34 18.71 -12.65
N GLN A 318 7.72 17.57 -12.08
CA GLN A 318 8.52 16.58 -12.76
C GLN A 318 7.65 15.40 -13.16
N ALA A 319 7.83 14.92 -14.39
CA ALA A 319 7.12 13.76 -14.87
C ALA A 319 8.09 12.84 -15.60
N GLU A 320 7.78 11.55 -15.62
CA GLU A 320 8.63 10.58 -16.27
C GLU A 320 7.79 9.54 -17.00
N ARG A 321 8.18 9.24 -18.24
CA ARG A 321 7.61 8.14 -19.02
C ARG A 321 8.72 7.14 -19.27
N SER A 322 8.63 5.96 -18.66
CA SER A 322 9.64 4.93 -18.78
C SER A 322 9.05 3.70 -19.48
N GLY A 323 9.91 2.73 -19.76
CA GLY A 323 9.45 1.50 -20.38
C GLY A 323 9.11 1.61 -21.85
N ILE A 324 9.81 2.47 -22.59
CA ILE A 324 9.62 2.60 -24.03
C ILE A 324 10.57 1.61 -24.70
N PRO A 325 10.08 0.46 -25.15
CA PRO A 325 10.98 -0.59 -25.62
C PRO A 325 11.55 -0.29 -27.00
N ILE A 326 12.77 -0.79 -27.21
CA ILE A 326 13.46 -0.68 -28.48
C ILE A 326 13.22 -1.99 -29.24
N VAL A 327 12.58 -1.89 -30.40
CA VAL A 327 12.10 -3.07 -31.11
C VAL A 327 12.45 -2.98 -32.58
N THR A 328 12.53 -4.15 -33.22
CA THR A 328 12.64 -4.25 -34.67
C THR A 328 11.29 -4.51 -35.33
N SER A 329 10.22 -4.60 -34.54
CA SER A 329 8.89 -4.87 -35.03
C SER A 329 7.90 -4.30 -34.01
N PRO A 330 7.06 -2.80 -34.82
CA PRO A 330 5.98 -2.29 -33.97
C PRO A 330 5.04 -3.34 -33.43
N TYR A 331 5.34 -4.63 -33.60
CA TYR A 331 4.44 -5.70 -33.20
C TYR A 331 5.21 -6.82 -32.54
N GLN A 332 4.56 -7.48 -31.58
CA GLN A 332 5.08 -8.68 -30.94
C GLN A 332 4.06 -9.81 -31.11
N ILE A 333 4.56 -11.00 -31.43
CA ILE A 333 3.72 -12.18 -31.61
C ILE A 333 3.92 -13.11 -30.43
N HIS A 334 2.82 -13.56 -29.84
CA HIS A 334 2.86 -14.44 -28.67
C HIS A 334 1.97 -15.66 -28.94
N PHE A 335 2.47 -16.83 -28.57
CA PHE A 335 1.68 -18.06 -28.62
C PHE A 335 1.21 -18.49 -27.23
N THR A 336 1.10 -17.55 -26.30
CA THR A 336 0.71 -17.87 -24.93
C THR A 336 -0.74 -18.32 -24.83
N LYS A 337 -1.55 -18.08 -25.85
CA LYS A 337 -2.95 -18.52 -25.88
C LYS A 337 -3.17 -19.72 -26.79
N THR A 338 -2.11 -20.27 -27.39
CA THR A 338 -2.22 -21.40 -28.31
C THR A 338 -1.84 -22.69 -27.61
N PRO A 339 -2.60 -23.76 -27.78
CA PRO A 339 -2.19 -25.05 -27.23
C PRO A 339 -0.85 -25.50 -27.79
N LYS A 340 -0.07 -26.18 -26.94
CA LYS A 340 1.24 -26.67 -27.33
C LYS A 340 1.22 -28.14 -27.71
N TYR A 341 0.06 -28.76 -27.77
CA TYR A 341 -0.10 -30.13 -28.21
C TYR A 341 -1.18 -30.21 -29.27
N PHE A 342 -0.98 -31.08 -30.26
CA PHE A 342 -1.92 -31.25 -31.36
C PHE A 342 -2.27 -32.72 -31.49
N LYS A 343 -3.33 -32.99 -32.26
CA LYS A 343 -3.78 -34.34 -32.53
C LYS A 343 -3.52 -34.68 -33.99
N PRO A 344 -2.68 -35.67 -34.27
CA PRO A 344 -2.31 -35.97 -35.66
C PRO A 344 -3.52 -36.35 -36.50
N GLY A 345 -3.64 -35.72 -37.67
CA GLY A 345 -4.74 -35.96 -38.56
C GLY A 345 -5.91 -35.01 -38.42
N MET A 346 -5.96 -34.25 -37.32
CA MET A 346 -7.05 -33.33 -37.07
C MET A 346 -6.55 -31.88 -37.13
N PRO A 347 -7.42 -30.92 -37.46
CA PRO A 347 -6.96 -29.54 -37.60
C PRO A 347 -6.49 -28.96 -36.28
N PHE A 348 -5.44 -28.13 -36.37
CA PHE A 348 -4.85 -27.47 -35.21
C PHE A 348 -5.16 -25.98 -35.29
N ASP A 349 -5.75 -25.44 -34.23
CA ASP A 349 -6.22 -24.06 -34.19
C ASP A 349 -5.17 -23.19 -33.49
N LEU A 350 -4.46 -22.39 -34.26
CA LEU A 350 -3.50 -21.43 -33.70
C LEU A 350 -4.23 -20.21 -33.16
N MET A 351 -3.82 -19.77 -31.97
CA MET A 351 -4.36 -18.56 -31.35
C MET A 351 -3.22 -17.55 -31.28
N VAL A 352 -2.99 -16.86 -32.39
CA VAL A 352 -1.90 -15.90 -32.47
C VAL A 352 -2.32 -14.60 -31.80
N PHE A 353 -1.58 -14.20 -30.77
CA PHE A 353 -1.83 -12.99 -30.02
C PHE A 353 -0.78 -11.94 -30.39
N VAL A 354 -1.23 -10.83 -30.96
CA VAL A 354 -0.34 -9.76 -31.44
C VAL A 354 -0.55 -8.55 -30.54
N THR A 355 0.56 -7.99 -30.05
CA THR A 355 0.52 -6.83 -29.17
C THR A 355 1.36 -5.69 -29.75
N ASN A 356 1.02 -4.48 -29.35
CA ASN A 356 1.88 -3.34 -29.56
C ASN A 356 3.05 -3.40 -28.59
N PRO A 357 4.13 -2.66 -28.83
CA PRO A 357 5.31 -2.76 -27.95
C PRO A 357 5.03 -2.43 -26.49
N ASP A 358 3.95 -1.70 -26.18
CA ASP A 358 3.61 -1.40 -24.80
C ASP A 358 2.75 -2.48 -24.15
N GLY A 359 2.45 -3.56 -24.87
CA GLY A 359 1.67 -4.66 -24.33
C GLY A 359 0.19 -4.64 -24.67
N SER A 360 -0.32 -3.53 -25.18
CA SER A 360 -1.73 -3.45 -25.54
C SER A 360 -2.01 -4.29 -26.78
N PRO A 361 -3.21 -4.85 -26.89
CA PRO A 361 -3.53 -5.68 -28.06
C PRO A 361 -3.65 -4.83 -29.33
N ALA A 362 -3.07 -5.35 -30.41
CA ALA A 362 -3.10 -4.66 -31.70
C ALA A 362 -4.31 -5.09 -32.51
N TYR A 363 -4.94 -4.13 -33.17
CA TYR A 363 -6.17 -4.35 -33.92
C TYR A 363 -5.89 -4.36 -35.41
N ARG A 364 -6.51 -5.33 -36.11
CA ARG A 364 -6.45 -5.43 -37.57
C ARG A 364 -5.01 -5.56 -38.07
N VAL A 365 -4.31 -6.56 -37.55
CA VAL A 365 -2.95 -6.87 -37.97
C VAL A 365 -2.98 -8.23 -38.65
N PRO A 366 -2.77 -8.29 -39.97
CA PRO A 366 -2.80 -9.60 -40.66
C PRO A 366 -1.60 -10.45 -40.30
N VAL A 367 -1.86 -11.71 -39.99
CA VAL A 367 -0.81 -12.68 -39.68
C VAL A 367 -0.99 -13.89 -40.59
N ALA A 368 0.12 -14.59 -40.84
CA ALA A 368 0.10 -15.74 -41.72
C ALA A 368 1.20 -16.70 -41.32
N VAL A 369 0.98 -17.99 -41.61
CA VAL A 369 1.95 -19.03 -41.34
C VAL A 369 2.89 -19.16 -42.53
N GLN A 370 4.19 -19.24 -42.25
CA GLN A 370 5.15 -19.43 -43.34
C GLN A 370 5.02 -20.81 -43.93
N GLY A 371 5.35 -20.91 -45.22
CA GLY A 371 5.23 -22.17 -45.95
C GLY A 371 3.86 -22.43 -46.53
N GLU A 372 2.84 -21.73 -46.07
CA GLU A 372 1.47 -21.89 -46.58
C GLU A 372 1.09 -20.75 -47.53
N GLU A 373 1.15 -19.51 -47.05
CA GLU A 373 0.82 -18.31 -47.84
C GLU A 373 -0.63 -18.33 -48.29
N THR A 374 -1.39 -19.33 -47.86
CA THR A 374 -2.81 -19.44 -48.19
C THR A 374 -3.72 -19.33 -46.97
N VAL A 375 -3.19 -19.49 -45.77
CA VAL A 375 -3.94 -19.33 -44.52
C VAL A 375 -3.48 -18.03 -43.90
N GLN A 376 -4.32 -16.99 -43.97
CA GLN A 376 -4.00 -15.67 -43.44
C GLN A 376 -5.24 -15.11 -42.77
N SER A 377 -5.11 -14.76 -41.50
CA SER A 377 -6.21 -14.23 -40.70
C SER A 377 -5.92 -12.80 -40.28
N LEU A 378 -6.83 -12.24 -39.50
CA LEU A 378 -6.77 -10.86 -39.04
C LEU A 378 -7.08 -10.84 -37.55
N THR A 379 -6.35 -10.03 -36.80
CA THR A 379 -6.52 -9.96 -35.36
C THR A 379 -7.77 -9.15 -35.02
N GLN A 380 -8.55 -9.66 -34.07
CA GLN A 380 -9.77 -8.99 -33.63
C GLN A 380 -9.41 -7.91 -32.62
N GLY A 381 -10.43 -7.36 -31.94
CA GLY A 381 -10.19 -6.35 -30.93
C GLY A 381 -9.40 -6.83 -29.74
N ASP A 382 -9.47 -8.13 -29.43
CA ASP A 382 -8.71 -8.72 -28.34
C ASP A 382 -7.26 -9.00 -28.72
N GLY A 383 -6.86 -8.69 -29.94
CA GLY A 383 -5.52 -8.94 -30.41
C GLY A 383 -5.25 -10.36 -30.88
N VAL A 384 -6.26 -11.22 -30.90
CA VAL A 384 -6.08 -12.63 -31.23
C VAL A 384 -6.62 -12.88 -32.64
N ALA A 385 -5.90 -13.71 -33.39
CA ALA A 385 -6.33 -14.17 -34.71
C ALA A 385 -6.25 -15.68 -34.74
N LYS A 386 -7.30 -16.32 -35.24
CA LYS A 386 -7.35 -17.77 -35.31
C LYS A 386 -6.80 -18.25 -36.65
N LEU A 387 -5.99 -19.31 -36.60
CA LEU A 387 -5.36 -19.88 -37.79
C LEU A 387 -5.48 -21.40 -37.71
N SER A 388 -6.51 -21.95 -38.35
CA SER A 388 -6.68 -23.39 -38.40
C SER A 388 -5.86 -23.97 -39.54
N ILE A 389 -4.95 -24.88 -39.22
CA ILE A 389 -4.10 -25.53 -40.21
C ILE A 389 -4.26 -27.05 -40.08
N ASN A 390 -4.33 -27.73 -41.21
CA ASN A 390 -4.46 -29.19 -41.22
C ASN A 390 -3.11 -29.84 -40.95
N THR A 391 -3.13 -30.88 -40.12
CA THR A 391 -1.92 -31.58 -39.71
C THR A 391 -1.94 -33.00 -40.23
N HIS A 392 -0.76 -33.51 -40.60
CA HIS A 392 -0.65 -34.87 -41.08
C HIS A 392 -0.92 -35.86 -39.94
N PRO A 393 -1.53 -37.00 -40.24
CA PRO A 393 -1.62 -38.06 -39.23
C PRO A 393 -0.27 -38.72 -38.99
N SER A 394 0.59 -38.02 -38.25
CA SER A 394 1.96 -38.46 -38.04
C SER A 394 2.41 -38.03 -36.65
N GLN A 395 3.39 -38.75 -36.11
CA GLN A 395 3.94 -38.48 -34.79
C GLN A 395 5.09 -37.47 -34.82
N LYS A 396 5.21 -36.70 -35.90
CA LYS A 396 6.27 -35.72 -35.99
C LYS A 396 5.90 -34.45 -35.22
N PRO A 397 6.90 -33.74 -34.69
CA PRO A 397 6.63 -32.44 -34.09
C PRO A 397 6.19 -31.43 -35.14
N LEU A 398 5.36 -30.49 -34.73
CA LEU A 398 4.77 -29.49 -35.61
C LEU A 398 5.40 -28.13 -35.31
N SER A 399 6.38 -27.74 -36.12
CA SER A 399 7.05 -26.45 -35.96
C SER A 399 6.31 -25.41 -36.79
N ILE A 400 5.86 -24.34 -36.14
CA ILE A 400 5.04 -23.31 -36.77
C ILE A 400 5.69 -21.95 -36.57
N THR A 401 5.87 -21.22 -37.66
CA THR A 401 6.38 -19.85 -37.63
C THR A 401 5.34 -18.92 -38.23
N VAL A 402 4.88 -17.97 -37.42
CA VAL A 402 3.86 -17.00 -37.82
C VAL A 402 4.52 -15.63 -37.96
N ARG A 403 4.21 -14.94 -39.05
CA ARG A 403 4.73 -13.61 -39.32
C ARG A 403 3.58 -12.66 -39.66
N THR A 404 3.77 -11.39 -39.32
CA THR A 404 2.81 -10.36 -39.69
C THR A 404 2.99 -9.97 -41.15
N LYS A 405 1.90 -9.56 -41.78
CA LYS A 405 1.89 -9.17 -43.20
C LYS A 405 1.26 -7.78 -43.35
N LYS A 406 1.74 -6.82 -42.56
CA LYS A 406 1.21 -5.47 -42.61
C LYS A 406 1.58 -4.81 -43.93
N GLN A 407 0.60 -4.17 -44.57
CA GLN A 407 0.81 -3.62 -45.90
C GLN A 407 1.79 -2.44 -45.87
N GLU A 408 1.53 -1.46 -45.01
CA GLU A 408 2.34 -0.25 -44.93
C GLU A 408 3.72 -0.49 -44.34
N ILE A 409 4.04 -1.72 -43.95
CA ILE A 409 5.29 -2.04 -43.26
C ILE A 409 6.17 -2.87 -44.18
N SER A 410 7.46 -2.53 -44.22
CA SER A 410 8.41 -3.30 -44.99
C SER A 410 8.72 -4.63 -44.29
N GLU A 411 9.28 -5.57 -45.06
CA GLU A 411 9.57 -6.89 -44.52
C GLU A 411 10.55 -6.87 -43.36
N ALA A 412 11.40 -5.85 -43.28
CA ALA A 412 12.35 -5.77 -42.16
C ALA A 412 11.62 -5.50 -40.85
N GLU A 413 10.59 -4.66 -40.88
CA GLU A 413 9.88 -4.24 -39.68
C GLU A 413 8.75 -5.19 -39.29
N GLN A 414 8.63 -6.33 -39.97
CA GLN A 414 7.59 -7.28 -39.62
C GLN A 414 7.99 -8.07 -38.37
N ALA A 415 6.99 -8.64 -37.70
CA ALA A 415 7.18 -9.43 -36.50
C ALA A 415 7.11 -10.92 -36.83
N THR A 416 7.78 -11.73 -36.02
CA THR A 416 7.80 -13.17 -36.22
C THR A 416 7.99 -13.85 -34.87
N ARG A 417 7.57 -15.11 -34.82
CA ARG A 417 7.71 -15.94 -33.63
C ARG A 417 7.44 -17.39 -34.03
N THR A 418 8.18 -18.31 -33.42
CA THR A 418 8.09 -19.73 -33.75
C THR A 418 7.68 -20.51 -32.51
N MET A 419 6.73 -21.44 -32.69
CA MET A 419 6.33 -22.36 -31.65
C MET A 419 6.36 -23.79 -32.20
N GLN A 420 6.44 -24.75 -31.30
CA GLN A 420 6.40 -26.16 -31.64
C GLN A 420 5.29 -26.85 -30.87
N ALA A 421 4.53 -27.68 -31.55
CA ALA A 421 3.46 -28.46 -30.96
C ALA A 421 3.80 -29.95 -31.02
N LEU A 422 3.64 -30.65 -29.89
CA LEU A 422 3.97 -32.07 -29.83
C LEU A 422 2.73 -32.92 -30.05
N PRO A 423 2.88 -34.09 -30.65
CA PRO A 423 1.72 -34.95 -30.92
C PRO A 423 1.15 -35.54 -29.63
N TYR A 424 -0.16 -35.49 -29.51
CA TYR A 424 -0.86 -36.11 -28.38
C TYR A 424 -0.65 -37.62 -28.38
N SER A 425 -0.09 -38.13 -27.30
CA SER A 425 0.18 -39.56 -27.18
C SER A 425 -1.08 -40.30 -26.73
N THR A 426 -1.42 -41.35 -27.46
CA THR A 426 -2.59 -42.16 -27.17
C THR A 426 -2.19 -43.47 -26.50
N VAL A 427 -3.17 -44.12 -25.88
CA VAL A 427 -2.94 -45.34 -25.11
C VAL A 427 -2.73 -46.50 -26.08
N GLY A 428 -1.58 -47.16 -25.98
CA GLY A 428 -1.27 -48.31 -26.81
C GLY A 428 -1.13 -48.01 -28.29
N ASN A 429 -0.96 -46.75 -28.67
CA ASN A 429 -0.87 -46.34 -30.07
C ASN A 429 -2.10 -46.80 -30.85
N SER A 430 -3.27 -46.65 -30.23
CA SER A 430 -4.52 -46.99 -30.88
C SER A 430 -5.00 -45.90 -31.83
N ASN A 431 -5.37 -44.29 -32.25
CA ASN A 431 -5.59 -43.08 -33.03
C ASN A 431 -7.03 -42.59 -32.92
N ASN A 432 -7.57 -42.66 -31.71
CA ASN A 432 -8.90 -42.12 -31.40
C ASN A 432 -8.72 -40.80 -30.65
N TYR A 433 -9.14 -39.71 -31.26
CA TYR A 433 -9.00 -38.38 -30.69
C TYR A 433 -10.35 -37.71 -30.55
N LEU A 434 -10.36 -36.57 -29.86
CA LEU A 434 -11.53 -35.72 -29.71
C LEU A 434 -11.07 -34.28 -29.79
N HIS A 435 -11.62 -33.52 -30.73
CA HIS A 435 -11.22 -32.13 -30.94
C HIS A 435 -12.37 -31.20 -30.56
N LEU A 436 -12.06 -30.20 -29.75
CA LEU A 436 -13.00 -29.14 -29.40
C LEU A 436 -12.52 -27.85 -30.06
N SER A 437 -13.30 -27.34 -31.00
CA SER A 437 -12.98 -26.12 -31.71
C SER A 437 -14.02 -25.06 -31.40
N VAL A 438 -13.56 -23.81 -31.25
CA VAL A 438 -14.42 -22.70 -30.89
C VAL A 438 -13.73 -21.43 -31.36
N LEU A 439 -14.52 -20.49 -31.89
CA LEU A 439 -13.94 -19.26 -32.39
C LEU A 439 -13.45 -18.39 -31.23
N ARG A 440 -12.30 -17.74 -31.44
CA ARG A 440 -11.66 -16.91 -30.44
C ARG A 440 -11.83 -15.44 -30.80
N THR A 441 -12.84 -14.81 -30.21
CA THR A 441 -12.99 -13.36 -30.18
C THR A 441 -13.49 -13.00 -28.79
N GLU A 442 -13.50 -11.70 -28.49
CA GLU A 442 -13.96 -11.26 -27.17
C GLU A 442 -15.40 -11.69 -26.95
N LEU A 443 -15.59 -12.65 -26.05
CA LEU A 443 -16.90 -13.20 -25.73
C LEU A 443 -17.50 -12.46 -24.54
N ARG A 444 -18.78 -12.14 -24.62
CA ARG A 444 -19.45 -11.38 -23.58
C ARG A 444 -20.73 -12.08 -23.16
N PRO A 445 -21.16 -11.89 -21.91
CA PRO A 445 -22.41 -12.51 -21.46
C PRO A 445 -23.58 -12.09 -22.32
N GLY A 446 -24.57 -12.97 -22.41
CA GLY A 446 -25.68 -12.80 -23.31
C GLY A 446 -25.50 -13.45 -24.67
N GLU A 447 -24.26 -13.71 -25.07
CA GLU A 447 -24.02 -14.39 -26.32
C GLU A 447 -24.09 -15.90 -26.14
N THR A 448 -24.28 -16.60 -27.26
CA THR A 448 -24.25 -18.06 -27.30
C THR A 448 -22.97 -18.50 -27.97
N LEU A 449 -22.31 -19.50 -27.39
CA LEU A 449 -21.07 -20.04 -27.92
C LEU A 449 -21.34 -21.39 -28.55
N ASN A 450 -21.06 -21.51 -29.85
CA ASN A 450 -21.22 -22.76 -30.58
C ASN A 450 -19.93 -23.56 -30.44
N VAL A 451 -19.97 -24.60 -29.61
CA VAL A 451 -18.82 -25.46 -29.34
C VAL A 451 -18.92 -26.68 -30.24
N ASN A 452 -17.93 -26.86 -31.10
CA ASN A 452 -17.93 -27.96 -32.06
C ASN A 452 -17.21 -29.18 -31.50
N PHE A 453 -17.89 -30.32 -31.52
CA PHE A 453 -17.35 -31.60 -31.03
C PHE A 453 -17.00 -32.45 -32.24
N LEU A 454 -15.73 -32.41 -32.65
CA LEU A 454 -15.27 -33.20 -33.77
C LEU A 454 -14.67 -34.51 -33.29
N LEU A 455 -15.01 -35.60 -33.97
CA LEU A 455 -14.60 -36.94 -33.58
C LEU A 455 -13.79 -37.56 -34.72
N ARG A 456 -12.50 -37.78 -34.46
CA ARG A 456 -11.64 -38.54 -35.37
C ARG A 456 -11.34 -39.87 -34.71
N MET A 457 -11.91 -40.94 -35.25
CA MET A 457 -11.70 -42.27 -34.71
C MET A 457 -12.01 -43.29 -35.79
N ASP A 458 -11.84 -44.57 -35.44
CA ASP A 458 -12.12 -45.64 -36.38
C ASP A 458 -13.62 -45.81 -36.57
N ARG A 459 -14.03 -46.14 -37.79
CA ARG A 459 -15.45 -46.28 -38.11
C ARG A 459 -16.02 -47.61 -37.65
N ALA A 460 -15.19 -48.56 -37.24
CA ALA A 460 -15.67 -49.83 -36.72
C ALA A 460 -16.12 -49.75 -35.27
N HIS A 461 -16.01 -48.59 -34.63
CA HIS A 461 -16.44 -48.42 -33.26
C HIS A 461 -17.15 -47.10 -32.99
N GLU A 462 -17.30 -46.23 -33.99
CA GLU A 462 -17.93 -44.94 -33.77
C GLU A 462 -19.42 -45.07 -33.40
N ALA A 463 -20.08 -46.16 -33.79
CA ALA A 463 -21.47 -46.37 -33.41
C ALA A 463 -21.65 -46.60 -31.92
N LYS A 464 -20.56 -46.88 -31.19
CA LYS A 464 -20.65 -47.10 -29.76
C LYS A 464 -20.66 -45.79 -28.97
N ILE A 465 -20.13 -44.71 -29.54
CA ILE A 465 -20.12 -43.42 -28.88
C ILE A 465 -21.45 -42.73 -29.18
N ARG A 466 -22.25 -42.53 -28.14
CA ARG A 466 -23.57 -41.92 -28.29
C ARG A 466 -23.75 -40.66 -27.46
N TYR A 467 -22.76 -40.29 -26.65
CA TYR A 467 -22.84 -39.05 -25.89
C TYR A 467 -21.45 -38.62 -25.46
N TYR A 468 -21.25 -37.31 -25.39
CA TYR A 468 -20.07 -36.71 -24.78
C TYR A 468 -20.45 -36.12 -23.44
N THR A 469 -19.51 -36.14 -22.51
CA THR A 469 -19.71 -35.58 -21.18
C THR A 469 -18.81 -34.36 -21.03
N TYR A 470 -19.41 -33.17 -21.03
CA TYR A 470 -18.66 -31.93 -20.94
C TYR A 470 -18.77 -31.35 -19.54
N LEU A 471 -17.68 -30.74 -19.06
CA LEU A 471 -17.63 -30.09 -17.77
C LEU A 471 -17.09 -28.68 -17.95
N ILE A 472 -17.61 -27.74 -17.16
CA ILE A 472 -17.25 -26.33 -17.28
C ILE A 472 -16.58 -25.90 -15.98
N MET A 473 -15.35 -25.44 -16.08
CA MET A 473 -14.56 -24.99 -14.93
C MET A 473 -14.49 -23.48 -14.93
N ASN A 474 -15.01 -22.85 -13.87
CA ASN A 474 -15.01 -21.40 -13.72
C ASN A 474 -14.57 -21.04 -12.31
N LYS A 475 -13.48 -20.28 -12.21
CA LYS A 475 -12.97 -19.81 -10.92
C LYS A 475 -12.62 -20.96 -9.98
N GLY A 476 -12.05 -22.02 -10.55
CA GLY A 476 -11.63 -23.17 -9.77
C GLY A 476 -12.73 -24.05 -9.22
N ARG A 477 -13.94 -23.96 -9.77
CA ARG A 477 -15.05 -24.77 -9.30
C ARG A 477 -15.80 -25.33 -10.50
N LEU A 478 -16.60 -26.37 -10.26
CA LEU A 478 -17.45 -26.93 -11.31
C LEU A 478 -18.73 -26.12 -11.40
N LEU A 479 -18.88 -25.36 -12.48
CA LEU A 479 -20.06 -24.52 -12.68
C LEU A 479 -21.22 -25.30 -13.28
N LYS A 480 -20.99 -25.95 -14.43
CA LYS A 480 -22.01 -26.75 -15.07
C LYS A 480 -21.37 -27.99 -15.69
N ALA A 481 -21.98 -29.15 -15.46
CA ALA A 481 -21.58 -30.40 -16.06
C ALA A 481 -22.79 -31.02 -16.75
N GLY A 482 -22.65 -31.34 -18.03
CA GLY A 482 -23.78 -31.87 -18.77
C GLY A 482 -23.42 -32.94 -19.78
N ARG A 483 -24.36 -33.26 -20.67
CA ARG A 483 -24.18 -34.28 -21.69
C ARG A 483 -24.54 -33.72 -23.05
N GLN A 484 -23.70 -34.02 -24.04
CA GLN A 484 -23.95 -33.66 -25.44
C GLN A 484 -24.24 -34.94 -26.20
N VAL A 485 -25.51 -35.13 -26.57
CA VAL A 485 -25.93 -36.38 -27.20
C VAL A 485 -25.37 -36.46 -28.61
N ARG A 486 -24.93 -37.66 -29.00
CA ARG A 486 -24.42 -37.93 -30.32
C ARG A 486 -25.18 -39.08 -30.95
N GLU A 487 -25.49 -38.95 -32.22
CA GLU A 487 -26.12 -40.06 -32.94
C GLU A 487 -25.09 -40.73 -33.84
N PRO A 488 -25.25 -42.03 -34.08
CA PRO A 488 -24.31 -42.75 -34.96
C PRO A 488 -24.23 -42.10 -36.33
N GLY A 489 -23.01 -41.73 -36.72
CA GLY A 489 -22.76 -41.04 -37.97
C GLY A 489 -22.50 -39.56 -37.82
N GLN A 490 -22.84 -38.97 -36.67
CA GLN A 490 -22.60 -37.55 -36.42
C GLN A 490 -21.17 -37.40 -35.90
N ASP A 491 -20.23 -37.27 -36.84
CA ASP A 491 -18.85 -37.01 -36.47
C ASP A 491 -18.67 -35.62 -35.86
N LEU A 492 -19.61 -34.72 -36.11
CA LEU A 492 -19.58 -33.37 -35.53
C LEU A 492 -20.94 -33.04 -34.95
N VAL A 493 -20.95 -32.60 -33.70
CA VAL A 493 -22.15 -32.06 -33.06
C VAL A 493 -21.80 -30.72 -32.44
N VAL A 494 -22.75 -29.80 -32.44
CA VAL A 494 -22.55 -28.45 -31.96
C VAL A 494 -23.32 -28.30 -30.65
N LEU A 495 -22.60 -27.89 -29.60
CA LEU A 495 -23.22 -27.61 -28.31
C LEU A 495 -23.41 -26.11 -28.18
N PRO A 496 -24.62 -25.59 -28.29
CA PRO A 496 -24.85 -24.16 -28.05
C PRO A 496 -24.84 -23.86 -26.56
N LEU A 497 -23.79 -23.20 -26.09
CA LEU A 497 -23.60 -22.91 -24.68
C LEU A 497 -24.03 -21.48 -24.39
N SER A 498 -24.93 -21.31 -23.43
CA SER A 498 -25.37 -19.99 -23.01
C SER A 498 -24.32 -19.36 -22.12
N ILE A 499 -23.77 -18.22 -22.55
CA ILE A 499 -22.74 -17.53 -21.79
C ILE A 499 -23.43 -16.48 -20.91
N THR A 500 -23.53 -16.79 -19.62
CA THR A 500 -24.11 -15.87 -18.65
C THR A 500 -23.01 -15.16 -17.87
N THR A 501 -23.40 -14.34 -16.90
CA THR A 501 -22.43 -13.61 -16.09
C THR A 501 -21.66 -14.52 -15.15
N ASP A 502 -22.07 -15.78 -14.99
CA ASP A 502 -21.35 -16.72 -14.14
C ASP A 502 -20.07 -17.24 -14.79
N PHE A 503 -19.84 -16.93 -16.07
CA PHE A 503 -18.64 -17.36 -16.78
C PHE A 503 -17.51 -16.35 -16.70
N ILE A 504 -17.78 -15.15 -16.20
CA ILE A 504 -16.73 -14.15 -16.00
C ILE A 504 -15.73 -14.68 -14.98
N PRO A 505 -14.41 -14.49 -15.16
CA PRO A 505 -13.71 -13.80 -16.25
C PRO A 505 -13.29 -14.73 -17.39
N SER A 506 -13.42 -16.02 -17.17
CA SER A 506 -13.04 -17.03 -18.16
C SER A 506 -13.53 -18.38 -17.64
N PHE A 507 -13.40 -19.39 -18.49
CA PHE A 507 -13.81 -20.73 -18.10
C PHE A 507 -13.12 -21.74 -18.99
N ARG A 508 -13.08 -22.98 -18.52
CA ARG A 508 -12.56 -24.10 -19.28
C ARG A 508 -13.69 -25.07 -19.60
N LEU A 509 -13.69 -25.59 -20.82
CA LEU A 509 -14.64 -26.59 -21.24
C LEU A 509 -13.88 -27.87 -21.55
N VAL A 510 -14.00 -28.87 -20.69
CA VAL A 510 -13.36 -30.16 -20.89
C VAL A 510 -14.45 -31.18 -21.16
N ALA A 511 -14.28 -31.97 -22.21
CA ALA A 511 -15.23 -33.00 -22.60
C ALA A 511 -14.49 -34.31 -22.86
N TYR A 512 -15.22 -35.41 -22.73
CA TYR A 512 -14.64 -36.72 -22.94
C TYR A 512 -15.72 -37.71 -23.33
N TYR A 513 -15.33 -38.70 -24.14
CA TYR A 513 -16.16 -39.85 -24.45
C TYR A 513 -15.41 -41.11 -24.07
N THR A 514 -16.15 -42.17 -23.78
CA THR A 514 -15.56 -43.43 -23.36
C THR A 514 -16.23 -44.58 -24.11
N LEU A 515 -15.48 -45.66 -24.29
CA LEU A 515 -15.99 -46.82 -25.00
C LEU A 515 -15.08 -48.01 -24.73
N ILE A 516 -15.52 -49.18 -25.18
CA ILE A 516 -14.72 -50.39 -25.20
C ILE A 516 -14.53 -50.74 -26.67
N GLY A 517 -13.31 -50.55 -27.17
CA GLY A 517 -13.10 -50.61 -28.61
C GLY A 517 -12.11 -51.65 -29.11
N ALA A 518 -10.86 -51.27 -29.30
CA ALA A 518 -9.93 -52.13 -30.02
C ALA A 518 -9.58 -53.55 -29.59
N SER A 519 -9.19 -53.75 -28.35
CA SER A 519 -8.86 -55.08 -27.88
C SER A 519 -9.76 -55.37 -26.70
N GLY A 520 -10.95 -54.79 -26.72
CA GLY A 520 -11.79 -54.92 -25.54
C GLY A 520 -11.31 -54.09 -24.38
N GLN A 521 -10.42 -53.14 -24.63
CA GLN A 521 -9.86 -52.30 -23.57
C GLN A 521 -10.73 -51.06 -23.38
N ARG A 522 -11.03 -50.75 -22.12
CA ARG A 522 -11.78 -49.55 -21.81
C ARG A 522 -10.93 -48.33 -22.14
N GLU A 523 -11.40 -47.50 -23.08
CA GLU A 523 -10.66 -46.36 -23.55
C GLU A 523 -11.41 -45.08 -23.23
N VAL A 524 -10.71 -44.10 -22.67
CA VAL A 524 -11.26 -42.80 -22.36
C VAL A 524 -10.47 -41.76 -23.14
N VAL A 525 -11.18 -40.94 -23.92
CA VAL A 525 -10.57 -39.91 -24.76
C VAL A 525 -11.17 -38.57 -24.35
N ALA A 526 -10.30 -37.60 -24.08
CA ALA A 526 -10.73 -36.30 -23.57
C ALA A 526 -10.02 -35.17 -24.30
N ASP A 527 -10.54 -33.96 -24.10
CA ASP A 527 -9.96 -32.75 -24.64
C ASP A 527 -10.54 -31.56 -23.89
N SER A 528 -9.78 -30.46 -23.85
CA SER A 528 -10.18 -29.26 -23.14
C SER A 528 -9.75 -28.04 -23.92
N VAL A 529 -10.43 -26.92 -23.66
CA VAL A 529 -10.11 -25.65 -24.29
C VAL A 529 -10.43 -24.53 -23.31
N TRP A 530 -9.58 -23.51 -23.28
CA TRP A 530 -9.73 -22.38 -22.39
C TRP A 530 -10.36 -21.22 -23.15
N VAL A 531 -11.53 -20.78 -22.68
CA VAL A 531 -12.30 -19.73 -23.36
C VAL A 531 -12.29 -18.49 -22.48
N ASP A 532 -11.81 -17.39 -23.02
CA ASP A 532 -11.71 -16.12 -22.31
C ASP A 532 -12.93 -15.27 -22.62
N VAL A 533 -13.55 -14.71 -21.58
CA VAL A 533 -14.65 -13.77 -21.76
C VAL A 533 -14.20 -12.39 -21.31
N LYS A 534 -14.88 -11.37 -21.83
CA LYS A 534 -14.49 -9.99 -21.58
C LYS A 534 -14.64 -9.64 -20.11
N ASP A 535 -14.74 -8.97 -20.31
CA ASP A 535 -14.52 -8.61 -18.91
C ASP A 535 -15.38 -7.41 -18.53
N SER A 536 -15.96 -7.47 -17.34
CA SER A 536 -16.77 -6.40 -16.77
C SER A 536 -17.05 -6.78 -15.32
N CYS A 537 -17.90 -6.00 -14.66
CA CYS A 537 -18.38 -6.40 -13.35
C CYS A 537 -19.51 -7.41 -13.49
N VAL A 538 -19.62 -8.30 -12.50
CA VAL A 538 -20.77 -9.21 -12.45
C VAL A 538 -22.06 -8.41 -12.33
N GLY A 539 -22.07 -7.41 -11.46
CA GLY A 539 -23.14 -6.44 -11.41
C GLY A 539 -22.76 -5.20 -12.18
N SER A 540 -22.93 -4.03 -11.56
CA SER A 540 -22.55 -2.78 -12.20
C SER A 540 -22.48 -1.69 -11.14
N LEU A 541 -21.67 -0.67 -11.42
CA LEU A 541 -21.53 0.47 -10.52
C LEU A 541 -21.08 1.67 -11.34
N VAL A 542 -21.84 2.75 -11.27
CA VAL A 542 -21.52 3.98 -12.00
C VAL A 542 -21.73 5.16 -11.08
N VAL A 543 -20.79 6.10 -11.10
CA VAL A 543 -20.89 7.36 -10.38
C VAL A 543 -20.84 8.49 -11.39
N LYS A 544 -21.84 9.35 -11.37
CA LYS A 544 -21.88 10.51 -12.27
C LYS A 544 -22.57 11.66 -11.55
N SER A 545 -22.77 12.76 -12.29
CA SER A 545 -23.38 13.94 -11.72
C SER A 545 -24.89 13.78 -11.66
N GLY A 546 -25.47 14.16 -10.52
CA GLY A 546 -26.90 14.17 -10.34
C GLY A 546 -27.57 15.50 -10.61
N GLN A 547 -26.85 16.45 -11.18
CA GLN A 547 -27.39 17.77 -11.51
C GLN A 547 -27.11 18.08 -12.97
N SER A 548 -27.73 19.16 -13.46
CA SER A 548 -27.53 19.56 -14.85
C SER A 548 -26.06 19.86 -15.12
N GLU A 549 -25.44 20.68 -14.27
CA GLU A 549 -24.02 21.01 -14.36
C GLU A 549 -23.65 21.58 -15.73
N ASP A 550 -24.52 22.43 -16.26
CA ASP A 550 -24.07 23.39 -17.27
C ASP A 550 -23.12 24.40 -16.66
N ARG A 551 -23.15 24.53 -15.34
CA ARG A 551 -22.28 25.39 -14.56
C ARG A 551 -21.01 24.64 -14.17
N GLN A 552 -19.92 25.38 -14.02
CA GLN A 552 -18.75 24.76 -13.41
C GLN A 552 -18.78 25.01 -11.91
N PRO A 553 -18.65 23.98 -11.07
CA PRO A 553 -18.82 24.17 -9.63
C PRO A 553 -17.73 25.05 -9.03
N VAL A 554 -18.08 25.63 -7.89
CA VAL A 554 -17.30 26.67 -7.21
C VAL A 554 -16.86 26.11 -5.86
N PRO A 555 -15.70 26.50 -5.32
CA PRO A 555 -15.30 25.99 -4.01
C PRO A 555 -16.38 26.19 -2.96
N GLY A 556 -16.73 25.11 -2.28
CA GLY A 556 -17.76 25.12 -1.26
C GLY A 556 -19.17 24.92 -1.76
N GLN A 557 -19.37 24.70 -3.05
CA GLN A 557 -20.70 24.60 -3.62
C GLN A 557 -21.29 23.21 -3.39
N GLN A 558 -22.59 23.18 -3.12
CA GLN A 558 -23.30 21.91 -2.99
C GLN A 558 -23.43 21.24 -4.34
N MET A 559 -23.27 19.92 -4.36
CA MET A 559 -23.32 19.15 -5.59
C MET A 559 -24.09 17.86 -5.35
N THR A 560 -24.97 17.53 -6.29
CA THR A 560 -25.71 16.28 -6.23
C THR A 560 -24.93 15.20 -6.98
N LEU A 561 -24.68 14.08 -6.29
CA LEU A 561 -23.95 12.96 -6.85
C LEU A 561 -24.91 11.81 -7.08
N LYS A 562 -24.82 11.19 -8.26
CA LYS A 562 -25.69 10.08 -8.62
C LYS A 562 -24.90 8.78 -8.60
N ILE A 563 -25.41 7.80 -7.86
CA ILE A 563 -24.79 6.48 -7.75
C ILE A 563 -25.80 5.46 -8.23
N GLU A 564 -25.46 4.72 -9.28
CA GLU A 564 -26.30 3.68 -9.84
C GLU A 564 -25.61 2.34 -9.66
N GLY A 565 -26.27 1.40 -9.01
CA GLY A 565 -25.68 0.10 -8.78
C GLY A 565 -26.72 -0.96 -8.47
N ASP A 566 -26.24 -2.08 -7.96
CA ASP A 566 -27.10 -3.21 -7.63
C ASP A 566 -27.91 -2.93 -6.37
N HIS A 567 -29.11 -3.49 -6.31
CA HIS A 567 -29.94 -3.35 -5.13
C HIS A 567 -29.32 -4.11 -3.95
N GLY A 568 -29.32 -3.48 -2.78
CA GLY A 568 -28.76 -4.07 -1.59
C GLY A 568 -27.24 -4.05 -1.51
N ALA A 569 -26.57 -3.34 -2.42
CA ALA A 569 -25.12 -3.26 -2.41
C ALA A 569 -24.66 -2.09 -1.55
N ARG A 570 -23.57 -2.31 -0.83
CA ARG A 570 -22.94 -1.28 0.00
C ARG A 570 -21.83 -0.61 -0.80
N VAL A 571 -22.00 0.66 -1.09
CA VAL A 571 -21.02 1.43 -1.86
C VAL A 571 -20.17 2.24 -0.90
N VAL A 572 -18.85 2.11 -1.04
CA VAL A 572 -17.89 2.91 -0.29
C VAL A 572 -17.23 3.89 -1.26
N LEU A 573 -17.03 5.12 -0.81
CA LEU A 573 -16.58 6.20 -1.66
C LEU A 573 -15.26 6.78 -1.17
N VAL A 574 -14.64 7.57 -2.05
CA VAL A 574 -13.47 8.37 -1.70
C VAL A 574 -13.32 9.43 -2.78
N ALA A 575 -12.89 10.62 -2.37
CA ALA A 575 -12.62 11.73 -3.28
C ALA A 575 -11.19 12.20 -3.06
N VAL A 576 -10.39 12.17 -4.13
CA VAL A 576 -8.97 12.44 -4.04
C VAL A 576 -8.63 13.63 -4.94
N ASP A 577 -7.80 14.52 -4.43
CA ASP A 577 -7.25 15.59 -5.25
C ASP A 577 -6.30 14.99 -6.28
N LYS A 578 -6.66 15.24 -8.29
CA LYS A 578 -5.74 14.62 -9.25
C LYS A 578 -4.31 15.12 -9.09
N GLY A 579 -4.07 16.14 -8.27
CA GLY A 579 -2.70 16.50 -7.94
C GLY A 579 -2.00 15.44 -7.13
N VAL A 580 -2.76 14.64 -6.37
CA VAL A 580 -2.17 13.52 -5.62
C VAL A 580 -1.49 12.56 -6.58
N PHE A 581 -2.15 12.25 -7.70
CA PHE A 581 -1.61 11.27 -8.63
C PHE A 581 -0.40 11.78 -9.39
N VAL A 582 -0.22 13.10 -9.45
CA VAL A 582 1.00 13.66 -10.03
C VAL A 582 2.22 13.27 -9.19
N LEU A 583 2.02 13.07 -7.89
CA LEU A 583 3.09 12.69 -6.97
C LEU A 583 3.26 11.18 -6.87
N ASN A 584 2.17 10.43 -6.85
CA ASN A 584 2.24 8.97 -6.79
C ASN A 584 0.95 8.40 -7.37
N LYS A 585 1.08 7.44 -8.29
CA LYS A 585 -0.08 6.83 -8.91
C LYS A 585 0.00 5.30 -8.86
N LYS A 586 0.75 4.75 -7.91
CA LYS A 586 0.92 3.32 -7.80
C LYS A 586 -0.07 2.74 -6.78
N ASN A 587 -0.30 1.43 -6.90
CA ASN A 587 -1.14 0.68 -5.95
C ASN A 587 -2.57 1.22 -5.91
N LYS A 588 -3.15 1.44 -7.09
CA LYS A 588 -4.54 1.85 -7.21
C LYS A 588 -5.38 0.64 -7.62
N LEU A 589 -6.51 0.46 -6.96
CA LEU A 589 -7.37 -0.69 -7.21
C LEU A 589 -8.13 -0.48 -8.51
N THR A 590 -8.00 -1.44 -9.43
CA THR A 590 -8.72 -1.41 -10.70
C THR A 590 -9.31 -2.79 -10.96
N GLN A 591 -10.31 -2.84 -11.84
CA GLN A 591 -10.92 -4.11 -12.18
C GLN A 591 -9.93 -5.03 -12.89
N SER A 592 -9.01 -4.44 -13.66
CA SER A 592 -8.02 -5.25 -14.36
C SER A 592 -7.08 -5.95 -13.39
N LYS A 593 -6.76 -5.31 -12.26
CA LYS A 593 -5.91 -5.96 -11.25
C LYS A 593 -6.66 -7.07 -10.53
N ILE A 594 -7.98 -6.96 -10.42
CA ILE A 594 -8.75 -8.03 -9.80
C ILE A 594 -8.74 -9.28 -10.68
N TRP A 595 -8.89 -9.11 -12.01
CA TRP A 595 -8.83 -10.25 -12.90
C TRP A 595 -7.42 -10.82 -13.02
N ASP A 596 -6.40 -10.03 -12.72
CA ASP A 596 -5.04 -10.56 -12.68
C ASP A 596 -4.88 -11.53 -11.50
N VAL A 597 -5.49 -11.21 -10.36
CA VAL A 597 -5.39 -12.09 -9.20
C VAL A 597 -6.14 -13.39 -9.45
N VAL A 598 -7.27 -13.32 -10.15
CA VAL A 598 -8.08 -14.52 -10.39
C VAL A 598 -7.34 -15.48 -11.33
N GLU A 599 -6.75 -14.95 -12.40
CA GLU A 599 -6.09 -15.81 -13.38
C GLU A 599 -4.78 -16.38 -12.83
N LYS A 600 -4.09 -15.65 -11.97
CA LYS A 600 -2.90 -16.20 -11.34
C LYS A 600 -3.23 -17.31 -10.35
N ALA A 601 -4.46 -17.33 -9.83
CA ALA A 601 -4.91 -18.37 -8.92
C ALA A 601 -5.56 -19.53 -9.65
N ASP A 602 -5.55 -19.52 -10.97
CA ASP A 602 -6.18 -20.58 -11.74
C ASP A 602 -5.40 -21.87 -11.60
N ILE A 603 -6.10 -22.98 -11.33
CA ILE A 603 -5.44 -24.26 -11.11
C ILE A 603 -5.27 -25.02 -12.42
N GLY A 604 -5.63 -24.40 -13.54
CA GLY A 604 -5.34 -24.96 -14.85
C GLY A 604 -4.08 -24.31 -15.41
N CYS A 605 -3.23 -25.10 -16.03
CA CYS A 605 -1.89 -24.67 -16.40
C CYS A 605 -1.66 -24.59 -17.91
N THR A 606 -2.60 -25.08 -18.71
CA THR A 606 -2.33 -25.25 -20.13
C THR A 606 -3.57 -24.90 -20.93
N PRO A 607 -3.39 -24.30 -22.10
CA PRO A 607 -4.56 -23.88 -22.89
C PRO A 607 -5.21 -24.98 -23.70
N GLY A 608 -4.67 -26.19 -23.70
CA GLY A 608 -5.16 -27.24 -24.57
C GLY A 608 -5.14 -28.61 -23.92
N SER A 609 -5.01 -29.64 -24.74
CA SER A 609 -5.05 -31.02 -24.27
C SER A 609 -3.71 -31.39 -23.62
N GLY A 610 -3.53 -32.67 -23.34
CA GLY A 610 -2.30 -33.15 -22.74
C GLY A 610 -1.65 -34.24 -23.56
N LYS A 611 -0.64 -34.91 -23.00
CA LYS A 611 0.03 -35.98 -23.74
C LYS A 611 -0.89 -37.20 -23.91
N ASP A 612 -1.82 -37.41 -22.98
CA ASP A 612 -2.77 -38.50 -23.06
C ASP A 612 -4.07 -38.04 -22.41
N TYR A 613 -4.99 -38.97 -22.19
CA TYR A 613 -6.26 -38.61 -21.56
C TYR A 613 -6.06 -38.12 -20.13
N ALA A 614 -5.08 -38.67 -19.42
CA ALA A 614 -4.81 -38.21 -18.06
C ALA A 614 -4.25 -36.80 -18.05
N GLY A 615 -3.39 -36.48 -19.02
CA GLY A 615 -2.84 -35.13 -19.11
C GLY A 615 -3.90 -34.09 -19.43
N VAL A 616 -4.97 -34.48 -20.12
CA VAL A 616 -6.02 -33.53 -20.45
C VAL A 616 -6.74 -33.06 -19.19
N PHE A 617 -7.06 -33.99 -18.29
CA PHE A 617 -7.76 -33.62 -17.06
C PHE A 617 -6.86 -32.80 -16.15
N SER A 618 -5.61 -33.23 -15.96
CA SER A 618 -4.72 -32.55 -15.03
C SER A 618 -4.39 -31.13 -15.51
N ASP A 619 -4.12 -30.97 -16.80
CA ASP A 619 -3.77 -29.65 -17.32
C ASP A 619 -4.92 -28.68 -17.17
N ALA A 620 -6.16 -29.17 -17.26
CA ALA A 620 -7.33 -28.33 -17.03
C ALA A 620 -7.66 -28.19 -15.55
N GLY A 621 -6.88 -28.80 -14.67
CA GLY A 621 -7.13 -28.70 -13.24
C GLY A 621 -8.17 -29.67 -12.72
N LEU A 622 -8.20 -30.88 -13.25
CA LEU A 622 -9.18 -31.88 -12.87
C LEU A 622 -8.50 -33.21 -12.56
N THR A 623 -9.12 -33.98 -11.67
CA THR A 623 -8.71 -35.34 -11.37
C THR A 623 -9.70 -36.31 -11.99
N PHE A 624 -9.20 -37.48 -12.37
CA PHE A 624 -10.03 -38.56 -12.88
C PHE A 624 -9.62 -39.85 -12.19
N THR A 625 -10.61 -40.64 -11.79
CA THR A 625 -10.35 -41.91 -11.13
C THR A 625 -11.50 -42.85 -11.44
N SER A 626 -11.16 -44.10 -11.76
CA SER A 626 -12.17 -45.08 -12.12
C SER A 626 -11.88 -46.40 -11.43
N SER A 627 -12.90 -47.26 -11.39
CA SER A 627 -12.75 -48.60 -10.86
C SER A 627 -11.99 -49.52 -11.82
N SER A 628 -11.81 -49.12 -13.07
CA SER A 628 -11.09 -49.91 -14.06
C SER A 628 -9.62 -49.53 -14.14
N GLY A 629 -9.11 -48.75 -13.19
CA GLY A 629 -7.72 -48.37 -13.16
C GLY A 629 -7.38 -47.07 -13.86
N GLN A 630 -8.26 -46.58 -14.73
CA GLN A 630 -8.00 -45.34 -15.45
C GLN A 630 -8.03 -44.16 -14.48
N GLN A 631 -6.90 -43.47 -14.34
CA GLN A 631 -6.82 -42.34 -13.43
C GLN A 631 -5.74 -41.38 -13.89
N THR A 632 -5.73 -40.20 -13.28
CA THR A 632 -4.76 -39.16 -13.57
C THR A 632 -3.56 -39.28 -12.65
N ALA A 633 -2.45 -38.66 -13.05
CA ALA A 633 -1.26 -38.64 -12.23
C ALA A 633 -1.46 -37.74 -11.02
N GLN A 634 -0.75 -38.06 -9.94
CA GLN A 634 -0.89 -37.31 -8.70
C GLN A 634 -0.25 -35.92 -8.85
N ARG A 635 -0.92 -34.92 -8.29
CA ARG A 635 -0.44 -33.54 -8.31
C ARG A 635 -0.12 -33.12 -6.88
N ALA A 636 1.14 -32.73 -6.65
CA ALA A 636 1.57 -32.34 -5.31
C ALA A 636 2.16 -30.94 -5.21
N GLU A 637 2.18 -30.18 -6.30
CA GLU A 637 2.69 -28.81 -6.30
C GLU A 637 1.54 -27.84 -6.51
N LEU A 638 1.49 -26.80 -5.67
CA LEU A 638 0.40 -25.84 -5.76
C LEU A 638 0.50 -24.99 -7.02
N GLN A 639 1.71 -24.62 -7.41
CA GLN A 639 1.91 -23.80 -8.59
C GLN A 639 2.03 -24.67 -9.84
N CYS A 640 1.91 -24.03 -10.99
CA CYS A 640 1.98 -24.69 -12.27
C CYS A 640 3.44 -24.96 -12.66
N PRO A 641 3.68 -25.93 -13.54
CA PRO A 641 5.04 -26.15 -14.03
C PRO A 641 5.57 -24.90 -14.71
N GLN A 642 6.89 -24.71 -14.61
CA GLN A 642 7.50 -23.48 -15.08
C GLN A 642 8.26 -23.72 -16.37
N PRO A 643 7.89 -23.02 -17.47
CA PRO A 643 8.57 -23.01 -18.76
C PRO A 643 9.48 -21.79 -18.93
N GLU B 5 -9.81 57.01 2.05
CA GLU B 5 -9.47 56.12 0.94
C GLU B 5 -10.25 54.80 1.08
N ASP B 6 -10.31 54.03 0.00
CA ASP B 6 -11.10 52.81 -0.06
C ASP B 6 -10.19 51.59 0.10
N ILE B 7 -10.46 50.79 1.14
CA ILE B 7 -9.83 49.49 1.29
C ILE B 7 -10.69 48.49 0.52
N ILE B 8 -10.17 47.99 -0.60
CA ILE B 8 -10.94 47.09 -1.44
C ILE B 8 -11.22 45.77 -0.72
N ALA B 9 -10.36 45.39 0.22
CA ALA B 9 -10.57 44.15 0.96
C ALA B 9 -11.76 44.22 1.91
N GLU B 10 -12.51 45.32 1.90
CA GLU B 10 -13.76 45.43 2.65
C GLU B 10 -14.85 44.49 2.13
N GLU B 11 -14.52 43.59 1.20
CA GLU B 11 -15.48 42.76 0.49
C GLU B 11 -15.99 41.65 1.40
N ASN B 12 -15.52 41.68 2.65
CA ASN B 12 -15.83 40.65 3.63
C ASN B 12 -15.43 39.28 3.10
N ILE B 13 -14.15 39.15 2.79
CA ILE B 13 -13.60 37.93 2.19
C ILE B 13 -13.48 36.86 3.27
N VAL B 14 -14.11 35.72 3.04
CA VAL B 14 -13.93 34.53 3.88
C VAL B 14 -12.95 33.64 3.14
N SER B 15 -11.69 33.63 3.58
CA SER B 15 -10.63 32.97 2.83
C SER B 15 -10.88 31.48 2.71
N ARG B 16 -10.41 30.90 1.59
CA ARG B 16 -10.52 29.47 1.38
C ARG B 16 -9.55 28.74 2.30
N SER B 17 -10.05 27.71 2.99
CA SER B 17 -9.25 26.98 3.97
C SER B 17 -9.25 25.47 3.79
N GLU B 18 -10.25 24.89 3.12
CA GLU B 18 -10.34 23.44 2.97
C GLU B 18 -9.52 23.02 1.75
N PHE B 19 -6.23 21.59 0.86
CA PHE B 19 -5.44 21.05 -0.25
C PHE B 19 -4.94 19.66 0.10
N PRO B 20 -8.24 19.46 1.81
CA PRO B 20 -7.83 18.08 2.05
C PRO B 20 -7.33 17.42 0.78
N GLU B 21 -6.36 16.53 0.95
CA GLU B 21 -5.88 15.75 -0.19
C GLU B 21 -6.86 14.64 -0.55
N SER B 22 -7.61 14.14 0.43
CA SER B 22 -8.66 13.15 0.18
C SER B 22 -9.79 13.38 1.17
N TRP B 23 -11.00 13.11 0.72
CA TRP B 23 -12.20 13.26 1.55
C TRP B 23 -13.27 12.31 1.01
N LEU B 24 -14.51 12.53 1.44
CA LEU B 24 -15.65 11.72 1.01
C LEU B 24 -15.42 10.24 1.32
N TRP B 25 -14.83 9.96 2.48
CA TRP B 25 -14.59 8.59 2.94
C TRP B 25 -15.88 8.08 3.58
N ASN B 26 -16.86 7.81 2.73
CA ASN B 26 -18.23 7.53 3.15
C ASN B 26 -18.63 6.12 2.75
N VAL B 27 -19.74 5.67 3.36
CA VAL B 27 -20.31 4.35 3.11
C VAL B 27 -21.81 4.53 2.88
N GLU B 28 -22.26 4.20 1.68
CA GLU B 28 -23.67 4.33 1.32
C GLU B 28 -24.24 2.97 0.94
N ASP B 29 -25.55 2.82 1.15
CA ASP B 29 -26.27 1.58 0.87
C ASP B 29 -27.40 1.87 -0.09
N LEU B 30 -27.43 1.14 -1.21
CA LEU B 30 -28.43 1.34 -2.27
C LEU B 30 -29.71 0.62 -1.87
N LYS B 31 -30.50 1.28 -1.03
CA LYS B 31 -31.76 0.73 -0.54
C LYS B 31 -32.95 1.12 -1.40
N GLU B 32 -32.77 2.04 -2.35
CA GLU B 32 -33.88 2.49 -3.16
C GLU B 32 -34.40 1.36 -4.05
N PRO B 33 -35.69 1.37 -4.38
CA PRO B 33 -36.25 0.30 -5.22
C PRO B 33 -35.64 0.31 -6.60
N PRO B 34 -35.20 -0.84 -7.09
CA PRO B 34 -34.49 -0.88 -8.37
C PRO B 34 -35.42 -0.75 -9.56
N LYS B 35 -34.91 -0.09 -10.60
CA LYS B 35 -35.58 0.03 -11.89
C LYS B 35 -34.74 -0.73 -12.91
N ASN B 36 -35.25 -1.86 -13.38
CA ASN B 36 -34.51 -2.77 -14.27
C ASN B 36 -33.24 -3.28 -13.60
N GLY B 37 -33.33 -3.58 -12.31
CA GLY B 37 -32.21 -4.11 -11.55
C GLY B 37 -31.15 -3.10 -11.17
N ILE B 38 -31.42 -1.80 -11.33
CA ILE B 38 -30.45 -0.75 -11.03
C ILE B 38 -31.08 0.22 -10.04
N SER B 39 -30.51 0.30 -8.84
CA SER B 39 -30.92 1.28 -7.86
C SER B 39 -30.09 2.55 -8.01
N THR B 40 -30.77 3.70 -7.95
CA THR B 40 -30.14 5.00 -8.12
C THR B 40 -30.29 5.79 -6.83
N LYS B 41 -29.16 6.11 -6.20
CA LYS B 41 -29.14 6.90 -4.97
C LYS B 41 -28.58 8.27 -5.26
N LEU B 42 -29.35 9.31 -4.95
CA LEU B 42 -28.89 10.68 -5.08
C LEU B 42 -28.28 11.13 -3.77
N MET B 43 -27.12 11.77 -3.85
CA MET B 43 -26.32 12.07 -2.67
C MET B 43 -25.84 13.51 -2.74
N ASN B 44 -26.17 14.31 -1.73
CA ASN B 44 -25.73 15.70 -1.67
C ASN B 44 -24.40 15.77 -0.94
N ILE B 45 -23.39 16.31 -1.63
CA ILE B 45 -22.06 16.51 -1.06
C ILE B 45 -21.72 17.98 -1.14
N PHE B 46 -20.87 18.42 -0.22
CA PHE B 46 -20.38 19.79 -0.19
C PHE B 46 -18.91 19.77 -0.62
N LEU B 47 -18.64 20.37 -1.78
CA LEU B 47 -17.29 20.40 -2.31
C LEU B 47 -16.37 21.21 -1.39
N LYS B 48 -15.11 20.79 -1.33
CA LYS B 48 -14.13 21.47 -0.50
C LYS B 48 -13.60 22.73 -1.20
N ASP B 49 -12.78 23.49 -0.48
CA ASP B 49 -12.32 24.79 -0.97
C ASP B 49 -11.24 24.69 -2.03
N SER B 50 -10.69 23.51 -2.29
CA SER B 50 -9.60 23.37 -3.24
C SER B 50 -10.06 23.71 -4.66
N ILE B 51 -9.16 24.31 -5.43
CA ILE B 51 -9.42 24.67 -6.82
C ILE B 51 -8.57 23.70 -7.64
N THR B 52 -9.18 22.59 -8.00
CA THR B 52 -8.47 21.48 -8.63
C THR B 52 -9.50 20.58 -9.28
N THR B 53 -9.11 19.35 -9.57
CA THR B 53 -10.03 18.32 -10.04
C THR B 53 -10.01 17.18 -9.05
N TRP B 54 -11.19 16.79 -8.59
CA TRP B 54 -11.35 15.66 -7.69
C TRP B 54 -11.63 14.39 -8.48
N GLU B 55 -10.98 13.30 -8.09
CA GLU B 55 -11.26 11.98 -8.65
C GLU B 55 -12.01 11.18 -7.59
N ILE B 56 -13.28 10.88 -7.87
CA ILE B 56 -14.13 10.14 -6.95
C ILE B 56 -14.13 8.69 -7.38
N LEU B 57 -13.73 7.80 -6.47
CA LEU B 57 -13.70 6.37 -6.74
C LEU B 57 -14.73 5.69 -5.85
N ALA B 58 -15.55 4.83 -6.45
CA ALA B 58 -16.55 4.07 -5.72
C ALA B 58 -16.32 2.58 -5.93
N VAL B 59 -16.45 1.82 -4.85
CA VAL B 59 -16.37 0.37 -4.88
C VAL B 59 -17.60 -0.18 -4.19
N SER B 60 -18.28 -1.13 -4.82
CA SER B 60 -19.48 -1.73 -4.28
C SER B 60 -19.23 -3.18 -3.94
N MET B 61 -19.91 -3.65 -2.90
CA MET B 61 -19.91 -5.04 -2.49
C MET B 61 -21.35 -5.50 -2.37
N SER B 62 -21.67 -6.62 -3.02
CA SER B 62 -23.03 -7.13 -3.09
C SER B 62 -23.06 -8.59 -2.67
N ASP B 63 -24.12 -8.97 -1.96
CA ASP B 63 -24.27 -10.36 -1.53
C ASP B 63 -24.41 -11.30 -2.73
N LYS B 64 -25.10 -10.85 -3.77
CA LYS B 64 -25.37 -11.70 -4.93
C LYS B 64 -24.57 -11.32 -6.16
N LYS B 65 -23.87 -10.20 -6.16
CA LYS B 65 -23.09 -9.77 -7.32
C LYS B 65 -21.59 -9.67 -7.07
N GLY B 66 -21.16 -9.59 -5.82
CA GLY B 66 -19.74 -9.53 -5.53
C GLY B 66 -19.17 -8.12 -5.49
N ILE B 67 -17.89 -7.99 -5.79
CA ILE B 67 -17.17 -6.71 -5.68
C ILE B 67 -17.08 -6.09 -7.07
N CYS B 68 -17.29 -4.77 -7.14
CA CYS B 68 -17.23 -4.06 -8.40
C CYS B 68 -16.59 -2.69 -8.16
N VAL B 69 -15.57 -2.37 -8.95
CA VAL B 69 -14.88 -1.10 -8.88
C VAL B 69 -15.37 -0.22 -10.02
N ALA B 70 -16.02 0.89 -9.68
CA ALA B 70 -16.54 1.80 -10.68
C ALA B 70 -15.40 2.54 -11.38
N ASP B 71 -15.71 3.04 -12.57
CA ASP B 71 -14.76 3.91 -13.25
C ASP B 71 -14.70 5.25 -12.50
N PRO B 72 -13.52 5.87 -12.44
CA PRO B 72 -13.40 7.13 -11.69
C PRO B 72 -14.23 8.24 -12.31
N PHE B 73 -14.84 9.04 -11.46
CA PHE B 73 -15.65 10.20 -11.86
C PHE B 73 -14.94 11.48 -11.40
N GLU B 74 -14.72 12.41 -12.32
CA GLU B 74 -13.95 13.61 -12.04
C GLU B 74 -14.86 14.82 -11.91
N VAL B 75 -14.50 15.72 -10.98
CA VAL B 75 -15.21 16.96 -10.74
C VAL B 75 -14.17 18.08 -10.67
N THR B 76 -14.29 19.06 -11.56
CA THR B 76 -13.37 20.19 -11.63
C THR B 76 -13.99 21.41 -10.96
N VAL B 77 -13.23 22.01 -10.05
CA VAL B 77 -13.69 23.16 -9.27
C VAL B 77 -12.77 24.34 -9.60
N MET B 78 -13.37 25.44 -10.05
CA MET B 78 -12.56 26.56 -10.53
C MET B 78 -13.29 27.88 -10.33
N GLN B 79 -12.52 28.97 -10.38
CA GLN B 79 -13.03 30.33 -10.36
C GLN B 79 -12.27 31.14 -11.40
N ASP B 80 -12.80 32.32 -11.72
CA ASP B 80 -12.12 33.20 -12.66
C ASP B 80 -10.97 33.95 -12.02
N PHE B 81 -11.33 34.23 -11.26
CA PHE B 81 -10.28 34.93 -10.54
C PHE B 81 -10.09 34.25 -9.20
N PHE B 82 -8.84 33.92 -8.87
CA PHE B 82 -8.57 33.25 -7.62
C PHE B 82 -7.09 33.33 -7.29
N ILE B 83 -6.79 33.12 -6.02
CA ILE B 83 -5.42 33.10 -5.50
C ILE B 83 -4.97 31.66 -5.36
N ASP B 84 -3.73 31.39 -5.74
CA ASP B 84 -3.08 30.12 -5.47
C ASP B 84 -1.86 30.42 -4.60
N LEU B 85 -1.99 30.13 -3.30
CA LEU B 85 -0.92 30.38 -2.33
C LEU B 85 0.07 29.23 -2.40
N ARG B 86 1.16 29.41 -3.14
CA ARG B 86 2.19 28.38 -3.29
C ARG B 86 3.05 28.37 -2.03
N LEU B 87 2.64 27.57 -1.06
CA LEU B 87 3.26 27.49 0.25
C LEU B 87 4.12 26.24 0.33
N PRO B 88 5.35 26.34 0.83
CA PRO B 88 6.18 25.13 0.97
C PRO B 88 5.66 24.24 2.09
N TYR B 89 6.14 23.00 2.09
CA TYR B 89 5.70 22.04 3.11
C TYR B 89 6.12 22.48 4.49
N SER B 90 7.40 22.83 4.66
CA SER B 90 7.92 23.23 5.96
C SER B 90 8.86 24.42 5.78
N VAL B 91 9.05 25.17 6.87
CA VAL B 91 9.99 26.28 6.91
C VAL B 91 10.75 26.21 8.23
N VAL B 92 12.07 26.43 8.17
CA VAL B 92 12.88 26.42 9.38
C VAL B 92 12.63 27.70 10.18
N ARG B 93 12.54 27.53 11.50
CA ARG B 93 12.30 28.68 12.39
C ARG B 93 13.39 29.73 12.23
N ASN B 94 12.96 30.99 12.11
CA ASN B 94 13.78 32.20 12.04
C ASN B 94 14.55 32.32 10.73
N GLU B 95 14.26 31.49 9.74
CA GLU B 95 14.88 31.60 8.43
C GLU B 95 13.95 32.39 7.50
N GLN B 96 14.52 33.35 6.78
CA GLN B 96 13.72 34.21 5.90
C GLN B 96 13.49 33.50 4.58
N VAL B 97 12.21 33.44 4.17
CA VAL B 97 11.82 32.79 2.92
C VAL B 97 10.90 33.72 2.16
N GLU B 98 10.73 33.42 0.88
CA GLU B 98 9.82 34.14 -0.01
C GLU B 98 8.77 33.16 -0.52
N ILE B 99 7.52 33.36 -0.11
CA ILE B 99 6.41 32.57 -0.63
C ILE B 99 5.86 33.27 -1.87
N ARG B 100 4.99 32.59 -2.60
CA ARG B 100 4.42 33.12 -3.83
C ARG B 100 2.90 32.97 -3.78
N ALA B 101 2.20 34.09 -3.85
CA ALA B 101 0.74 34.09 -4.01
C ALA B 101 0.46 34.38 -5.49
N VAL B 102 0.10 33.35 -6.23
CA VAL B 102 -0.16 33.47 -7.66
C VAL B 102 -1.63 33.81 -7.86
N LEU B 103 -1.89 34.93 -8.53
CA LEU B 103 -3.25 35.37 -8.82
C LEU B 103 -3.56 35.10 -10.29
N TYR B 104 -4.67 34.39 -10.54
CA TYR B 104 -5.04 33.97 -11.88
C TYR B 104 -6.21 34.78 -12.39
N ASN B 105 -6.12 35.20 -13.66
CA ASN B 105 -7.17 35.95 -14.34
C ASN B 105 -7.51 35.20 -15.63
N TYR B 106 -8.61 34.45 -15.61
CA TYR B 106 -9.07 33.71 -16.78
C TYR B 106 -10.20 34.42 -17.50
N ARG B 107 -10.38 35.72 -17.26
CA ARG B 107 -11.26 36.52 -18.11
C ARG B 107 -10.73 36.52 -19.54
N GLN B 108 -11.65 36.57 -20.51
CA GLN B 108 -11.24 36.40 -21.90
C GLN B 108 -10.52 37.64 -22.43
N ASN B 109 -11.04 38.84 -22.16
CA ASN B 109 -10.44 40.05 -22.70
C ASN B 109 -10.59 41.21 -21.73
N GLN B 110 -10.49 40.95 -20.43
CA GLN B 110 -10.59 41.97 -19.40
C GLN B 110 -9.32 41.97 -18.57
N GLU B 111 -8.65 43.12 -18.51
CA GLU B 111 -7.44 43.28 -17.73
C GLU B 111 -7.81 43.76 -16.33
N LEU B 112 -7.43 42.99 -15.31
CA LEU B 112 -7.88 43.24 -13.95
C LEU B 112 -6.89 44.11 -13.18
N LYS B 113 -7.44 44.98 -12.34
CA LYS B 113 -6.69 45.79 -11.40
C LYS B 113 -7.07 45.32 -10.00
N VAL B 114 -6.15 44.62 -9.34
CA VAL B 114 -6.44 43.92 -8.09
C VAL B 114 -5.68 44.57 -6.95
N ARG B 115 -6.33 44.67 -5.79
CA ARG B 115 -5.69 45.08 -4.55
C ARG B 115 -5.50 43.84 -3.69
N VAL B 116 -4.24 43.44 -3.50
CA VAL B 116 -3.89 42.22 -2.78
C VAL B 116 -3.14 42.59 -1.51
N GLU B 117 -3.43 41.86 -0.43
CA GLU B 117 -2.91 42.19 0.89
C GLU B 117 -2.49 40.91 1.62
N LEU B 118 -1.31 40.97 2.24
CA LEU B 118 -0.85 39.90 3.12
C LEU B 118 -1.22 40.26 4.56
N LEU B 119 -2.04 39.42 5.18
CA LEU B 119 -2.55 39.72 6.51
C LEU B 119 -1.48 39.48 7.57
N HIS B 120 -1.50 40.30 8.61
CA HIS B 120 -0.49 40.21 9.66
C HIS B 120 -0.72 39.00 10.53
N ASN B 121 0.38 38.37 10.95
CA ASN B 121 0.36 37.24 11.88
C ASN B 121 1.51 37.40 12.86
N PRO B 122 1.22 37.46 14.17
CA PRO B 122 2.30 37.62 15.16
C PRO B 122 3.32 36.48 15.14
N ALA B 123 2.97 35.33 14.56
CA ALA B 123 3.91 34.22 14.43
C ALA B 123 4.94 34.44 13.31
N PHE B 124 4.75 35.45 12.48
CA PHE B 124 5.65 35.73 11.37
C PHE B 124 6.17 37.15 11.47
N CYS B 125 7.31 37.38 10.83
CA CYS B 125 7.91 38.69 10.73
C CYS B 125 7.85 39.10 9.26
N SER B 126 7.04 40.10 8.95
CA SER B 126 6.85 40.56 7.59
C SER B 126 6.69 42.07 7.61
N LEU B 127 6.36 42.64 6.46
CA LEU B 127 6.07 44.06 6.39
C LEU B 127 4.72 44.41 7.01
N ALA B 128 3.84 43.43 7.19
CA ALA B 128 2.56 43.66 7.83
C ALA B 128 2.73 43.57 9.35
N THR B 129 2.39 44.66 10.04
CA THR B 129 2.43 44.71 11.50
C THR B 129 1.01 44.92 12.03
N THR B 130 0.91 45.14 13.35
CA THR B 130 -0.39 45.35 13.96
C THR B 130 -0.99 46.71 13.62
N LYS B 131 -0.15 47.67 13.22
CA LYS B 131 -0.62 49.01 12.87
C LYS B 131 -0.38 49.35 11.41
N ARG B 132 0.12 48.42 10.61
CA ARG B 132 0.42 48.68 9.21
C ARG B 132 0.05 47.47 8.37
N ARG B 133 -0.61 47.72 7.23
CA ARG B 133 -1.04 46.68 6.32
C ARG B 133 -0.09 46.60 5.12
N HIS B 134 0.13 45.39 4.63
CA HIS B 134 0.96 45.17 3.44
C HIS B 134 0.03 45.02 2.24
N GLN B 135 -0.49 46.16 1.78
CA GLN B 135 -1.38 46.21 0.62
C GLN B 135 -0.64 46.75 -0.59
N GLN B 136 -1.02 46.25 -1.77
CA GLN B 136 -0.45 46.70 -3.02
C GLN B 136 -1.44 46.43 -4.14
N THR B 137 -1.34 47.24 -5.19
CA THR B 137 -2.21 47.13 -6.36
C THR B 137 -1.40 46.57 -7.52
N VAL B 138 -1.92 45.51 -8.15
CA VAL B 138 -1.25 44.87 -9.27
C VAL B 138 -2.20 44.83 -10.46
N THR B 139 -1.62 44.58 -11.63
CA THR B 139 -2.36 44.48 -12.88
C THR B 139 -2.15 43.09 -13.47
N ILE B 140 -3.24 42.42 -13.83
CA ILE B 140 -3.17 41.09 -14.41
C ILE B 140 -3.80 41.13 -15.80
N PRO B 141 -3.02 40.98 -16.87
CA PRO B 141 -3.60 40.92 -18.21
C PRO B 141 -4.52 39.73 -18.35
N PRO B 142 -5.42 39.74 -19.34
CA PRO B 142 -6.37 38.63 -19.47
C PRO B 142 -5.68 37.34 -19.86
N LYS B 143 -6.24 36.23 -19.37
CA LYS B 143 -5.72 34.88 -19.64
C LYS B 143 -4.27 34.75 -19.21
N SER B 144 -3.88 35.45 -18.16
CA SER B 144 -2.52 35.42 -17.64
C SER B 144 -2.56 35.31 -16.12
N SER B 145 -1.38 35.22 -15.52
CA SER B 145 -1.27 35.21 -14.07
C SER B 145 -0.11 36.09 -13.65
N LEU B 146 -0.11 36.48 -12.39
CA LEU B 146 0.97 37.28 -11.82
C LEU B 146 1.33 36.71 -10.46
N SER B 147 2.61 36.48 -10.23
CA SER B 147 3.10 35.98 -8.95
C SER B 147 3.44 37.17 -8.06
N VAL B 148 2.82 37.21 -6.88
CA VAL B 148 3.03 38.30 -5.92
C VAL B 148 3.97 37.77 -4.84
N PRO B 149 5.24 38.19 -4.82
CA PRO B 149 6.16 37.65 -3.81
C PRO B 149 5.90 38.27 -2.44
N TYR B 150 6.02 37.44 -1.40
CA TYR B 150 5.90 37.89 -0.02
C TYR B 150 7.07 37.34 0.78
N VAL B 151 7.77 38.22 1.48
CA VAL B 151 8.93 37.86 2.29
C VAL B 151 8.50 37.78 3.75
N ILE B 152 8.70 36.63 4.37
CA ILE B 152 8.29 36.40 5.75
C ILE B 152 9.39 35.67 6.50
N VAL B 153 9.32 35.75 7.83
CA VAL B 153 10.22 35.01 8.72
C VAL B 153 9.38 34.36 9.82
N PRO B 154 9.30 33.03 9.85
CA PRO B 154 8.54 32.39 10.93
C PRO B 154 9.27 32.54 12.26
N LEU B 155 8.50 32.83 13.31
CA LEU B 155 9.06 33.14 14.61
C LEU B 155 8.76 32.10 15.68
N LYS B 156 7.82 31.20 15.46
CA LYS B 156 7.49 30.17 16.43
C LYS B 156 7.19 28.86 15.71
N THR B 157 7.62 27.75 16.31
CA THR B 157 7.44 26.45 15.70
C THR B 157 5.98 26.02 15.78
N GLY B 158 5.66 24.99 15.02
CA GLY B 158 4.34 24.43 14.96
C GLY B 158 3.65 24.75 13.66
N LEU B 159 2.38 24.38 13.59
CA LEU B 159 1.56 24.64 12.41
C LEU B 159 1.14 26.11 12.43
N GLN B 160 1.76 26.91 11.57
CA GLN B 160 1.46 28.34 11.47
C GLN B 160 0.75 28.64 10.17
N GLU B 161 0.02 29.75 10.17
CA GLU B 161 -0.98 30.03 9.14
C GLU B 161 -0.65 31.30 8.38
N VAL B 162 -0.83 31.25 7.06
CA VAL B 162 -0.60 32.38 6.17
C VAL B 162 -1.89 32.64 5.39
N GLU B 163 -2.36 33.89 5.42
CA GLU B 163 -3.60 34.26 4.77
C GLU B 163 -3.38 35.45 3.84
N VAL B 164 -3.86 35.33 2.61
CA VAL B 164 -3.73 36.37 1.60
C VAL B 164 -5.10 36.66 1.02
N LYS B 165 -5.52 37.92 1.07
CA LYS B 165 -6.80 38.34 0.54
C LYS B 165 -6.59 39.25 -0.67
N ALA B 166 -7.57 39.22 -1.58
CA ALA B 166 -7.51 40.04 -2.78
C ALA B 166 -8.91 40.40 -3.23
N ALA B 167 -9.06 41.60 -3.76
CA ALA B 167 -10.32 42.09 -4.30
C ALA B 167 -10.03 42.97 -5.50
N VAL B 168 -10.79 42.77 -6.56
CA VAL B 168 -10.54 43.47 -7.82
C VAL B 168 -11.26 44.81 -7.82
N TYR B 169 -10.64 45.79 -8.44
CA TYR B 169 -11.26 47.10 -8.62
C TYR B 169 -12.36 47.01 -9.69
N HIS B 170 -13.44 47.75 -9.46
CA HIS B 170 -14.52 47.99 -10.41
C HIS B 170 -15.29 46.71 -10.77
N HIS B 171 -15.06 45.61 -10.07
CA HIS B 171 -15.87 44.42 -10.17
C HIS B 171 -16.10 43.87 -8.78
N PHE B 172 -17.29 43.32 -8.54
CA PHE B 172 -17.62 42.73 -7.24
C PHE B 172 -17.12 41.29 -7.16
N ILE B 173 -15.80 41.14 -7.30
CA ILE B 173 -15.13 39.85 -7.27
C ILE B 173 -14.02 39.89 -6.24
N SER B 174 -14.00 38.90 -5.35
CA SER B 174 -13.00 38.83 -4.29
C SER B 174 -12.63 37.38 -4.05
N ASP B 175 -11.50 37.18 -3.36
CA ASP B 175 -11.02 35.84 -3.05
C ASP B 175 -10.03 35.92 -1.91
N GLY B 176 -9.92 34.82 -1.16
CA GLY B 176 -8.96 34.72 -0.08
C GLY B 176 -8.51 33.30 0.15
N VAL B 177 -7.21 33.13 0.43
CA VAL B 177 -6.63 31.81 0.67
C VAL B 177 -5.95 31.84 2.03
N ARG B 178 -6.21 30.80 2.83
CA ARG B 178 -5.68 30.69 4.19
C ARG B 178 -5.14 29.27 4.36
N LYS B 179 -3.88 29.06 3.98
CA LYS B 179 -3.21 27.79 4.15
C LYS B 179 -2.23 27.85 5.32
N SER B 180 -1.67 26.69 5.66
CA SER B 180 -0.77 26.58 6.80
C SER B 180 0.44 25.74 6.42
N LEU B 181 1.59 26.10 6.98
CA LEU B 181 2.82 25.33 6.83
C LEU B 181 3.36 24.95 8.20
N LYS B 182 4.31 24.02 8.20
CA LYS B 182 4.95 23.54 9.42
C LYS B 182 6.25 24.31 9.65
N VAL B 183 6.40 24.84 10.86
CA VAL B 183 7.63 25.53 11.25
C VAL B 183 8.44 24.56 12.09
N VAL B 184 9.55 24.11 11.55
CA VAL B 184 10.41 23.09 12.18
C VAL B 184 11.62 23.80 12.77
N PRO B 185 12.09 23.39 13.95
CA PRO B 185 13.29 24.01 14.54
C PRO B 185 14.53 23.78 13.69
N GLU B 186 16.19 25.55 13.99
CA GLU B 186 17.23 25.64 12.97
C GLU B 186 18.01 24.34 12.76
N GLY B 187 17.75 23.32 13.56
CA GLY B 187 18.48 22.08 13.47
C GLY B 187 18.01 21.18 12.35
N ILE B 188 18.57 19.97 12.33
CA ILE B 188 18.22 18.94 11.36
C ILE B 188 17.83 17.68 12.12
N ARG B 189 16.80 16.99 11.63
CA ARG B 189 16.37 15.75 12.26
C ARG B 189 17.50 14.73 12.25
N MET B 190 17.67 14.05 13.37
CA MET B 190 18.74 13.07 13.54
C MET B 190 18.26 12.00 14.50
N ASN B 191 18.70 10.77 14.28
CA ASN B 191 18.32 9.64 15.13
C ASN B 191 19.56 9.00 15.73
N LYS B 192 19.44 8.63 17.00
CA LYS B 192 20.51 7.97 17.76
C LYS B 192 19.96 6.73 18.44
N THR B 193 20.83 5.75 18.63
CA THR B 193 20.46 4.49 19.27
C THR B 193 20.67 4.60 20.78
N VAL B 194 19.61 4.38 21.54
CA VAL B 194 19.69 4.50 23.00
C VAL B 194 20.22 3.22 23.63
N ALA B 195 19.73 2.06 23.19
CA ALA B 195 20.14 0.80 23.79
C ALA B 195 19.77 -0.35 22.87
N VAL B 196 20.59 -1.40 22.91
CA VAL B 196 20.32 -2.68 22.23
C VAL B 196 20.62 -3.76 23.25
N ARG B 197 19.58 -4.27 23.91
CA ARG B 197 19.70 -5.29 24.94
C ARG B 197 19.03 -6.57 24.47
N THR B 198 19.77 -7.67 24.48
CA THR B 198 19.21 -8.96 24.08
C THR B 198 18.49 -9.61 25.26
N LEU B 199 17.28 -10.09 25.01
CA LEU B 199 16.44 -10.67 26.04
C LEU B 199 16.60 -12.20 26.03
N ASP B 200 16.96 -12.75 27.19
CA ASP B 200 17.08 -14.21 27.35
C ASP B 200 16.85 -14.52 28.82
N PRO B 201 15.60 -14.68 29.23
CA PRO B 201 15.29 -14.82 30.66
C PRO B 201 15.86 -16.07 31.29
N GLU B 202 16.14 -17.11 30.52
CA GLU B 202 16.69 -18.35 31.06
C GLU B 202 18.23 -18.37 31.02
N ARG B 203 18.86 -17.23 30.74
CA ARG B 203 20.31 -17.14 30.72
C ARG B 203 20.75 -15.90 31.46
N LEU B 204 19.93 -14.85 31.40
CA LEU B 204 20.14 -13.63 32.15
C LEU B 204 19.05 -13.49 33.20
N GLY B 205 19.25 -12.53 34.11
CA GLY B 205 18.29 -12.36 35.18
C GLY B 205 18.33 -13.50 36.18
N ARG B 206 17.33 -13.51 37.06
CA ARG B 206 17.23 -14.50 38.12
C ARG B 206 15.80 -14.97 38.25
N GLU B 207 15.64 -16.13 38.92
CA GLU B 207 14.34 -16.76 39.22
C GLU B 207 13.40 -16.78 38.01
N GLY B 208 13.96 -16.80 36.80
CA GLY B 208 13.17 -16.91 35.60
C GLY B 208 12.72 -15.59 34.99
N VAL B 209 12.98 -14.46 35.64
CA VAL B 209 12.62 -13.15 35.12
C VAL B 209 13.89 -12.37 34.82
N GLN B 210 13.78 -11.42 33.89
CA GLN B 210 14.89 -10.56 33.50
C GLN B 210 14.40 -9.13 33.48
N LYS B 211 14.93 -8.31 34.38
CA LYS B 211 14.59 -6.89 34.44
C LYS B 211 15.68 -6.08 33.78
N GLU B 212 15.29 -5.21 32.85
CA GLU B 212 16.22 -4.38 32.10
C GLU B 212 15.77 -2.93 32.21
N ASP B 213 16.49 -2.14 32.99
CA ASP B 213 16.19 -0.72 33.14
C ASP B 213 16.81 0.06 31.99
N ILE B 214 15.98 0.79 31.25
CA ILE B 214 16.44 1.54 30.09
C ILE B 214 16.76 2.97 30.53
N PRO B 215 17.92 3.51 30.18
CA PRO B 215 18.20 4.91 30.48
C PRO B 215 17.46 5.82 29.52
N PRO B 216 17.07 7.02 29.96
CA PRO B 216 16.44 7.98 29.06
C PRO B 216 17.38 8.39 27.95
N ALA B 217 16.82 9.09 26.95
CA ALA B 217 17.60 9.48 25.78
C ALA B 217 18.80 10.34 26.18
N ASP B 218 19.99 9.90 25.79
CA ASP B 218 21.25 10.51 26.19
C ASP B 218 21.71 11.59 25.22
N LEU B 219 20.78 12.36 24.65
CA LEU B 219 21.16 13.36 23.66
C LEU B 219 21.94 14.50 24.32
N SER B 220 22.94 15.01 23.61
CA SER B 220 23.66 16.20 24.02
C SER B 220 23.79 17.22 22.90
N ASP B 221 23.21 16.94 21.74
CA ASP B 221 23.21 17.84 20.60
C ASP B 221 21.83 18.43 20.35
N GLN B 222 20.87 18.18 21.24
CA GLN B 222 19.49 18.56 21.01
C GLN B 222 19.32 20.08 21.06
N VAL B 223 18.53 20.60 20.14
CA VAL B 223 18.12 22.00 20.22
C VAL B 223 17.27 22.20 21.46
N PRO B 224 17.53 23.22 22.29
CA PRO B 224 16.77 23.38 23.53
C PRO B 224 15.28 23.59 23.27
N ASP B 225 14.46 22.95 24.11
CA ASP B 225 13.01 23.05 24.05
C ASP B 225 12.46 22.54 22.72
N THR B 226 12.84 21.31 22.38
CA THR B 226 12.32 20.64 21.19
C THR B 226 11.82 19.26 21.58
N GLU B 227 10.87 18.74 20.79
CA GLU B 227 10.26 17.46 21.08
C GLU B 227 11.16 16.31 20.60
N SER B 228 11.15 15.22 21.37
CA SER B 228 11.83 13.99 21.00
C SER B 228 10.86 12.82 21.18
N GLU B 229 10.95 11.85 20.28
CA GLU B 229 10.11 10.65 20.32
C GLU B 229 10.99 9.43 20.47
N THR B 230 10.71 8.62 21.48
CA THR B 230 11.45 7.39 21.74
C THR B 230 10.62 6.20 21.28
N ARG B 231 11.18 5.39 20.40
CA ARG B 231 10.50 4.24 19.81
C ARG B 231 11.04 2.97 20.43
N ILE B 232 10.17 2.23 21.11
CA ILE B 232 10.54 0.96 21.74
C ILE B 232 10.15 -0.17 20.81
N LEU B 233 11.13 -0.96 20.38
CA LEU B 233 10.90 -2.04 19.43
C LEU B 233 11.18 -3.38 20.11
N LEU B 234 10.11 -4.06 20.54
CA LEU B 234 10.20 -5.43 21.01
C LEU B 234 10.05 -6.37 19.82
N GLN B 235 11.06 -7.21 19.60
CA GLN B 235 11.05 -8.11 18.46
C GLN B 235 11.61 -9.46 18.88
N GLY B 236 10.83 -10.52 18.65
CA GLY B 236 11.31 -11.86 18.95
C GLY B 236 12.29 -12.34 17.91
N THR B 237 13.30 -13.07 18.36
CA THR B 237 14.31 -13.61 17.46
C THR B 237 13.98 -15.07 17.17
N PRO B 238 13.49 -15.41 15.98
CA PRO B 238 13.17 -16.81 15.69
C PRO B 238 14.43 -17.62 15.46
N VAL B 239 14.40 -18.86 15.94
CA VAL B 239 15.51 -19.80 15.75
C VAL B 239 14.93 -21.10 15.20
N ALA B 240 15.76 -21.81 14.44
CA ALA B 240 15.33 -23.05 13.79
C ALA B 240 16.33 -24.16 14.08
N GLN B 241 13.31 -24.41 19.42
CA GLN B 241 14.30 -25.37 19.86
C GLN B 241 14.85 -26.14 18.66
N MET B 242 16.13 -26.49 18.74
CA MET B 242 16.76 -27.25 17.67
C MET B 242 16.31 -28.71 17.72
N THR B 243 16.04 -29.27 16.55
CA THR B 243 15.69 -30.67 16.40
C THR B 243 16.49 -31.28 15.27
N GLU B 244 16.85 -32.56 15.42
CA GLU B 244 17.66 -33.25 14.44
C GLU B 244 16.82 -33.63 13.23
N ASP B 245 17.41 -33.46 12.04
CA ASP B 245 16.69 -33.70 10.79
C ASP B 245 16.33 -35.17 10.64
N ALA B 246 15.27 -35.42 9.89
CA ALA B 246 14.88 -36.79 9.56
C ALA B 246 15.79 -37.35 8.46
N VAL B 247 15.86 -38.68 8.41
CA VAL B 247 16.68 -39.34 7.39
C VAL B 247 16.06 -39.10 6.01
N ASP B 248 16.91 -38.76 5.05
CA ASP B 248 16.44 -38.53 3.69
C ASP B 248 15.82 -39.80 3.11
N ALA B 249 14.59 -39.66 2.59
CA ALA B 249 13.87 -40.82 2.07
C ALA B 249 14.54 -41.43 0.85
N GLU B 250 15.47 -40.73 0.21
CA GLU B 250 16.18 -41.32 -0.93
C GLU B 250 17.05 -42.48 -0.50
N ARG B 251 17.57 -42.45 0.72
CA ARG B 251 18.36 -43.54 1.25
C ARG B 251 17.52 -44.73 1.71
N LEU B 252 16.20 -44.57 1.76
CA LEU B 252 15.29 -45.61 2.25
C LEU B 252 14.47 -46.24 1.13
N LYS B 253 14.84 -46.02 -0.12
CA LYS B 253 14.06 -46.56 -1.23
C LYS B 253 14.15 -48.07 -1.33
N HIS B 254 15.16 -48.68 -0.73
CA HIS B 254 15.39 -50.11 -0.83
C HIS B 254 14.63 -50.92 0.21
N LEU B 255 13.82 -50.27 1.06
CA LEU B 255 13.08 -50.96 2.10
C LEU B 255 11.72 -51.46 1.63
N ILE B 256 11.35 -51.22 0.37
CA ILE B 256 10.09 -51.69 -0.16
C ILE B 256 10.34 -53.10 -0.71
N VAL B 257 9.87 -54.10 0.02
CA VAL B 257 10.18 -55.50 -0.26
C VAL B 257 8.89 -56.29 -0.40
N THR B 258 8.85 -57.18 -1.40
CA THR B 258 7.74 -58.12 -1.58
C THR B 258 7.94 -59.31 -0.65
N PRO B 259 7.12 -59.44 0.40
CA PRO B 259 7.34 -60.52 1.37
C PRO B 259 6.99 -61.89 0.80
N SER B 260 7.88 -62.85 1.03
CA SER B 260 7.68 -64.22 0.55
C SER B 260 8.34 -65.17 1.53
N GLY B 261 8.18 -66.47 1.28
CA GLY B 261 8.78 -67.49 2.11
C GLY B 261 7.82 -68.04 3.14
N CYS B 262 8.40 -68.76 4.09
CA CYS B 262 7.62 -69.44 5.12
C CYS B 262 7.39 -68.50 6.31
N GLY B 263 7.11 -69.06 7.49
CA GLY B 263 6.65 -68.24 8.60
C GLY B 263 7.70 -67.27 9.09
N GLU B 264 8.97 -67.67 9.02
CA GLU B 264 10.05 -66.77 9.39
C GLU B 264 10.54 -65.94 8.23
N GLU B 265 10.51 -66.47 7.00
CA GLU B 265 10.99 -65.72 5.86
C GLU B 265 10.00 -64.64 5.42
N ASN B 266 8.71 -64.84 5.70
CA ASN B 266 7.72 -63.84 5.33
C ASN B 266 7.83 -62.60 6.21
N MET B 267 8.13 -62.78 7.49
CA MET B 267 8.32 -61.65 8.38
C MET B 267 9.60 -60.88 8.09
N ILE B 268 10.58 -61.51 7.44
CA ILE B 268 11.81 -60.81 7.09
C ILE B 268 11.56 -59.81 5.97
N GLY B 269 10.72 -60.18 5.00
CA GLY B 269 10.37 -59.25 3.94
C GLY B 269 9.27 -58.27 4.32
N MET B 270 8.45 -58.62 5.31
CA MET B 270 7.39 -57.73 5.77
C MET B 270 7.92 -56.62 6.67
N THR B 271 9.05 -56.86 7.35
CA THR B 271 9.54 -55.87 8.30
C THR B 271 9.97 -54.57 7.64
N PRO B 272 10.84 -54.56 6.62
CA PRO B 272 11.31 -53.27 6.08
C PRO B 272 10.22 -52.48 5.39
N THR B 273 9.13 -53.11 4.97
CA THR B 273 8.06 -52.41 4.28
C THR B 273 7.07 -51.76 5.25
N VAL B 274 6.78 -52.44 6.37
CA VAL B 274 5.88 -51.86 7.36
C VAL B 274 6.56 -50.71 8.08
N ILE B 275 7.85 -50.86 8.41
CA ILE B 275 8.55 -49.81 9.14
C ILE B 275 8.89 -48.64 8.24
N ALA B 276 8.99 -48.86 6.92
CA ALA B 276 9.26 -47.74 6.02
C ALA B 276 8.02 -46.87 5.85
N VAL B 277 6.86 -47.51 5.62
CA VAL B 277 5.61 -46.76 5.53
C VAL B 277 5.33 -46.03 6.84
N HIS B 278 5.60 -46.69 7.97
CA HIS B 278 5.36 -46.07 9.27
C HIS B 278 6.25 -44.84 9.45
N TYR B 279 7.52 -44.93 9.04
CA TYR B 279 8.43 -43.80 9.21
C TYR B 279 8.14 -42.69 8.20
N LEU B 280 7.77 -43.08 6.97
CA LEU B 280 7.46 -42.06 5.96
C LEU B 280 6.12 -41.39 6.21
N ASP B 281 5.17 -42.09 6.83
CA ASP B 281 3.90 -41.46 7.18
C ASP B 281 4.08 -40.43 8.29
N GLU B 282 4.95 -40.73 9.25
CA GLU B 282 5.17 -39.80 10.37
C GLU B 282 5.93 -38.57 9.93
N THR B 283 6.97 -38.76 9.11
CA THR B 283 7.77 -37.63 8.64
C THR B 283 7.17 -36.93 7.43
N GLU B 284 6.20 -37.57 6.77
CA GLU B 284 5.50 -36.97 5.62
C GLU B 284 6.49 -36.59 4.51
N GLN B 285 7.38 -37.52 4.19
CA GLN B 285 8.33 -37.33 3.10
C GLN B 285 7.84 -37.96 1.79
N TRP B 286 6.56 -38.30 1.70
CA TRP B 286 6.03 -38.92 0.50
C TRP B 286 6.06 -37.97 -0.69
N GLU B 287 5.96 -36.66 -0.44
CA GLU B 287 6.02 -35.70 -1.54
C GLU B 287 7.38 -35.71 -2.22
N LYS B 288 8.45 -35.78 -1.43
CA LYS B 288 9.81 -35.83 -1.96
C LYS B 288 10.26 -37.25 -2.31
N PHE B 289 9.38 -38.24 -2.12
CA PHE B 289 9.70 -39.63 -2.41
C PHE B 289 8.86 -40.24 -3.51
N GLY B 290 7.67 -39.72 -3.77
CA GLY B 290 6.78 -40.29 -4.75
C GLY B 290 5.46 -40.71 -4.14
N LEU B 291 4.44 -39.85 -4.28
CA LEU B 291 3.15 -40.13 -3.68
C LEU B 291 2.51 -41.38 -4.25
N GLU B 292 2.83 -41.72 -5.51
CA GLU B 292 2.24 -42.90 -6.14
C GLU B 292 2.73 -44.19 -5.50
N LYS B 293 3.95 -44.18 -4.96
CA LYS B 293 4.54 -45.40 -4.41
C LYS B 293 3.90 -45.84 -3.09
N ARG B 294 3.13 -44.95 -2.45
CA ARG B 294 2.59 -45.26 -1.13
C ARG B 294 1.57 -46.40 -1.20
N GLN B 295 0.75 -46.43 -2.24
CA GLN B 295 -0.27 -47.46 -2.34
C GLN B 295 0.32 -48.82 -2.69
N GLY B 296 1.38 -48.85 -3.50
CA GLY B 296 1.97 -50.13 -3.87
C GLY B 296 2.58 -50.84 -2.68
N ALA B 297 3.30 -50.12 -1.83
CA ALA B 297 3.84 -50.71 -0.61
C ALA B 297 2.73 -51.07 0.37
N LEU B 298 1.64 -50.30 0.38
CA LEU B 298 0.51 -50.63 1.24
C LEU B 298 -0.09 -51.98 0.87
N GLU B 299 -0.01 -52.36 -0.41
CA GLU B 299 -0.48 -53.68 -0.82
C GLU B 299 0.51 -54.77 -0.48
N LEU B 300 1.80 -54.43 -0.43
CA LEU B 300 2.80 -55.40 0.01
C LEU B 300 2.70 -55.65 1.51
N ILE B 301 2.24 -54.67 2.28
CA ILE B 301 1.97 -54.89 3.70
C ILE B 301 0.77 -55.81 3.88
N LYS B 302 -0.27 -55.61 3.08
CA LYS B 302 -1.40 -56.53 3.09
C LYS B 302 -0.96 -57.93 2.64
N LYS B 303 -0.07 -57.99 1.65
CA LYS B 303 0.43 -59.28 1.19
C LYS B 303 1.24 -59.99 2.26
N GLY B 304 1.91 -59.23 3.13
CA GLY B 304 2.64 -59.86 4.22
C GLY B 304 1.73 -60.39 5.31
N TYR B 305 0.71 -59.60 5.69
CA TYR B 305 -0.24 -60.06 6.69
C TYR B 305 -1.09 -61.22 6.17
N THR B 306 -1.34 -61.27 4.86
CA THR B 306 -2.13 -62.35 4.30
C THR B 306 -1.38 -63.68 4.35
N GLN B 307 -0.10 -63.66 4.02
CA GLN B 307 0.71 -64.87 3.95
C GLN B 307 1.28 -65.28 5.30
N GLN B 308 1.21 -64.41 6.31
CA GLN B 308 1.66 -64.79 7.65
C GLN B 308 0.60 -65.59 8.39
N LEU B 309 -0.68 -65.40 8.07
CA LEU B 309 -1.74 -66.20 8.68
C LEU B 309 -1.71 -67.65 8.21
N ALA B 310 -1.10 -67.92 7.05
CA ALA B 310 -0.93 -69.30 6.60
C ALA B 310 -0.03 -70.10 7.52
N PHE B 311 0.80 -69.43 8.32
CA PHE B 311 1.67 -70.09 9.28
C PHE B 311 1.29 -69.78 10.73
N ARG B 312 0.13 -69.19 10.95
CA ARG B 312 -0.41 -69.01 12.29
C ARG B 312 -1.01 -70.35 12.73
N GLN B 313 -0.40 -70.97 13.74
CA GLN B 313 -0.87 -72.26 14.20
C GLN B 313 -2.26 -72.12 14.84
N PRO B 314 -3.07 -73.19 14.82
CA PRO B 314 -4.40 -73.11 15.42
C PRO B 314 -4.40 -72.78 16.90
N SER B 315 -3.25 -72.91 17.57
CA SER B 315 -3.12 -72.53 18.97
C SER B 315 -2.82 -71.05 19.17
N SER B 316 -3.10 -70.23 18.16
CA SER B 316 -2.83 -68.79 18.18
C SER B 316 -1.36 -68.49 18.47
N ALA B 317 -0.47 -69.34 17.98
CA ALA B 317 0.97 -69.15 18.09
C ALA B 317 1.59 -69.12 16.69
N PHE B 318 2.87 -68.79 16.63
CA PHE B 318 3.57 -68.63 15.36
C PHE B 318 4.83 -69.48 15.34
N ALA B 319 5.01 -70.22 14.24
CA ALA B 319 6.20 -71.02 14.03
C ALA B 319 6.59 -70.92 12.55
N ALA B 320 7.77 -71.45 12.22
CA ALA B 320 8.25 -71.38 10.85
C ALA B 320 7.37 -72.21 9.91
N PHE B 321 6.94 -73.38 10.36
CA PHE B 321 6.06 -74.25 9.59
C PHE B 321 4.82 -74.57 10.42
N VAL B 322 3.80 -75.11 9.75
CA VAL B 322 2.61 -75.55 10.45
C VAL B 322 2.89 -76.80 11.29
N LYS B 323 4.00 -77.48 11.03
CA LYS B 323 4.42 -78.63 11.84
C LYS B 323 5.58 -78.31 12.76
N ARG B 324 6.01 -77.05 12.83
CA ARG B 324 7.11 -76.63 13.67
C ARG B 324 6.60 -76.18 15.04
N ALA B 325 7.43 -76.38 16.06
CA ALA B 325 7.07 -75.96 17.41
C ALA B 325 7.00 -74.44 17.50
N PRO B 326 6.10 -73.90 18.31
CA PRO B 326 5.97 -72.45 18.42
C PRO B 326 7.13 -71.83 19.19
N SER B 327 7.35 -70.55 18.92
CA SER B 327 8.44 -69.79 19.51
C SER B 327 7.90 -68.69 20.41
N THR B 328 8.63 -68.41 21.49
CA THR B 328 8.33 -67.27 22.34
C THR B 328 8.79 -65.96 21.71
N TRP B 329 9.91 -65.99 20.98
CA TRP B 329 10.43 -64.80 20.33
C TRP B 329 9.65 -64.48 19.06
N LEU B 330 9.39 -65.49 18.22
CA LEU B 330 8.69 -65.24 16.96
C LEU B 330 7.25 -64.81 17.20
N THR B 331 6.58 -65.42 18.17
CA THR B 331 5.22 -64.99 18.51
C THR B 331 5.23 -63.56 19.04
N ALA B 332 6.21 -63.21 19.87
CA ALA B 332 6.31 -61.85 20.39
C ALA B 332 6.71 -60.85 19.32
N TYR B 333 7.40 -61.29 18.27
CA TYR B 333 7.77 -60.36 17.21
C TYR B 333 6.64 -60.14 16.22
N VAL B 334 5.77 -61.13 16.01
CA VAL B 334 4.58 -60.90 15.20
C VAL B 334 3.65 -59.93 15.92
N VAL B 335 3.56 -60.03 17.25
CA VAL B 335 2.83 -59.04 18.04
C VAL B 335 3.46 -57.67 17.91
N LYS B 336 4.79 -57.61 17.81
CA LYS B 336 5.46 -56.33 17.69
C LYS B 336 5.26 -55.69 16.32
N VAL B 337 5.17 -56.50 15.26
CA VAL B 337 4.99 -55.94 13.93
C VAL B 337 3.53 -55.68 13.63
N PHE B 338 2.65 -56.60 14.04
CA PHE B 338 1.22 -56.41 13.78
C PHE B 338 0.66 -55.23 14.55
N SER B 339 1.18 -54.97 15.76
CA SER B 339 0.70 -53.84 16.54
C SER B 339 1.02 -52.52 15.86
N LEU B 340 2.26 -52.37 15.37
CA LEU B 340 2.65 -51.18 14.65
C LEU B 340 2.02 -51.10 13.27
N ALA B 341 1.46 -52.20 12.76
CA ALA B 341 0.79 -52.19 11.48
C ALA B 341 -0.67 -51.78 11.56
N VAL B 342 -1.29 -51.87 12.75
CA VAL B 342 -2.70 -51.54 12.90
C VAL B 342 -2.98 -50.10 12.50
N ASN B 343 -2.04 -49.20 12.78
CA ASN B 343 -2.24 -47.79 12.48
C ASN B 343 -2.39 -47.50 10.99
N LEU B 344 -1.86 -48.36 10.13
CA LEU B 344 -1.98 -48.15 8.68
C LEU B 344 -2.95 -49.10 8.01
N ILE B 345 -2.96 -50.38 8.39
CA ILE B 345 -3.90 -51.35 7.85
C ILE B 345 -4.35 -52.25 9.00
N ALA B 346 -5.59 -52.71 8.93
CA ALA B 346 -6.10 -53.64 9.93
C ALA B 346 -7.08 -54.60 9.26
N ILE B 347 -7.13 -55.83 9.79
CA ILE B 347 -8.09 -56.83 9.32
C ILE B 347 -8.72 -57.53 10.52
N ASP B 348 -7.90 -58.19 11.32
CA ASP B 348 -8.38 -58.98 12.44
C ASP B 348 -7.57 -58.66 13.69
N SER B 349 -8.27 -58.38 14.80
CA SER B 349 -7.63 -58.07 16.07
C SER B 349 -7.49 -59.29 16.97
N GLN B 350 -8.35 -60.30 16.82
CA GLN B 350 -8.23 -61.51 17.62
C GLN B 350 -6.99 -62.33 17.28
N VAL B 351 -6.35 -62.04 16.14
CA VAL B 351 -5.07 -62.68 15.84
C VAL B 351 -3.97 -62.07 16.71
N LEU B 352 -4.00 -60.75 16.90
CA LEU B 352 -3.00 -60.09 17.74
C LEU B 352 -3.21 -60.44 19.21
N CYS B 353 -4.46 -60.37 19.68
CA CYS B 353 -4.75 -60.70 21.07
C CYS B 353 -4.67 -62.20 21.33
N GLY B 354 -4.90 -63.01 20.29
CA GLY B 354 -4.75 -64.45 20.44
C GLY B 354 -3.31 -64.88 20.68
N ALA B 355 -2.36 -64.18 20.07
CA ALA B 355 -0.94 -64.44 20.31
C ALA B 355 -0.50 -63.94 21.68
N VAL B 356 -1.06 -62.83 22.15
CA VAL B 356 -0.77 -62.36 23.51
C VAL B 356 -1.43 -63.26 24.54
N LYS B 357 -2.59 -63.83 24.22
CA LYS B 357 -3.23 -64.77 25.13
C LYS B 357 -2.40 -66.03 25.29
N TRP B 358 -1.76 -66.49 24.21
CA TRP B 358 -0.89 -67.66 24.29
C TRP B 358 0.46 -67.33 24.90
N LEU B 359 0.92 -66.08 24.78
CA LEU B 359 2.23 -65.65 25.24
C LEU B 359 2.33 -65.58 26.76
N ILE B 360 1.18 -65.50 27.44
CA ILE B 360 1.13 -65.52 28.89
C ILE B 360 0.75 -66.88 29.48
N LEU B 361 -0.12 -67.66 28.82
CA LEU B 361 -0.51 -68.95 29.39
C LEU B 361 0.64 -69.95 29.36
N GLU B 362 1.40 -69.99 28.27
CA GLU B 362 2.40 -71.03 28.06
C GLU B 362 3.83 -70.58 28.36
N LYS B 363 4.17 -69.31 28.16
CA LYS B 363 5.55 -68.86 28.26
C LYS B 363 5.75 -67.81 29.36
N GLN B 364 4.95 -67.87 30.43
CA GLN B 364 5.07 -66.95 31.54
C GLN B 364 5.18 -67.75 32.84
N LYS B 365 6.39 -67.90 33.34
CA LYS B 365 6.57 -68.41 34.69
C LYS B 365 6.23 -67.31 35.69
N PRO B 366 5.66 -67.66 36.84
CA PRO B 366 5.33 -66.63 37.84
C PRO B 366 6.52 -65.83 38.34
N ASP B 367 7.75 -66.26 38.00
CA ASP B 367 8.92 -65.42 38.23
C ASP B 367 8.92 -64.19 37.33
N GLY B 368 8.11 -64.19 36.28
CA GLY B 368 8.10 -63.10 35.32
C GLY B 368 9.07 -63.26 34.16
N VAL B 369 9.71 -64.41 34.05
CA VAL B 369 10.73 -64.65 33.03
C VAL B 369 10.08 -65.21 31.78
N PHE B 370 10.50 -64.70 30.62
CA PHE B 370 10.15 -65.28 29.34
C PHE B 370 11.34 -66.12 28.86
N GLN B 371 11.13 -67.42 28.75
CA GLN B 371 12.16 -68.35 28.33
C GLN B 371 11.87 -68.85 26.92
N GLU B 372 12.91 -68.95 26.10
CA GLU B 372 12.78 -69.30 24.69
C GLU B 372 13.10 -70.79 24.51
N ASP B 373 12.15 -71.53 23.93
CA ASP B 373 12.41 -72.90 23.52
C ASP B 373 13.22 -72.98 22.23
N ALA B 374 13.37 -71.86 21.54
CA ALA B 374 14.24 -71.67 20.38
C ALA B 374 13.91 -72.57 19.20
N PRO B 375 12.73 -72.42 18.58
CA PRO B 375 12.53 -73.03 17.25
C PRO B 375 12.74 -72.02 16.14
N VAL B 376 13.39 -70.91 16.47
CA VAL B 376 13.63 -69.85 15.49
C VAL B 376 14.72 -70.32 14.53
N ILE B 377 14.31 -70.69 13.31
CA ILE B 377 15.26 -71.21 12.34
C ILE B 377 16.21 -70.10 11.86
N HIS B 378 15.69 -68.89 11.67
CA HIS B 378 16.49 -67.75 11.26
C HIS B 378 17.03 -67.04 12.49
N GLN B 379 18.32 -67.23 12.78
CA GLN B 379 18.98 -66.44 13.80
C GLN B 379 19.29 -65.02 13.35
N GLU B 380 18.96 -64.69 12.10
CA GLU B 380 19.17 -63.34 11.59
C GLU B 380 18.23 -62.35 12.27
N MET B 381 16.95 -62.71 12.35
CA MET B 381 15.95 -61.80 12.88
C MET B 381 16.08 -61.56 14.38
N ILE B 382 16.78 -62.45 15.09
CA ILE B 382 16.86 -62.34 16.55
C ILE B 382 17.49 -61.01 16.96
N GLY B 383 18.57 -60.62 16.29
CA GLY B 383 19.23 -59.37 16.61
C GLY B 383 20.18 -59.47 17.78
N GLY B 384 20.12 -58.48 18.68
CA GLY B 384 21.00 -58.46 19.83
C GLY B 384 20.72 -59.55 20.84
N LEU B 385 19.50 -60.12 20.82
CA LEU B 385 19.18 -61.20 21.75
C LEU B 385 20.04 -62.42 21.49
N ARG B 386 20.49 -62.61 20.25
CA ARG B 386 21.43 -63.66 19.91
C ARG B 386 22.83 -63.26 20.35
N ASN B 387 23.59 -64.22 20.88
CA ASN B 387 24.94 -64.00 21.38
C ASN B 387 24.94 -62.94 22.48
N ASN B 388 24.09 -63.16 23.49
CA ASN B 388 23.95 -62.26 24.61
C ASN B 388 24.30 -63.01 25.89
N ASN B 389 25.18 -62.44 26.70
CA ASN B 389 25.58 -63.09 27.95
C ASN B 389 24.38 -63.26 28.88
N GLU B 390 23.63 -62.19 29.12
CA GLU B 390 22.40 -62.26 29.90
C GLU B 390 21.21 -62.39 28.95
N LYS B 391 21.18 -63.52 28.25
CA LYS B 391 20.12 -63.80 27.29
C LYS B 391 18.78 -64.03 27.98
N ASP B 392 18.79 -64.25 29.29
CA ASP B 392 17.54 -64.49 30.02
C ASP B 392 16.84 -63.17 30.37
N MET B 393 17.60 -62.15 30.77
CA MET B 393 17.00 -60.86 31.09
C MET B 393 16.70 -60.03 29.84
N ALA B 394 17.49 -60.21 28.77
CA ALA B 394 17.25 -59.49 27.54
C ALA B 394 15.98 -59.96 26.84
N LEU B 395 15.62 -61.24 27.01
CA LEU B 395 14.41 -61.77 26.39
C LEU B 395 13.16 -61.40 27.18
N THR B 396 13.26 -61.34 28.50
CA THR B 396 12.13 -60.87 29.32
C THR B 396 11.77 -59.44 28.95
N ALA B 397 12.76 -58.62 28.61
CA ALA B 397 12.50 -57.25 28.21
C ALA B 397 11.98 -57.16 26.78
N PHE B 398 12.35 -58.10 25.92
CA PHE B 398 11.87 -58.08 24.54
C PHE B 398 10.39 -58.41 24.46
N VAL B 399 9.96 -59.47 25.14
CA VAL B 399 8.55 -59.86 25.12
C VAL B 399 7.70 -58.83 25.85
N LEU B 400 8.24 -58.22 26.91
CA LEU B 400 7.49 -57.22 27.66
C LEU B 400 7.17 -56.01 26.80
N ILE B 401 8.09 -55.63 25.91
CA ILE B 401 7.82 -54.51 24.99
C ILE B 401 6.76 -54.91 23.97
N SER B 402 6.73 -56.17 23.55
CA SER B 402 5.72 -56.62 22.61
C SER B 402 4.32 -56.56 23.21
N LEU B 403 4.20 -56.91 24.50
CA LEU B 403 2.91 -56.84 25.16
C LEU B 403 2.40 -55.41 25.27
N GLN B 404 3.31 -54.43 25.35
CA GLN B 404 2.89 -53.04 25.53
C GLN B 404 2.37 -52.44 24.23
N GLU B 405 3.02 -52.74 23.11
CA GLU B 405 2.52 -52.27 21.82
C GLU B 405 1.15 -52.84 21.50
N ALA B 406 0.75 -53.93 22.15
CA ALA B 406 -0.56 -54.53 21.98
C ALA B 406 -1.41 -54.43 23.25
N LYS B 407 -0.98 -53.64 24.24
CA LYS B 407 -1.76 -53.52 25.47
C LYS B 407 -2.96 -52.61 25.26
N ASP B 408 -2.79 -51.49 24.55
CA ASP B 408 -3.89 -50.58 24.28
C ASP B 408 -4.90 -51.17 23.30
N ILE B 409 -4.57 -52.28 22.64
CA ILE B 409 -5.47 -52.91 21.67
C ILE B 409 -6.08 -54.20 22.21
N CYS B 410 -5.49 -54.82 23.22
CA CYS B 410 -5.99 -56.06 23.79
C CYS B 410 -6.20 -55.93 25.29
N GLU B 411 -6.70 -54.78 25.74
CA GLU B 411 -6.98 -54.59 27.16
C GLU B 411 -8.22 -55.34 27.60
N GLU B 412 -9.26 -55.35 26.76
CA GLU B 412 -10.49 -56.06 27.12
C GLU B 412 -10.41 -57.53 26.72
N GLN B 413 -9.69 -57.84 25.63
CA GLN B 413 -9.57 -59.23 25.19
C GLN B 413 -8.76 -60.05 26.17
N VAL B 414 -7.57 -59.58 26.54
CA VAL B 414 -6.69 -60.27 27.47
C VAL B 414 -6.71 -59.49 28.77
N ASN B 415 -7.51 -59.96 29.73
CA ASN B 415 -7.62 -59.30 31.02
C ASN B 415 -6.50 -59.68 31.99
N SER B 416 -5.75 -60.73 31.69
CA SER B 416 -4.61 -61.13 32.50
C SER B 416 -3.31 -60.50 32.03
N LEU B 417 -3.37 -59.57 31.07
CA LEU B 417 -2.15 -58.95 30.57
C LEU B 417 -1.49 -58.05 31.60
N PRO B 418 -2.19 -57.18 32.33
CA PRO B 418 -1.50 -56.36 33.35
C PRO B 418 -0.83 -57.17 34.44
N GLY B 419 -1.24 -58.43 34.65
CA GLY B 419 -0.59 -59.26 35.66
C GLY B 419 0.78 -59.73 35.22
N SER B 420 0.88 -60.24 33.99
CA SER B 420 2.17 -60.67 33.46
C SER B 420 3.11 -59.50 33.27
N ILE B 421 2.59 -58.33 32.93
CA ILE B 421 3.43 -57.14 32.78
C ILE B 421 4.05 -56.75 34.12
N THR B 422 3.24 -56.75 35.19
CA THR B 422 3.77 -56.44 36.51
C THR B 422 4.78 -57.49 36.95
N LYS B 423 4.50 -58.77 36.67
CA LYS B 423 5.45 -59.82 37.01
C LYS B 423 6.75 -59.69 36.21
N ALA B 424 6.64 -59.38 34.92
CA ALA B 424 7.84 -59.18 34.11
C ALA B 424 8.62 -57.95 34.58
N GLY B 425 7.93 -56.90 35.02
CA GLY B 425 8.61 -55.74 35.55
C GLY B 425 9.29 -56.00 36.88
N ASP B 426 8.72 -56.90 37.68
CA ASP B 426 9.33 -57.24 38.96
C ASP B 426 10.66 -57.96 38.76
N PHE B 427 10.74 -58.84 37.75
CA PHE B 427 11.97 -59.58 37.51
C PHE B 427 13.08 -58.68 37.00
N LEU B 428 12.73 -57.61 36.28
CA LEU B 428 13.75 -56.75 35.68
C LEU B 428 14.43 -55.88 36.72
N GLU B 429 13.66 -55.33 37.66
CA GLU B 429 14.25 -54.41 38.65
C GLU B 429 15.28 -55.10 39.51
N ALA B 430 15.05 -56.37 39.86
CA ALA B 430 15.92 -57.07 40.79
C ALA B 430 17.33 -57.25 40.21
N ASN B 431 17.42 -57.72 38.97
CA ASN B 431 18.70 -57.99 38.33
C ASN B 431 19.09 -56.91 37.34
N TYR B 432 18.55 -55.70 37.48
CA TYR B 432 18.94 -54.59 36.61
C TYR B 432 20.29 -54.02 37.02
N MET B 433 20.54 -53.92 38.33
CA MET B 433 21.80 -53.40 38.85
C MET B 433 22.92 -54.42 38.84
N ASN B 434 22.70 -55.59 38.22
CA ASN B 434 23.72 -56.62 38.12
C ASN B 434 24.12 -56.93 36.68
N LEU B 435 23.54 -56.25 35.70
CA LEU B 435 23.87 -56.49 34.31
C LEU B 435 25.18 -55.78 33.95
N GLN B 436 25.92 -56.40 33.02
CA GLN B 436 27.19 -55.85 32.56
C GLN B 436 27.24 -55.63 31.05
N ARG B 437 26.16 -55.94 30.34
CA ARG B 437 26.09 -55.73 28.90
C ARG B 437 25.25 -54.50 28.58
N SER B 438 25.75 -53.67 27.66
CA SER B 438 25.04 -52.45 27.29
C SER B 438 23.76 -52.71 26.52
N TYR B 439 23.65 -53.87 25.85
CA TYR B 439 22.42 -54.19 25.14
C TYR B 439 21.30 -54.54 26.10
N THR B 440 21.61 -55.28 27.17
CA THR B 440 20.57 -55.67 28.12
C THR B 440 20.02 -54.47 28.87
N VAL B 441 20.90 -53.56 29.31
CA VAL B 441 20.47 -52.36 30.01
C VAL B 441 19.69 -51.44 29.09
N ALA B 442 19.92 -51.52 27.78
CA ALA B 442 19.24 -50.63 26.84
C ALA B 442 17.83 -51.13 26.52
N ILE B 443 17.70 -52.43 26.18
CA ILE B 443 16.37 -52.97 25.87
C ILE B 443 15.53 -53.09 27.13
N ALA B 444 16.15 -53.44 28.26
CA ALA B 444 15.47 -53.42 29.55
C ALA B 444 15.50 -52.03 30.19
N GLY B 445 16.02 -51.03 29.48
CA GLY B 445 15.92 -49.64 29.89
C GLY B 445 14.71 -49.01 29.25
N TYR B 446 14.36 -49.46 28.04
CA TYR B 446 13.09 -49.10 27.43
C TYR B 446 11.95 -49.98 27.93
N ALA B 447 12.25 -51.15 28.47
CA ALA B 447 11.21 -52.05 28.99
C ALA B 447 10.69 -51.64 30.36
N LEU B 448 11.47 -50.86 31.12
CA LEU B 448 11.01 -50.37 32.42
C LEU B 448 10.63 -48.90 32.40
N ALA B 449 11.04 -48.15 31.36
CA ALA B 449 10.54 -46.79 31.18
C ALA B 449 9.15 -46.77 30.55
N GLN B 450 8.84 -47.76 29.71
CA GLN B 450 7.51 -47.88 29.11
C GLN B 450 6.49 -48.18 30.21
N MET B 451 5.69 -47.18 30.54
CA MET B 451 4.56 -47.38 31.42
C MET B 451 5.01 -48.14 32.64
N GLY B 452 6.23 -47.89 33.07
CA GLY B 452 6.78 -48.53 34.25
C GLY B 452 7.70 -47.60 34.99
N ARG B 453 8.32 -48.15 36.02
CA ARG B 453 9.18 -47.39 36.93
C ARG B 453 10.58 -47.96 36.88
N LEU B 454 11.54 -47.08 36.59
CA LEU B 454 12.94 -47.37 36.83
C LEU B 454 13.38 -46.53 38.02
N LYS B 455 13.95 -47.19 39.03
CA LYS B 455 14.35 -46.46 40.22
C LYS B 455 15.46 -45.47 39.88
N GLY B 456 15.62 -44.48 40.77
CA GLY B 456 16.68 -43.51 40.65
C GLY B 456 18.03 -44.11 40.30
N PRO B 457 18.46 -45.11 41.08
CA PRO B 457 19.70 -45.82 40.69
C PRO B 457 19.59 -46.55 39.36
N LEU B 458 18.41 -47.09 39.02
CA LEU B 458 18.26 -47.76 37.74
C LEU B 458 18.34 -46.77 36.58
N LEU B 459 17.80 -45.57 36.77
CA LEU B 459 17.95 -44.53 35.76
C LEU B 459 19.40 -44.05 35.68
N ASN B 460 20.10 -44.01 36.81
CA ASN B 460 21.50 -43.61 36.80
C ASN B 460 22.35 -44.64 36.08
N LYS B 461 22.09 -45.94 36.30
CA LYS B 461 22.83 -46.97 35.58
C LYS B 461 22.47 -46.98 34.10
N PHE B 462 21.24 -46.57 33.75
CA PHE B 462 20.87 -46.50 32.36
C PHE B 462 21.55 -45.33 31.64
N LEU B 463 21.78 -44.23 32.35
CA LEU B 463 22.40 -43.06 31.72
C LEU B 463 23.92 -43.15 31.77
N THR B 464 24.48 -43.80 32.79
CA THR B 464 25.94 -43.88 32.91
C THR B 464 26.53 -44.98 32.05
N THR B 465 25.73 -45.94 31.59
CA THR B 465 26.21 -46.97 30.68
C THR B 465 26.31 -46.48 29.24
N ALA B 466 25.94 -45.24 28.97
CA ALA B 466 26.09 -44.65 27.65
C ALA B 466 27.50 -44.11 27.53
N LYS B 467 28.35 -44.83 26.79
CA LYS B 467 29.73 -44.41 26.62
C LYS B 467 29.78 -43.17 25.73
N ASP B 468 30.50 -42.14 26.19
CA ASP B 468 30.54 -40.81 25.59
C ASP B 468 29.19 -40.11 25.67
N LYS B 469 28.30 -40.63 26.52
CA LYS B 469 26.99 -40.02 26.81
C LYS B 469 26.15 -39.82 25.55
N ASN B 470 26.25 -40.74 24.59
CA ASN B 470 25.54 -40.54 23.34
C ASN B 470 25.12 -41.87 22.71
N ARG B 471 25.81 -42.96 23.08
CA ARG B 471 25.58 -44.24 22.43
C ARG B 471 25.70 -45.38 23.43
N TRP B 472 25.07 -46.49 23.10
CA TRP B 472 25.16 -47.74 23.85
C TRP B 472 25.92 -48.75 23.00
N GLU B 473 27.03 -49.27 23.54
CA GLU B 473 27.94 -50.08 22.75
C GLU B 473 28.49 -51.22 23.60
N ASP B 474 28.74 -52.35 22.94
CA ASP B 474 29.25 -53.54 23.59
C ASP B 474 29.97 -54.38 22.56
N PRO B 475 31.00 -55.14 22.95
CA PRO B 475 31.66 -56.04 21.99
C PRO B 475 30.66 -56.96 21.30
N GLY B 476 30.74 -56.99 19.98
CA GLY B 476 29.80 -57.74 19.18
C GLY B 476 29.48 -57.01 17.88
N LYS B 477 28.59 -57.59 17.07
CA LYS B 477 28.24 -56.97 15.80
C LYS B 477 27.54 -55.63 16.03
N GLN B 478 27.86 -54.66 15.18
CA GLN B 478 27.36 -53.30 15.37
C GLN B 478 25.84 -53.20 15.21
N LEU B 479 25.21 -54.17 14.54
CA LEU B 479 23.75 -54.18 14.46
C LEU B 479 23.12 -54.43 15.82
N TYR B 480 23.85 -55.03 16.75
CA TYR B 480 23.35 -55.15 18.12
C TYR B 480 23.39 -53.80 18.83
N ASN B 481 24.44 -53.02 18.57
CA ASN B 481 24.61 -51.73 19.23
C ASN B 481 23.68 -50.66 18.64
N VAL B 482 23.46 -50.70 17.32
CA VAL B 482 22.49 -49.79 16.70
C VAL B 482 21.09 -50.10 17.20
N GLU B 483 20.78 -51.39 17.35
CA GLU B 483 19.49 -51.78 17.93
C GLU B 483 19.39 -51.35 19.39
N ALA B 484 20.51 -51.42 20.12
CA ALA B 484 20.50 -51.04 21.53
C ALA B 484 20.25 -49.54 21.69
N THR B 485 20.99 -48.72 20.95
CA THR B 485 20.79 -47.28 21.03
C THR B 485 19.39 -46.88 20.58
N SER B 486 18.79 -47.64 19.66
CA SER B 486 17.41 -47.37 19.26
C SER B 486 16.45 -47.67 20.41
N TYR B 487 16.74 -48.69 21.21
CA TYR B 487 15.93 -48.93 22.39
C TYR B 487 16.14 -47.83 23.44
N ALA B 488 17.37 -47.32 23.54
CA ALA B 488 17.66 -46.28 24.51
C ALA B 488 17.07 -44.93 24.10
N LEU B 489 16.78 -44.73 22.82
CA LEU B 489 16.11 -43.51 22.39
C LEU B 489 14.62 -43.57 22.68
N LEU B 490 13.99 -44.72 22.44
CA LEU B 490 12.59 -44.88 22.80
C LEU B 490 12.36 -44.79 24.30
N ALA B 491 13.37 -45.09 25.11
CA ALA B 491 13.27 -44.91 26.55
C ALA B 491 13.38 -43.44 26.93
N LEU B 492 14.34 -42.72 26.33
CA LEU B 492 14.48 -41.30 26.61
C LEU B 492 13.29 -40.51 26.11
N LEU B 493 12.59 -41.03 25.10
CA LEU B 493 11.37 -40.40 24.61
C LEU B 493 10.13 -40.88 25.34
N GLN B 494 10.23 -42.00 26.07
CA GLN B 494 9.12 -42.43 26.92
C GLN B 494 9.16 -41.73 28.27
N LEU B 495 10.36 -41.44 28.79
CA LEU B 495 10.53 -40.68 30.01
C LEU B 495 10.37 -39.17 29.80
N LYS B 496 10.14 -38.75 28.56
CA LYS B 496 9.99 -37.33 28.21
C LYS B 496 11.23 -36.52 28.58
N ASP B 497 12.39 -37.17 28.64
CA ASP B 497 13.66 -36.49 28.84
C ASP B 497 14.20 -36.03 27.49
N PHE B 498 14.71 -34.79 27.44
CA PHE B 498 15.19 -34.22 26.20
C PHE B 498 16.55 -33.55 26.34
N ASP B 499 17.23 -33.72 27.46
CA ASP B 499 18.59 -33.22 27.62
C ASP B 499 19.64 -34.25 27.22
N PHE B 500 19.31 -35.54 27.26
CA PHE B 500 20.21 -36.60 26.83
C PHE B 500 19.93 -37.08 25.42
N VAL B 501 18.82 -36.65 24.82
CA VAL B 501 18.39 -37.13 23.51
C VAL B 501 19.21 -36.55 22.36
N PRO B 502 19.48 -35.24 22.29
CA PRO B 502 20.18 -34.68 21.12
C PRO B 502 21.48 -35.42 20.78
N PRO B 503 22.37 -35.67 21.75
CA PRO B 503 23.60 -36.41 21.39
C PRO B 503 23.35 -37.87 21.03
N VAL B 504 22.23 -38.45 21.47
CA VAL B 504 21.91 -39.83 21.11
C VAL B 504 21.41 -39.91 19.67
N VAL B 505 20.53 -39.00 19.27
CA VAL B 505 20.03 -39.01 17.90
C VAL B 505 21.12 -38.63 16.91
N ARG B 506 21.98 -37.68 17.30
CA ARG B 506 23.08 -37.27 16.42
C ARG B 506 23.98 -38.45 16.09
N TRP B 507 24.23 -39.33 17.07
CA TRP B 507 25.03 -40.51 16.81
C TRP B 507 24.31 -41.48 15.88
N LEU B 508 23.00 -41.65 16.07
CA LEU B 508 22.24 -42.53 15.19
C LEU B 508 22.26 -42.03 13.75
N ASN B 509 22.23 -40.71 13.56
CA ASN B 509 22.28 -40.16 12.21
C ASN B 509 23.68 -40.27 11.62
N GLU B 510 24.71 -40.09 12.43
CA GLU B 510 26.07 -40.23 11.94
C GLU B 510 26.44 -41.69 11.68
N GLN B 511 25.67 -42.63 12.21
CA GLN B 511 25.89 -44.04 11.87
C GLN B 511 25.58 -44.30 10.41
N ARG B 512 24.72 -43.49 9.80
CA ARG B 512 24.32 -43.62 8.40
C ARG B 512 23.77 -45.03 8.12
N TYR B 513 23.01 -45.56 9.07
CA TYR B 513 22.38 -46.87 8.91
C TYR B 513 20.98 -46.67 8.33
N TYR B 514 20.77 -47.16 7.11
CA TYR B 514 19.52 -46.97 6.39
C TYR B 514 18.71 -48.26 6.30
N GLY B 515 18.98 -49.22 7.17
CA GLY B 515 18.22 -50.46 7.19
C GLY B 515 18.54 -51.37 6.02
N GLY B 516 17.78 -52.46 5.96
CA GLY B 516 17.92 -53.43 4.89
C GLY B 516 19.16 -54.29 5.01
N GLY B 517 19.17 -55.42 4.32
CA GLY B 517 20.31 -56.30 4.28
C GLY B 517 20.07 -57.59 5.03
N TYR B 518 21.16 -58.32 5.24
CA TYR B 518 21.11 -59.61 5.91
C TYR B 518 21.14 -59.41 7.43
N GLY B 519 20.26 -60.12 8.13
CA GLY B 519 20.22 -60.02 9.58
C GLY B 519 19.88 -58.65 10.10
N SER B 520 19.16 -57.85 9.31
CA SER B 520 18.84 -56.48 9.67
C SER B 520 17.40 -56.31 10.15
N THR B 521 16.73 -57.42 10.51
CA THR B 521 15.33 -57.34 10.90
C THR B 521 15.14 -56.43 12.10
N GLN B 522 15.86 -56.69 13.19
CA GLN B 522 15.73 -55.86 14.38
C GLN B 522 16.29 -54.47 14.16
N ALA B 523 17.45 -54.38 13.49
CA ALA B 523 18.10 -53.09 13.32
C ALA B 523 17.28 -52.15 12.45
N THR B 524 16.60 -52.70 11.44
CA THR B 524 15.78 -51.85 10.57
C THR B 524 14.46 -51.46 11.22
N PHE B 525 13.89 -52.37 12.01
CA PHE B 525 12.58 -52.09 12.61
C PHE B 525 12.71 -51.09 13.75
N MET B 526 13.74 -51.22 14.58
CA MET B 526 13.85 -50.37 15.75
C MET B 526 14.39 -48.98 15.42
N VAL B 527 15.33 -48.90 14.47
CA VAL B 527 15.95 -47.61 14.18
C VAL B 527 14.97 -46.65 13.52
N PHE B 528 13.91 -47.15 12.89
CA PHE B 528 12.91 -46.29 12.29
C PHE B 528 11.62 -46.22 13.10
N GLN B 529 11.44 -47.09 14.09
CA GLN B 529 10.36 -46.88 15.04
C GLN B 529 10.75 -45.84 16.08
N ALA B 530 12.04 -45.82 16.46
CA ALA B 530 12.52 -44.82 17.41
C ALA B 530 12.61 -43.44 16.75
N LEU B 531 13.19 -43.37 15.55
CA LEU B 531 13.29 -42.10 14.85
C LEU B 531 11.93 -41.57 14.42
N ALA B 532 10.91 -42.42 14.32
CA ALA B 532 9.57 -41.95 14.06
C ALA B 532 8.93 -41.35 15.31
N GLN B 533 9.17 -41.97 16.47
CA GLN B 533 8.65 -41.40 17.71
C GLN B 533 9.35 -40.09 18.06
N TYR B 534 10.61 -39.93 17.62
CA TYR B 534 11.30 -38.66 17.82
C TYR B 534 10.65 -37.55 16.98
N GLN B 535 10.18 -37.89 15.79
CA GLN B 535 9.45 -36.92 14.98
C GLN B 535 7.99 -36.80 15.38
N LYS B 536 7.44 -37.79 16.08
CA LYS B 536 6.07 -37.70 16.56
C LYS B 536 5.97 -36.77 17.76
N ASP B 537 6.88 -36.91 18.71
CA ASP B 537 6.94 -36.06 19.90
C ASP B 537 8.30 -35.39 19.92
N ALA B 538 8.31 -34.06 19.73
CA ALA B 538 9.56 -33.32 19.70
C ALA B 538 9.32 -31.88 20.11
N PRO B 539 10.20 -31.27 20.89
CA PRO B 539 10.04 -29.86 21.24
C PRO B 539 10.54 -28.94 20.15
N ASP B 540 11.48 -28.42 15.28
CA ASP B 540 11.75 -27.51 14.18
C ASP B 540 12.30 -26.18 14.69
N HIS B 541 11.77 -25.71 15.81
CA HIS B 541 12.21 -24.49 16.46
C HIS B 541 12.60 -24.82 17.90
N GLN B 542 12.86 -23.78 18.69
CA GLN B 542 13.26 -23.94 20.09
C GLN B 542 12.20 -23.42 21.05
N GLU B 543 10.94 -23.44 20.62
CA GLU B 543 9.81 -23.08 21.48
C GLU B 543 9.94 -21.68 22.05
N LEU B 544 9.67 -20.66 21.23
CA LEU B 544 9.75 -19.29 21.70
C LEU B 544 8.44 -18.91 22.39
N ASN B 545 8.54 -18.42 23.62
CA ASN B 545 7.34 -18.01 24.37
C ASN B 545 7.79 -17.01 25.46
N LEU B 546 7.86 -15.74 25.07
CA LEU B 546 8.32 -14.67 25.96
C LEU B 546 7.13 -13.81 26.36
N ASP B 547 6.95 -13.64 27.68
CA ASP B 547 5.95 -12.72 28.22
C ASP B 547 6.69 -11.47 28.69
N VAL B 548 6.77 -10.48 27.81
CA VAL B 548 7.53 -9.26 28.07
C VAL B 548 6.54 -8.12 28.29
N SER B 549 6.56 -7.58 29.51
CA SER B 549 5.73 -6.44 29.88
C SER B 549 6.64 -5.28 30.29
N LEU B 550 6.38 -4.11 29.73
CA LEU B 550 7.14 -2.90 30.05
C LEU B 550 6.34 -2.01 30.97
N GLN B 551 6.94 -1.67 32.11
CA GLN B 551 6.36 -0.70 33.03
C GLN B 551 7.01 0.65 32.78
N LEU B 552 6.21 1.61 32.33
CA LEU B 552 6.68 2.96 32.06
C LEU B 552 6.08 3.93 33.07
N PRO B 553 6.91 4.69 33.79
CA PRO B 553 6.36 5.80 34.61
C PRO B 553 5.75 6.91 33.78
N SER B 554 5.86 6.85 32.45
CA SER B 554 5.23 7.85 31.59
C SER B 554 3.72 7.68 31.53
N ARG B 555 3.20 6.52 31.91
CA ARG B 555 1.76 6.26 31.89
C ARG B 555 1.39 5.45 33.12
N SER B 556 0.10 5.20 33.29
CA SER B 556 -0.43 4.49 34.46
C SER B 556 -0.75 3.04 34.17
N SER B 557 -0.20 2.47 33.10
CA SER B 557 -0.49 1.10 32.71
C SER B 557 0.77 0.42 32.23
N LYS B 558 0.77 -0.91 32.31
CA LYS B 558 1.87 -1.74 31.85
C LYS B 558 1.44 -2.50 30.60
N ILE B 559 2.11 -2.22 29.48
CA ILE B 559 1.80 -2.88 28.22
C ILE B 559 2.61 -4.16 28.13
N THR B 560 1.92 -5.29 27.90
CA THR B 560 2.56 -6.59 27.81
C THR B 560 2.38 -7.15 26.40
N HIS B 561 3.22 -8.13 26.07
CA HIS B 561 3.17 -8.79 24.77
C HIS B 561 3.63 -10.23 24.93
N ARG B 562 2.77 -11.17 24.55
CA ARG B 562 3.13 -12.59 24.55
C ARG B 562 3.75 -12.91 23.20
N ILE B 563 5.07 -13.04 23.17
CA ILE B 563 5.80 -13.27 21.92
C ILE B 563 5.90 -14.79 21.76
N HIS B 564 4.81 -15.37 21.26
CA HIS B 564 4.78 -16.79 20.96
C HIS B 564 5.65 -17.10 19.74
N TRP B 565 5.76 -18.40 19.43
CA TRP B 565 6.22 -18.79 18.10
C TRP B 565 5.22 -18.39 17.03
N GLU B 566 4.00 -18.03 17.42
CA GLU B 566 3.01 -17.50 16.49
C GLU B 566 3.54 -16.25 15.80
N SER B 567 3.23 -16.12 14.52
CA SER B 567 3.76 -15.05 13.68
C SER B 567 2.86 -13.81 13.66
N ALA B 568 1.87 -13.74 14.55
CA ALA B 568 0.96 -12.59 14.54
C ALA B 568 1.66 -11.32 15.00
N SER B 569 2.44 -11.40 16.07
CA SER B 569 3.14 -10.25 16.63
C SER B 569 4.60 -10.64 16.91
N LEU B 570 5.37 -10.84 15.83
CA LEU B 570 6.80 -11.08 15.99
C LEU B 570 7.51 -9.84 16.50
N LEU B 571 7.14 -8.68 15.98
CA LEU B 571 7.64 -7.40 16.48
C LEU B 571 6.46 -6.48 16.75
N ARG B 572 6.56 -5.69 17.81
CA ARG B 572 5.52 -4.74 18.18
C ARG B 572 6.19 -3.47 18.69
N SER B 573 5.96 -2.36 17.99
CA SER B 573 6.57 -1.08 18.35
C SER B 573 5.68 -0.31 19.31
N GLU B 574 6.30 0.36 20.28
CA GLU B 574 5.60 1.16 21.27
C GLU B 574 6.25 2.54 21.32
N GLU B 575 5.58 3.53 20.74
CA GLU B 575 6.08 4.90 20.76
C GLU B 575 5.69 5.58 22.06
N THR B 576 6.62 6.37 22.60
CA THR B 576 6.39 7.11 23.84
C THR B 576 7.05 8.48 23.69
N LYS B 577 6.22 9.51 23.48
CA LYS B 577 6.74 10.86 23.31
C LYS B 577 7.48 11.33 24.56
N GLU B 578 7.07 10.87 25.73
CA GLU B 578 7.77 11.22 26.96
C GLU B 578 9.14 10.56 27.01
N ASN B 579 10.16 11.35 27.32
CA ASN B 579 11.54 10.85 27.42
C ASN B 579 11.84 10.61 28.89
N GLU B 580 11.58 9.38 29.35
CA GLU B 580 11.80 9.00 30.72
C GLU B 580 12.34 7.58 30.77
N GLY B 581 13.12 7.28 31.80
CA GLY B 581 13.68 5.95 31.98
C GLY B 581 12.60 4.96 32.38
N PHE B 582 12.46 3.89 31.62
CA PHE B 582 11.42 2.89 31.85
C PHE B 582 12.05 1.52 32.10
N THR B 583 11.22 0.61 32.61
CA THR B 583 11.65 -0.73 32.98
C THR B 583 11.06 -1.76 32.01
N VAL B 584 11.89 -2.71 31.61
CA VAL B 584 11.50 -3.79 30.70
C VAL B 584 11.64 -5.09 31.45
N THR B 585 10.51 -5.72 31.78
CA THR B 585 10.51 -7.02 32.42
C THR B 585 10.18 -8.09 31.36
N ALA B 586 11.04 -9.09 31.25
CA ALA B 586 10.89 -10.12 30.24
C ALA B 586 11.12 -11.48 30.89
N GLU B 587 10.15 -12.38 30.74
CA GLU B 587 10.27 -13.73 31.27
C GLU B 587 9.69 -14.70 30.27
N GLY B 588 10.15 -15.95 30.34
CA GLY B 588 9.71 -17.01 29.46
C GLY B 588 10.90 -17.68 28.80
N LYS B 589 10.60 -18.49 27.78
CA LYS B 589 11.61 -19.23 27.06
C LYS B 589 11.82 -18.64 25.67
N GLY B 590 13.03 -18.78 25.16
CA GLY B 590 13.40 -18.24 23.86
C GLY B 590 14.26 -16.99 23.98
N GLN B 591 14.61 -16.45 22.82
CA GLN B 591 15.44 -15.26 22.73
C GLN B 591 14.66 -14.15 22.04
N GLY B 592 15.04 -12.91 22.37
CA GLY B 592 14.42 -11.74 21.75
C GLY B 592 15.38 -10.57 21.75
N THR B 593 15.09 -9.59 20.90
CA THR B 593 15.90 -8.40 20.77
C THR B 593 15.07 -7.16 21.07
N LEU B 594 15.65 -6.23 21.81
CA LEU B 594 15.02 -4.97 22.17
C LEU B 594 15.81 -3.82 21.56
N SER B 595 15.12 -2.96 20.81
CA SER B 595 15.74 -1.81 20.16
C SER B 595 15.01 -0.56 20.59
N VAL B 596 15.77 0.41 21.11
CA VAL B 596 15.22 1.67 21.60
C VAL B 596 15.96 2.79 20.87
N VAL B 597 15.24 3.51 20.01
CA VAL B 597 15.80 4.61 19.22
C VAL B 597 14.96 5.85 19.47
N THR B 598 15.64 6.99 19.62
CA THR B 598 14.99 8.27 19.88
C THR B 598 15.31 9.23 18.75
N MET B 599 14.27 9.73 18.09
CA MET B 599 14.43 10.81 17.12
C MET B 599 14.38 12.15 17.83
N TYR B 600 15.15 13.11 17.33
CA TYR B 600 15.26 14.41 17.98
C TYR B 600 15.77 15.43 16.98
N HIS B 601 15.69 16.70 17.37
CA HIS B 601 16.23 17.80 16.58
C HIS B 601 17.65 18.08 17.05
N ALA B 602 18.63 17.70 16.25
CA ALA B 602 20.03 17.96 16.56
C ALA B 602 20.43 19.33 16.02
N LYS B 603 21.02 20.15 16.88
CA LYS B 603 21.53 21.43 16.44
C LYS B 603 22.78 21.24 15.61
N ALA B 604 22.77 21.78 14.40
CA ALA B 604 23.90 21.70 13.49
C ALA B 604 23.97 23.00 12.69
N LYS B 605 24.68 22.97 11.58
CA LYS B 605 24.72 24.14 10.70
C LYS B 605 23.34 24.35 10.09
N ASP B 606 22.84 25.58 10.17
CA ASP B 606 21.57 25.97 9.58
C ASP B 606 21.64 26.10 8.07
N GLN B 607 24.34 25.18 8.81
CA GLN B 607 24.84 25.30 7.45
C GLN B 607 24.25 24.19 6.58
N LEU B 608 23.03 24.44 6.09
CA LEU B 608 22.44 23.68 5.02
C LEU B 608 22.04 24.56 3.84
N THR B 609 22.13 25.88 3.97
CA THR B 609 21.75 26.80 2.92
C THR B 609 22.94 27.09 2.03
N CYS B 610 22.71 27.11 0.72
CA CYS B 610 23.74 27.42 -0.28
C CYS B 610 24.91 26.44 -0.19
N ASN B 611 24.58 25.16 -0.21
CA ASN B 611 25.59 24.10 -0.16
C ASN B 611 26.10 23.69 -1.53
N LYS B 612 25.52 24.22 -2.61
CA LYS B 612 25.94 23.89 -3.96
C LYS B 612 26.33 25.10 -4.81
N PHE B 613 26.01 26.32 -4.38
CA PHE B 613 26.33 27.50 -5.17
C PHE B 613 26.83 28.61 -4.26
N ASP B 614 27.69 29.46 -4.81
CA ASP B 614 27.95 30.79 -4.26
C ASP B 614 27.08 31.79 -4.99
N LEU B 615 26.48 32.71 -4.24
CA LEU B 615 25.58 33.71 -4.82
C LEU B 615 25.85 35.06 -4.18
N LYS B 616 26.25 36.03 -5.00
CA LYS B 616 26.49 37.40 -4.57
C LYS B 616 25.55 38.32 -5.33
N VAL B 617 24.68 39.01 -4.60
CA VAL B 617 23.70 39.92 -5.19
C VAL B 617 23.93 41.31 -4.61
N THR B 618 24.28 42.26 -5.48
CA THR B 618 24.50 43.64 -5.09
C THR B 618 23.56 44.55 -5.85
N ILE B 619 22.99 45.53 -5.15
CA ILE B 619 22.13 46.53 -5.76
C ILE B 619 22.80 47.89 -5.56
N LYS B 620 23.08 48.57 -6.66
CA LYS B 620 23.83 49.82 -6.62
C LYS B 620 23.04 50.94 -7.29
N PRO B 621 22.99 52.13 -6.69
CA PRO B 621 22.28 53.25 -7.30
C PRO B 621 23.06 53.90 -8.43
N ALA B 622 23.72 53.10 -9.25
CA ALA B 622 24.58 53.65 -10.29
C ALA B 622 23.72 54.30 -11.38
N PRO B 623 24.01 55.55 -11.77
CA PRO B 623 23.29 56.25 -12.84
C PRO B 623 23.96 56.10 -14.21
N ASN B 632 11.69 55.92 -14.19
CA ASN B 632 12.73 56.92 -14.44
C ASN B 632 13.08 57.68 -13.16
N LYS B 633 12.18 57.62 -12.17
CA LYS B 633 12.41 58.31 -10.91
C LYS B 633 13.67 57.79 -10.22
N ASN B 634 13.75 56.49 -10.02
CA ASN B 634 14.95 55.84 -9.50
C ASN B 634 15.41 54.75 -10.46
N THR B 635 16.72 54.58 -10.54
CA THR B 635 17.31 53.58 -11.44
C THR B 635 18.55 53.02 -10.77
N MET B 636 18.55 51.71 -10.52
CA MET B 636 19.65 51.02 -9.89
C MET B 636 20.12 49.88 -10.77
N ILE B 637 21.33 49.39 -10.50
CA ILE B 637 21.92 48.28 -11.22
C ILE B 637 21.91 47.05 -10.32
N LEU B 638 21.18 46.01 -10.74
CA LEU B 638 21.13 44.74 -10.03
C LEU B 638 22.18 43.82 -10.64
N GLU B 639 23.19 43.46 -9.84
CA GLU B 639 24.27 42.60 -10.30
C GLU B 639 24.19 41.26 -9.59
N ILE B 640 24.29 40.17 -10.35
CA ILE B 640 24.18 38.82 -9.82
C ILE B 640 25.39 38.03 -10.28
N CYS B 641 26.17 37.51 -9.32
CA CYS B 641 27.33 36.69 -9.59
C CYS B 641 27.17 35.34 -8.89
N THR B 642 27.35 34.25 -9.64
CA THR B 642 27.12 32.93 -9.10
C THR B 642 28.25 31.99 -9.54
N ARG B 643 28.50 30.96 -8.74
CA ARG B 643 29.57 30.01 -9.01
C ARG B 643 29.22 28.66 -8.41
N TYR B 644 29.32 27.61 -9.22
CA TYR B 644 29.01 26.25 -8.80
C TYR B 644 30.16 25.67 -7.98
N ARG B 645 29.82 24.89 -6.94
CA ARG B 645 30.79 24.40 -5.98
C ARG B 645 31.25 22.98 -6.28
N GLY B 646 31.21 22.57 -7.55
CA GLY B 646 31.59 21.23 -7.93
C GLY B 646 32.97 21.17 -8.58
N ASP B 647 33.43 19.94 -8.80
CA ASP B 647 34.70 19.73 -9.48
C ASP B 647 34.62 20.10 -10.95
N GLN B 648 33.43 20.10 -11.55
CA GLN B 648 33.21 20.45 -12.94
C GLN B 648 32.16 21.54 -13.03
N ASP B 649 32.00 22.11 -14.22
CA ASP B 649 30.96 23.09 -14.45
C ASP B 649 29.58 22.46 -14.28
N ALA B 650 28.65 23.23 -13.73
CA ALA B 650 27.29 22.75 -13.57
C ALA B 650 26.53 22.79 -14.89
N THR B 651 25.47 21.98 -14.96
CA THR B 651 24.63 21.91 -16.15
C THR B 651 23.66 23.09 -16.20
N MET B 652 22.57 22.95 -16.94
CA MET B 652 21.60 24.03 -17.07
C MET B 652 21.04 24.42 -15.70
N SER B 653 21.06 25.71 -15.40
CA SER B 653 20.66 26.23 -14.11
C SER B 653 19.65 27.35 -14.30
N ILE B 654 19.02 27.73 -13.19
CA ILE B 654 17.92 28.69 -13.19
C ILE B 654 18.27 29.84 -12.25
N LEU B 655 18.00 31.07 -12.71
CA LEU B 655 18.08 32.26 -11.87
C LEU B 655 16.66 32.78 -11.70
N ASP B 656 16.04 32.45 -10.57
CA ASP B 656 14.69 32.92 -10.24
C ASP B 656 14.83 34.27 -9.56
N ILE B 657 14.66 35.34 -10.34
CA ILE B 657 14.87 36.70 -9.87
C ILE B 657 13.52 37.29 -9.47
N SER B 658 13.49 37.95 -8.31
CA SER B 658 12.31 38.61 -7.81
C SER B 658 12.61 40.09 -7.64
N MET B 659 11.71 40.95 -8.12
CA MET B 659 11.92 42.39 -8.06
C MET B 659 11.48 42.94 -6.71
N MET B 660 12.23 43.93 -6.22
CA MET B 660 11.80 44.67 -5.04
C MET B 660 10.60 45.54 -5.39
N THR B 661 9.66 45.65 -4.45
CA THR B 661 8.34 46.22 -4.75
C THR B 661 8.47 47.62 -5.32
N GLY B 662 7.91 47.82 -6.50
CA GLY B 662 7.98 49.09 -7.20
C GLY B 662 9.01 49.17 -8.30
N PHE B 663 9.71 48.08 -8.59
CA PHE B 663 10.78 48.07 -9.57
C PHE B 663 10.53 47.00 -10.63
N ALA B 664 11.01 47.28 -11.84
CA ALA B 664 10.89 46.40 -12.99
C ALA B 664 12.16 46.49 -13.80
N PRO B 665 12.61 45.39 -14.40
CA PRO B 665 13.88 45.41 -15.13
C PRO B 665 13.77 46.19 -16.42
N ASP B 666 14.91 46.68 -16.88
CA ASP B 666 15.00 47.37 -18.15
C ASP B 666 14.85 46.36 -19.28
N THR B 667 13.90 46.60 -20.18
CA THR B 667 13.60 45.64 -21.23
C THR B 667 14.76 45.49 -22.20
N ASP B 668 15.43 46.59 -22.54
CA ASP B 668 16.54 46.51 -23.48
C ASP B 668 17.72 45.73 -22.91
N ASP B 669 17.90 45.78 -21.58
CA ASP B 669 18.98 45.01 -20.96
C ASP B 669 18.68 43.51 -21.02
N LEU B 670 17.42 43.13 -20.87
CA LEU B 670 17.07 41.71 -20.91
C LEU B 670 17.23 41.15 -22.32
N LYS B 671 16.87 41.94 -23.34
CA LYS B 671 17.04 41.49 -24.72
C LYS B 671 18.51 41.29 -25.07
N GLN B 672 19.40 42.11 -24.50
CA GLN B 672 20.83 41.92 -24.72
C GLN B 672 21.35 40.71 -23.96
N LEU B 673 20.78 40.43 -22.78
CA LEU B 673 21.17 39.23 -22.04
C LEU B 673 20.66 37.97 -22.74
N ALA B 674 19.46 38.03 -23.32
CA ALA B 674 18.92 36.88 -24.03
C ALA B 674 19.74 36.53 -25.26
N ASN B 675 20.41 37.51 -25.85
CA ASN B 675 21.29 37.27 -26.98
C ASN B 675 22.61 36.63 -26.57
N GLY B 676 22.81 36.37 -25.28
CA GLY B 676 24.04 35.75 -24.83
C GLY B 676 24.21 34.33 -25.32
N VAL B 677 25.45 33.85 -25.27
CA VAL B 677 25.76 32.52 -25.76
C VAL B 677 25.29 31.45 -24.78
N ASP B 678 25.51 31.67 -23.49
CA ASP B 678 25.16 30.70 -22.46
C ASP B 678 23.96 31.12 -21.64
N ARG B 679 23.13 32.02 -22.17
CA ARG B 679 21.97 32.51 -21.47
C ARG B 679 20.73 32.38 -22.34
N TYR B 680 19.57 32.32 -21.68
CA TYR B 680 18.30 32.23 -22.39
C TYR B 680 17.23 32.88 -21.54
N ILE B 681 16.63 33.95 -22.08
CA ILE B 681 15.44 34.57 -21.49
C ILE B 681 14.30 34.30 -22.46
N SER B 682 13.27 33.62 -21.97
CA SER B 682 12.20 33.16 -22.84
C SER B 682 11.50 34.34 -23.51
N LYS B 683 11.03 34.10 -24.74
CA LYS B 683 10.28 35.11 -25.46
C LYS B 683 9.03 35.55 -24.69
N TYR B 684 8.48 34.66 -23.86
CA TYR B 684 7.33 35.02 -23.03
C TYR B 684 7.65 36.18 -22.11
N GLU B 685 8.83 36.17 -21.49
CA GLU B 685 9.19 37.21 -20.55
C GLU B 685 9.60 38.51 -21.25
N LEU B 686 10.16 38.42 -22.45
CA LEU B 686 10.58 39.62 -23.15
C LEU B 686 9.39 40.40 -23.70
N ASP B 687 8.31 39.70 -24.06
CA ASP B 687 7.11 40.36 -24.58
C ASP B 687 6.20 40.87 -23.46
N LYS B 688 6.52 40.60 -22.20
CA LYS B 688 5.71 41.09 -21.10
C LYS B 688 5.76 42.63 -21.04
N ALA B 689 4.70 43.22 -20.51
CA ALA B 689 4.67 44.66 -20.32
C ALA B 689 5.71 45.08 -19.29
N PHE B 690 6.06 46.37 -19.34
CA PHE B 690 7.04 46.90 -18.39
C PHE B 690 6.52 46.80 -16.96
N SER B 691 5.28 47.20 -16.74
CA SER B 691 4.65 47.04 -15.43
C SER B 691 4.18 45.60 -15.25
N ASP B 692 3.66 45.31 -14.07
CA ASP B 692 3.19 43.97 -13.67
C ASP B 692 4.16 42.88 -14.12
N ARG B 693 5.46 43.17 -13.92
CA ARG B 693 6.55 42.25 -14.21
C ARG B 693 7.52 42.31 -13.02
N ASN B 694 7.18 41.59 -11.94
CA ASN B 694 7.99 41.56 -10.73
C ASN B 694 8.79 40.28 -10.57
N THR B 695 8.63 39.30 -11.46
CA THR B 695 9.42 38.08 -11.44
C THR B 695 10.02 37.84 -12.82
N LEU B 696 11.11 37.09 -12.84
CA LEU B 696 11.87 36.87 -14.06
C LEU B 696 12.77 35.67 -13.85
N ILE B 697 12.95 34.88 -14.90
CA ILE B 697 13.85 33.74 -14.88
C ILE B 697 14.86 33.88 -16.00
N ILE B 698 16.13 33.92 -15.65
CA ILE B 698 17.22 33.88 -16.63
C ILE B 698 17.80 32.48 -16.60
N TYR B 699 17.67 31.76 -17.71
CA TYR B 699 18.19 30.40 -17.80
C TYR B 699 19.65 30.42 -18.23
N LEU B 700 20.46 29.58 -17.60
CA LEU B 700 21.89 29.51 -17.87
C LEU B 700 22.22 28.15 -18.45
N ASP B 701 22.86 28.15 -19.63
CA ASP B 701 23.29 26.89 -20.22
C ASP B 701 24.35 26.21 -19.37
N LYS B 702 25.13 27.00 -18.64
CA LYS B 702 26.15 26.49 -17.74
C LYS B 702 26.52 27.58 -16.76
N VAL B 703 27.04 27.18 -15.61
CA VAL B 703 27.60 28.10 -14.64
C VAL B 703 28.94 27.54 -14.20
N SER B 704 30.00 28.33 -14.34
CA SER B 704 31.35 27.85 -14.10
C SER B 704 31.56 27.52 -12.62
N HIS B 705 32.47 26.58 -12.37
CA HIS B 705 32.92 26.28 -11.02
C HIS B 705 34.24 26.97 -10.67
N SER B 706 34.94 27.50 -11.67
CA SER B 706 36.25 28.12 -11.46
C SER B 706 36.15 29.62 -11.19
N GLU B 707 35.29 30.31 -11.93
CA GLU B 707 35.10 31.75 -11.77
C GLU B 707 33.63 32.04 -11.52
N ASP B 708 33.37 33.26 -11.04
CA ASP B 708 32.01 33.73 -10.89
C ASP B 708 31.49 34.22 -12.23
N ASP B 709 30.38 33.64 -12.68
CA ASP B 709 29.69 34.15 -13.86
C ASP B 709 28.75 35.27 -13.42
N CYS B 710 28.98 36.48 -13.93
CA CYS B 710 28.25 37.65 -13.50
C CYS B 710 27.41 38.20 -14.66
N LEU B 711 26.16 38.54 -14.35
CA LEU B 711 25.31 39.30 -15.26
C LEU B 711 24.73 40.48 -14.49
N ALA B 712 24.40 41.54 -15.21
CA ALA B 712 23.86 42.73 -14.57
C ALA B 712 22.87 43.41 -15.52
N PHE B 713 21.81 43.96 -14.94
CA PHE B 713 20.83 44.73 -15.70
C PHE B 713 20.25 45.81 -14.80
N LYS B 714 19.79 46.89 -15.43
CA LYS B 714 19.23 48.01 -14.68
C LYS B 714 17.77 47.75 -14.34
N VAL B 715 17.34 48.32 -13.22
CA VAL B 715 15.96 48.23 -12.77
C VAL B 715 15.45 49.65 -12.49
N HIS B 716 14.24 49.94 -12.95
CA HIS B 716 13.65 51.27 -12.83
C HIS B 716 12.47 51.23 -11.88
N GLN B 717 12.30 52.32 -11.14
CA GLN B 717 11.19 52.45 -10.20
C GLN B 717 10.04 53.13 -10.92
N TYR B 718 9.08 52.33 -11.40
CA TYR B 718 7.91 52.85 -12.08
C TYR B 718 6.79 53.23 -11.13
N PHE B 719 6.89 52.87 -9.85
CA PHE B 719 5.87 53.19 -8.87
C PHE B 719 6.55 53.49 -7.54
N ASN B 720 6.35 54.71 -7.02
CA ASN B 720 6.91 55.08 -5.74
C ASN B 720 6.11 54.43 -4.63
N VAL B 721 6.81 53.81 -3.67
CA VAL B 721 6.18 53.12 -2.56
C VAL B 721 6.88 53.53 -1.27
N GLU B 722 6.10 53.60 -0.18
CA GLU B 722 6.65 54.03 1.10
C GLU B 722 7.56 52.98 1.70
N LEU B 723 7.21 51.71 1.58
CA LEU B 723 8.01 50.59 2.07
C LEU B 723 8.39 49.70 0.90
N ILE B 724 9.69 49.47 0.73
CA ILE B 724 10.20 48.62 -0.33
C ILE B 724 10.55 47.27 0.26
N GLN B 725 9.88 46.22 -0.23
CA GLN B 725 10.23 44.88 0.22
C GLN B 725 11.47 44.40 -0.52
N PRO B 726 12.41 43.77 0.20
CA PRO B 726 13.64 43.30 -0.45
C PRO B 726 13.36 42.28 -1.55
N GLY B 727 14.03 42.45 -2.69
CA GLY B 727 13.99 41.45 -3.73
C GLY B 727 14.84 40.24 -3.38
N ALA B 728 14.71 39.20 -4.19
CA ALA B 728 15.43 37.96 -3.95
C ALA B 728 15.96 37.40 -5.27
N VAL B 729 17.03 36.62 -5.16
CA VAL B 729 17.61 35.88 -6.28
C VAL B 729 17.83 34.45 -5.81
N LYS B 730 17.44 33.47 -6.64
CA LYS B 730 17.51 32.07 -6.28
C LYS B 730 18.17 31.28 -7.41
N VAL B 731 19.18 30.51 -7.06
CA VAL B 731 19.94 29.72 -8.03
C VAL B 731 19.77 28.25 -7.70
N TYR B 732 19.60 27.43 -8.75
CA TYR B 732 19.54 25.99 -8.58
C TYR B 732 19.69 25.34 -9.95
N ALA B 733 20.25 24.15 -9.97
CA ALA B 733 20.29 23.36 -11.19
C ALA B 733 18.92 22.73 -11.44
N TYR B 734 18.67 22.38 -12.70
CA TYR B 734 17.33 21.96 -13.08
C TYR B 734 16.92 20.65 -12.43
N TYR B 735 17.88 19.78 -12.11
CA TYR B 735 17.59 18.46 -11.60
C TYR B 735 17.44 18.40 -10.08
N ASN B 736 17.62 19.53 -9.38
CA ASN B 736 17.52 19.53 -7.92
C ASN B 736 17.09 20.92 -7.47
N LEU B 737 15.81 21.05 -7.10
CA LEU B 737 15.32 22.29 -6.52
C LEU B 737 15.71 22.42 -5.06
N GLU B 738 15.90 21.30 -4.37
CA GLU B 738 16.24 21.36 -2.95
C GLU B 738 17.61 22.00 -2.74
N GLU B 739 18.57 21.70 -3.62
CA GLU B 739 19.90 22.30 -3.54
C GLU B 739 19.88 23.65 -4.24
N SER B 740 19.36 24.65 -3.52
CA SER B 740 19.23 25.99 -4.03
C SER B 740 20.02 26.96 -3.15
N CYS B 741 20.01 28.23 -3.55
CA CYS B 741 20.68 29.29 -2.80
C CYS B 741 19.95 30.59 -3.07
N THR B 742 19.47 31.23 -2.02
CA THR B 742 18.71 32.47 -2.14
C THR B 742 19.42 33.59 -1.39
N ARG B 743 19.67 34.69 -2.10
CA ARG B 743 20.18 35.91 -1.49
C ARG B 743 19.18 37.04 -1.69
N PHE B 744 19.01 37.85 -0.67
CA PHE B 744 18.11 39.00 -0.72
C PHE B 744 18.92 40.28 -0.94
N TYR B 745 18.32 41.21 -1.67
CA TYR B 745 18.93 42.51 -1.93
C TYR B 745 17.92 43.60 -1.66
N HIS B 746 18.38 44.68 -1.04
CA HIS B 746 17.55 45.83 -0.71
C HIS B 746 18.43 47.01 -0.33
N PRO B 747 18.24 48.17 -0.96
CA PRO B 747 19.00 49.35 -0.56
C PRO B 747 18.57 49.81 0.83
N GLU B 748 19.56 50.20 1.64
CA GLU B 748 19.41 50.73 2.99
C GLU B 748 19.11 49.65 4.03
N LYS B 749 19.04 47.19 3.81
CA LYS B 749 18.84 46.15 4.81
C LYS B 749 19.97 45.14 4.70
N GLU B 750 20.45 44.66 5.86
CA GLU B 750 21.64 43.82 5.90
C GLU B 750 21.35 42.48 5.24
N ASP B 751 22.00 42.23 4.10
CA ASP B 751 21.92 40.97 3.38
C ASP B 751 20.49 40.61 2.98
N GLY B 752 19.60 41.59 2.84
CA GLY B 752 18.24 41.32 2.44
C GLY B 752 17.35 40.72 3.50
N LYS B 753 17.77 40.70 4.77
CA LYS B 753 16.99 40.11 5.84
C LYS B 753 16.06 41.14 6.45
N LEU B 754 14.82 40.72 6.72
CA LEU B 754 13.89 41.59 7.42
C LEU B 754 14.38 41.84 8.84
N ASN B 755 14.00 43.00 9.39
CA ASN B 755 14.49 43.40 10.71
C ASN B 755 13.90 42.51 11.79
N LYS B 756 14.78 41.82 12.52
CA LYS B 756 14.37 40.97 13.65
C LYS B 756 15.45 41.03 14.70
N LEU B 757 15.05 40.79 15.95
CA LEU B 757 15.98 40.77 17.08
C LEU B 757 15.99 39.37 17.67
N CYS B 758 17.15 38.72 17.62
CA CYS B 758 17.29 37.33 18.03
C CYS B 758 18.27 37.21 19.19
N ARG B 759 18.03 36.21 20.04
CA ARG B 759 18.92 35.91 21.15
C ARG B 759 18.62 34.49 21.61
N ASP B 760 19.60 33.60 21.47
CA ASP B 760 19.47 32.19 21.89
C ASP B 760 18.32 31.50 21.16
N GLU B 761 18.31 31.64 19.84
CA GLU B 761 17.34 30.99 18.97
C GLU B 761 15.90 31.38 19.30
N LEU B 762 15.70 32.62 19.74
CA LEU B 762 14.37 33.17 19.96
C LEU B 762 14.37 34.58 19.38
N CYS B 763 13.60 34.78 18.31
CA CYS B 763 13.53 36.06 17.62
C CYS B 763 12.16 36.69 17.80
N ARG B 764 12.14 38.02 17.78
CA ARG B 764 10.89 38.77 17.70
C ARG B 764 11.01 39.77 16.56
N CYS B 765 9.90 40.00 15.88
CA CYS B 765 9.90 40.87 14.71
C CYS B 765 10.18 42.31 15.11
N ALA B 766 10.82 43.04 14.19
CA ALA B 766 11.16 44.44 14.42
C ALA B 766 10.73 45.32 13.26
N GLU B 767 9.70 44.92 12.53
CA GLU B 767 9.14 45.72 11.45
C GLU B 767 8.07 46.68 11.93
N GLU B 768 7.79 46.72 13.23
CA GLU B 768 6.81 47.65 13.79
C GLU B 768 7.35 49.07 13.75
N ASN B 769 6.58 50.00 14.31
CA ASN B 769 6.99 51.39 14.37
C ASN B 769 8.18 51.55 15.32
N CYS B 770 7.69 51.92 15.62
CA CYS B 770 8.76 52.18 16.57
C CYS B 770 8.23 52.40 17.98
N PHE B 771 7.13 53.15 18.10
CA PHE B 771 6.51 53.43 19.39
C PHE B 771 5.14 54.03 19.12
N ILE B 772 4.38 54.24 20.19
CA ILE B 772 3.06 54.83 20.05
C ILE B 772 3.19 56.24 19.52
N GLN B 773 2.54 56.51 18.38
CA GLN B 773 2.78 57.73 17.61
C GLN B 773 1.93 58.91 18.06
N LYS B 774 1.12 58.77 19.10
CA LYS B 774 0.26 59.86 19.54
C LYS B 774 1.09 61.09 19.89
N SER B 775 0.65 62.25 19.43
CA SER B 775 1.37 63.49 19.65
C SER B 775 1.23 63.94 21.11
N ASP B 776 2.23 64.74 21.55
CA ASP B 776 2.23 65.21 22.93
C ASP B 776 1.20 66.29 23.17
N ASP B 777 0.66 66.91 22.13
CA ASP B 777 -0.37 67.93 22.26
C ASP B 777 -1.78 67.38 22.05
N LYS B 778 -1.92 66.29 21.30
CA LYS B 778 -3.21 65.64 21.12
C LYS B 778 -3.57 64.71 22.28
N VAL B 779 -2.65 64.50 23.22
CA VAL B 779 -2.89 63.66 24.39
C VAL B 779 -3.17 64.56 25.58
N THR B 780 -4.08 64.12 26.44
CA THR B 780 -4.48 64.87 27.63
C THR B 780 -4.09 64.08 28.88
N LEU B 781 -4.33 64.71 30.04
CA LEU B 781 -4.07 64.03 31.31
C LEU B 781 -4.97 62.81 31.47
N GLU B 782 -6.26 62.95 31.11
CA GLU B 782 -7.18 61.82 31.20
C GLU B 782 -6.81 60.71 30.22
N GLU B 783 -6.29 61.08 29.04
CA GLU B 783 -5.88 60.07 28.07
C GLU B 783 -4.63 59.32 28.53
N ARG B 784 -3.72 59.99 29.24
CA ARG B 784 -2.56 59.29 29.79
C ARG B 784 -2.97 58.31 30.88
N LEU B 785 -3.86 58.74 31.78
CA LEU B 785 -4.29 57.86 32.86
C LEU B 785 -5.07 56.66 32.33
N ASP B 786 -5.94 56.88 31.34
CA ASP B 786 -6.73 55.78 30.80
C ASP B 786 -5.85 54.77 30.09
N LYS B 787 -4.81 55.22 29.39
CA LYS B 787 -3.90 54.30 28.72
C LYS B 787 -3.03 53.56 29.72
N ALA B 788 -2.46 54.28 30.69
CA ALA B 788 -1.51 53.67 31.61
C ALA B 788 -2.19 52.77 32.63
N CYS B 789 -3.46 53.02 32.94
CA CYS B 789 -4.17 52.20 33.92
C CYS B 789 -4.72 50.90 33.34
N GLU B 790 -4.47 50.63 32.06
CA GLU B 790 -4.85 49.34 31.51
C GLU B 790 -4.01 48.24 32.14
N PRO B 791 -4.58 47.04 32.32
CA PRO B 791 -3.79 45.94 32.88
C PRO B 791 -2.64 45.52 31.98
N GLY B 792 -2.77 45.72 30.66
CA GLY B 792 -1.69 45.39 29.76
C GLY B 792 -0.43 46.18 30.03
N VAL B 793 -0.59 47.45 30.42
CA VAL B 793 0.55 48.30 30.77
C VAL B 793 1.13 47.78 32.09
N ASP B 794 2.30 47.15 32.02
CA ASP B 794 2.91 46.54 33.20
C ASP B 794 3.74 47.54 33.98
N TYR B 795 4.63 48.26 33.31
CA TYR B 795 5.54 49.19 33.96
C TYR B 795 5.27 50.61 33.49
N VAL B 796 5.38 51.56 34.42
CA VAL B 796 5.33 52.99 34.11
C VAL B 796 6.48 53.64 34.86
N TYR B 797 7.49 54.13 34.13
CA TYR B 797 8.70 54.67 34.73
C TYR B 797 8.93 56.10 34.29
N LYS B 798 9.58 56.87 35.16
CA LYS B 798 10.26 58.09 34.77
C LYS B 798 11.75 57.78 34.72
N THR B 799 12.37 57.98 33.56
CA THR B 799 13.73 57.54 33.34
C THR B 799 14.63 58.72 33.00
N ARG B 800 15.93 58.46 33.03
CA ARG B 800 16.95 59.42 32.63
C ARG B 800 17.96 58.70 31.75
N LEU B 801 18.10 59.16 30.51
CA LEU B 801 18.99 58.51 29.56
C LEU B 801 20.44 58.78 29.94
N VAL B 802 21.18 57.72 30.27
CA VAL B 802 22.56 57.84 30.71
C VAL B 802 23.50 57.71 29.53
N LYS B 803 23.41 56.58 28.81
CA LYS B 803 24.33 56.30 27.71
C LYS B 803 23.54 55.72 26.54
N VAL B 804 24.05 55.96 25.34
CA VAL B 804 23.44 55.46 24.10
C VAL B 804 24.51 54.64 23.40
N GLN B 805 24.47 53.33 23.58
CA GLN B 805 25.43 52.42 22.94
C GLN B 805 24.92 52.10 21.54
N LEU B 806 25.45 52.80 20.55
CA LEU B 806 25.04 52.62 19.17
C LEU B 806 25.65 51.35 18.58
N SER B 807 24.82 50.57 17.90
CA SER B 807 25.27 49.38 17.21
C SER B 807 24.53 49.29 15.87
N ASN B 808 25.06 48.45 14.97
CA ASN B 808 24.47 48.33 13.65
C ASN B 808 23.23 47.43 13.65
N ASP B 809 23.15 46.49 14.58
CA ASP B 809 21.97 45.62 14.64
C ASP B 809 20.81 46.31 15.36
N PHE B 810 21.10 46.96 16.49
CA PHE B 810 20.08 47.70 17.23
C PHE B 810 20.76 48.66 18.18
N ASP B 811 20.06 49.75 18.51
CA ASP B 811 20.55 50.74 19.45
C ASP B 811 20.11 50.39 20.85
N GLU B 812 21.03 50.48 21.80
CA GLU B 812 20.77 50.20 23.21
C GLU B 812 20.74 51.51 23.98
N TYR B 813 19.62 51.78 24.65
CA TYR B 813 19.43 53.00 25.43
C TYR B 813 19.40 52.63 26.91
N ILE B 814 20.50 52.94 27.61
CA ILE B 814 20.60 52.63 29.03
C ILE B 814 19.87 53.70 29.81
N MET B 815 18.82 53.31 30.51
CA MET B 815 17.96 54.24 31.24
C MET B 815 18.17 54.04 32.74
N ALA B 816 18.32 55.14 33.46
CA ALA B 816 18.27 55.11 34.91
C ALA B 816 16.83 55.36 35.35
N ILE B 817 16.31 54.49 36.21
CA ILE B 817 14.93 54.58 36.68
C ILE B 817 14.86 55.71 37.70
N GLU B 818 14.45 56.90 37.25
CA GLU B 818 14.37 58.05 38.14
C GLU B 818 13.24 57.89 39.16
N GLN B 819 12.08 57.39 38.71
CA GLN B 819 10.96 57.17 39.60
C GLN B 819 10.15 55.98 39.11
N THR B 820 9.72 55.14 40.05
CA THR B 820 8.89 53.98 39.73
C THR B 820 7.42 54.39 39.87
N ILE B 821 6.86 54.92 38.79
CA ILE B 821 5.49 55.41 38.83
C ILE B 821 4.51 54.26 39.02
N LYS B 822 4.71 53.17 38.27
CA LYS B 822 3.94 51.95 38.47
C LYS B 822 4.88 50.76 38.30
N SER B 823 5.20 50.08 39.39
CA SER B 823 6.08 48.93 39.34
C SER B 823 5.38 47.76 38.66
N GLY B 824 6.09 47.10 37.76
CA GLY B 824 5.56 45.97 37.04
C GLY B 824 6.05 44.64 37.59
N SER B 825 6.15 43.65 36.71
CA SER B 825 6.65 42.35 37.10
C SER B 825 8.16 42.33 37.29
N ASP B 826 8.85 43.44 37.04
CA ASP B 826 10.29 43.55 37.21
C ASP B 826 10.57 44.43 38.41
N GLU B 827 11.17 43.84 39.45
CA GLU B 827 11.51 44.57 40.67
C GLU B 827 12.76 45.41 40.42
N VAL B 828 12.54 46.66 40.04
CA VAL B 828 13.62 47.61 39.80
C VAL B 828 13.51 48.74 40.81
N GLN B 829 14.64 49.16 41.36
CA GLN B 829 14.70 50.19 42.38
C GLN B 829 15.19 51.50 41.79
N VAL B 830 14.86 52.60 42.47
CA VAL B 830 15.32 53.91 42.02
C VAL B 830 16.83 53.95 42.06
N GLY B 831 17.42 54.40 40.95
CA GLY B 831 18.86 54.46 40.80
C GLY B 831 19.44 53.36 39.95
N GLN B 832 18.74 52.23 39.84
CA GLN B 832 19.22 51.14 39.01
C GLN B 832 19.03 51.47 37.53
N GLN B 833 19.66 50.66 36.69
CA GLN B 833 19.64 50.87 35.24
C GLN B 833 19.00 49.67 34.55
N ARG B 834 18.24 49.97 33.49
CA ARG B 834 17.68 48.96 32.60
C ARG B 834 17.93 49.38 31.17
N THR B 835 18.23 48.41 30.31
CA THR B 835 18.52 48.69 28.91
C THR B 835 17.24 48.61 28.09
N PHE B 836 17.00 49.65 27.30
CA PHE B 836 15.86 49.72 26.38
C PHE B 836 16.39 49.59 24.95
N ILE B 837 15.91 48.56 24.24
CA ILE B 837 16.42 48.21 22.92
C ILE B 837 15.42 48.66 21.86
N SER B 838 15.94 49.16 20.74
CA SER B 838 15.13 49.59 19.60
C SER B 838 15.98 49.41 18.34
N PRO B 839 15.38 48.97 17.23
CA PRO B 839 16.16 48.82 16.00
C PRO B 839 16.66 50.17 15.48
N ILE B 840 17.71 50.10 14.66
CA ILE B 840 18.38 51.32 14.22
C ILE B 840 17.49 52.19 13.33
N LYS B 841 16.44 51.61 12.73
CA LYS B 841 15.53 52.41 11.93
C LYS B 841 14.75 53.41 12.77
N CYS B 842 14.66 53.20 14.08
CA CYS B 842 13.94 54.08 14.98
C CYS B 842 14.86 55.11 15.64
N ARG B 843 16.14 55.14 15.30
CA ARG B 843 17.07 56.06 15.93
C ARG B 843 16.71 57.50 15.62
N GLU B 844 16.32 57.78 14.39
CA GLU B 844 15.90 59.12 14.01
C GLU B 844 14.46 59.41 14.41
N ALA B 845 13.65 58.37 14.63
CA ALA B 845 12.25 58.59 15.01
C ALA B 845 12.10 58.87 16.50
N LEU B 846 12.92 58.22 17.33
CA LEU B 846 12.83 58.41 18.77
C LEU B 846 13.45 59.73 19.22
N LYS B 847 14.58 60.12 18.61
CA LYS B 847 15.26 61.37 18.94
C LYS B 847 15.61 61.45 20.42
N LEU B 848 16.19 60.38 20.94
CA LEU B 848 16.56 60.33 22.34
C LEU B 848 17.89 61.04 22.57
N GLU B 849 17.94 61.85 23.62
CA GLU B 849 19.14 62.61 23.97
C GLU B 849 19.61 62.20 25.37
N GLU B 850 20.92 62.13 25.54
CA GLU B 850 21.49 61.74 26.81
C GLU B 850 21.25 62.81 27.87
N LYS B 851 21.10 62.37 29.12
CA LYS B 851 20.82 63.20 30.28
C LYS B 851 19.45 63.86 30.25
N LYS B 852 18.61 63.50 29.28
CA LYS B 852 17.21 63.94 29.27
C LYS B 852 16.33 62.93 29.99
N HIS B 853 15.15 63.38 30.39
CA HIS B 853 14.21 62.55 31.11
C HIS B 853 13.03 62.20 30.23
N TYR B 854 12.46 61.02 30.45
CA TYR B 854 11.37 60.52 29.63
C TYR B 854 10.34 59.81 30.49
N LEU B 855 9.08 59.90 30.08
CA LEU B 855 8.01 59.09 30.63
C LEU B 855 7.84 57.87 29.73
N MET B 856 7.94 56.67 30.30
CA MET B 856 7.94 55.43 29.55
C MET B 856 6.98 54.43 30.17
N TRP B 857 6.15 53.81 29.34
CA TRP B 857 5.37 52.65 29.77
C TRP B 857 5.27 51.69 28.60
N GLY B 858 5.00 50.42 28.92
CA GLY B 858 4.93 49.40 27.90
C GLY B 858 4.32 48.13 28.44
N LEU B 859 4.31 47.11 27.59
CA LEU B 859 3.72 45.83 27.92
C LEU B 859 4.76 44.90 28.54
N SER B 860 4.27 43.92 29.31
CA SER B 860 5.15 42.87 29.81
C SER B 860 5.62 41.95 28.70
N SER B 861 4.96 41.97 27.54
CA SER B 861 5.42 41.21 26.40
C SER B 861 6.67 41.80 25.76
N ASP B 862 7.11 42.97 26.21
CA ASP B 862 8.31 43.62 25.70
C ASP B 862 9.55 43.31 26.55
N PHE B 863 9.41 42.53 27.61
CA PHE B 863 10.57 42.03 28.32
C PHE B 863 11.39 41.12 27.40
N TRP B 864 12.69 41.01 27.69
CA TRP B 864 13.55 40.29 26.77
C TRP B 864 14.37 39.21 27.48
N GLY B 865 15.43 39.60 28.17
CA GLY B 865 16.33 38.63 28.77
C GLY B 865 15.78 37.91 29.98
N GLU B 866 16.67 37.35 30.80
CA GLU B 866 16.28 36.72 32.05
C GLU B 866 16.13 37.77 33.14
N LYS B 867 15.57 37.35 34.27
CA LYS B 867 15.30 38.29 35.35
C LYS B 867 16.56 39.00 35.87
N PRO B 868 17.69 38.32 36.10
CA PRO B 868 18.88 39.08 36.56
C PRO B 868 19.40 40.07 35.52
N ASN B 869 19.21 39.81 34.24
CA ASN B 869 19.65 40.70 33.17
C ASN B 869 18.49 41.01 32.23
N LEU B 870 17.45 41.63 32.77
CA LEU B 870 16.22 41.87 32.02
C LEU B 870 16.36 43.13 31.17
N SER B 871 16.10 42.98 29.88
CA SER B 871 16.12 44.09 28.94
C SER B 871 14.70 44.44 28.50
N TYR B 872 14.49 45.71 28.18
CA TYR B 872 13.22 46.19 27.68
C TYR B 872 13.34 46.46 26.19
N ILE B 873 12.28 46.15 25.45
CA ILE B 873 12.20 46.40 24.03
C ILE B 873 11.22 47.54 23.80
N ILE B 874 11.59 48.48 22.93
CA ILE B 874 10.74 49.61 22.57
C ILE B 874 9.96 49.21 21.33
N GLY B 875 8.75 48.69 21.53
CA GLY B 875 7.90 48.24 20.44
C GLY B 875 6.76 49.20 20.16
N LYS B 876 5.82 48.71 19.32
CA LYS B 876 4.69 49.52 18.90
C LYS B 876 3.75 49.88 20.04
N ASP B 877 3.85 49.18 21.17
CA ASP B 877 3.01 49.45 22.33
C ASP B 877 3.79 50.13 23.46
N THR B 878 4.99 50.63 23.18
CA THR B 878 5.81 51.32 24.17
C THR B 878 5.61 52.83 24.04
N TRP B 879 5.25 53.47 25.15
CA TRP B 879 5.07 54.91 25.20
C TRP B 879 6.40 55.58 25.56
N VAL B 880 6.87 56.50 24.72
CA VAL B 880 8.08 57.25 24.97
C VAL B 880 7.77 58.72 24.78
N GLU B 881 7.77 59.47 25.88
CA GLU B 881 7.42 60.89 25.85
C GLU B 881 8.52 61.69 26.55
N HIS B 882 8.89 62.82 25.95
CA HIS B 882 9.93 63.67 26.54
C HIS B 882 9.42 64.33 27.81
N TRP B 883 10.22 64.27 28.86
CA TRP B 883 9.89 64.88 30.15
C TRP B 883 10.76 66.12 30.36
N PRO B 884 10.24 67.32 30.14
CA PRO B 884 11.07 68.52 30.30
C PRO B 884 11.45 68.75 31.76
N GLU B 885 12.63 69.33 31.95
CA GLU B 885 13.14 69.56 33.29
C GLU B 885 12.30 70.60 34.02
N GLU B 886 12.50 70.65 35.35
CA GLU B 886 11.70 71.54 36.19
C GLU B 886 11.84 73.00 35.74
N ASP B 887 13.05 73.43 35.39
CA ASP B 887 13.25 74.79 34.92
C ASP B 887 12.65 74.98 33.53
N GLU B 888 12.65 73.94 32.70
CA GLU B 888 12.08 74.04 31.37
C GLU B 888 10.58 74.32 31.40
N CYS B 889 9.91 73.99 32.49
CA CYS B 889 8.47 74.19 32.59
C CYS B 889 8.08 75.65 32.71
N GLN B 890 9.05 76.55 32.95
CA GLN B 890 8.75 77.97 33.04
C GLN B 890 8.37 78.58 31.70
N ASP B 891 8.55 77.85 30.60
CA ASP B 891 8.12 78.32 29.29
C ASP B 891 6.62 78.06 29.12
N GLU B 892 5.99 78.91 28.30
CA GLU B 892 4.56 78.77 28.07
C GLU B 892 4.23 77.58 27.18
N GLU B 893 5.18 77.14 26.36
CA GLU B 893 4.93 75.98 25.50
C GLU B 893 4.90 74.69 26.31
N ASN B 894 5.79 74.55 27.27
CA ASN B 894 5.86 73.36 28.10
C ASN B 894 4.88 73.39 29.28
N GLN B 895 4.14 74.49 29.45
CA GLN B 895 3.22 74.59 30.58
C GLN B 895 2.15 73.51 30.53
N LYS B 896 1.61 73.25 29.33
CA LYS B 896 0.56 72.23 29.20
C LYS B 896 1.10 70.85 29.54
N GLN B 897 2.29 70.50 29.02
CA GLN B 897 2.82 69.16 29.23
C GLN B 897 3.24 68.95 30.68
N CYS B 898 3.87 69.96 31.29
CA CYS B 898 4.30 69.81 32.67
C CYS B 898 3.12 69.72 33.63
N GLN B 899 2.01 70.40 33.33
CA GLN B 899 0.83 70.25 34.16
C GLN B 899 0.23 68.85 34.05
N ASP B 900 0.40 68.20 32.89
CA ASP B 900 -0.09 66.84 32.72
C ASP B 900 0.82 65.83 33.39
N LEU B 901 2.14 65.93 33.13
CA LEU B 901 3.08 64.96 33.69
C LEU B 901 3.13 65.04 35.21
N GLY B 902 3.20 66.26 35.76
CA GLY B 902 3.19 66.40 37.21
C GLY B 902 1.91 65.88 37.83
N ALA B 903 0.78 66.06 37.15
CA ALA B 903 -0.48 65.53 37.64
C ALA B 903 -0.59 64.03 37.39
N PHE B 904 -0.06 63.56 36.25
CA PHE B 904 -0.08 62.13 35.97
C PHE B 904 0.65 61.34 37.05
N THR B 905 1.77 61.88 37.54
CA THR B 905 2.54 61.17 38.57
C THR B 905 1.80 61.15 39.90
N GLU B 906 1.29 62.30 40.34
CA GLU B 906 0.59 62.36 41.62
C GLU B 906 -0.68 61.51 41.61
N SER B 907 -1.31 61.34 40.44
CA SER B 907 -2.52 60.55 40.36
C SER B 907 -2.24 59.05 40.38
N MET B 908 -1.10 58.63 39.85
CA MET B 908 -0.73 57.22 39.81
C MET B 908 -0.04 56.77 41.10
N VAL B 909 0.82 57.60 41.67
CA VAL B 909 1.62 57.20 42.83
C VAL B 909 0.79 57.22 44.10
N VAL B 910 -0.01 58.26 44.30
CA VAL B 910 -0.73 58.42 45.55
C VAL B 910 -2.07 57.68 45.57
N PHE B 911 -2.71 57.51 44.42
CA PHE B 911 -4.05 56.94 44.36
C PHE B 911 -4.17 55.69 43.49
N GLY B 912 -3.15 55.36 42.70
CA GLY B 912 -3.20 54.15 41.92
C GLY B 912 -4.26 54.19 40.83
N CYS B 913 -4.49 53.01 40.26
CA CYS B 913 -5.44 52.83 39.17
C CYS B 913 -6.67 52.12 39.65
N PRO B 914 -7.84 52.75 39.66
CA PRO B 914 -9.07 52.02 39.98
C PRO B 914 -9.46 51.10 38.84
N ASN B 915 -9.83 49.87 39.20
CA ASN B 915 -10.19 48.84 38.23
C ASN B 915 -9.06 48.60 37.23
N GLN C 2 -31.06 26.34 -10.22
CA GLN C 2 -30.99 27.75 -10.59
C GLN C 2 -31.72 28.62 -9.57
N VAL C 3 -32.02 29.85 -9.95
CA VAL C 3 -32.69 30.80 -9.06
C VAL C 3 -33.48 31.80 -9.89
N GLN C 4 -34.70 32.09 -9.48
CA GLN C 4 -35.53 33.12 -10.08
C GLN C 4 -35.89 34.14 -9.01
N LEU C 5 -36.40 35.28 -9.46
CA LEU C 5 -36.66 36.42 -8.60
C LEU C 5 -38.07 36.94 -8.80
N VAL C 6 -38.59 37.60 -7.76
CA VAL C 6 -39.92 38.21 -7.78
C VAL C 6 -39.79 39.62 -7.22
N GLU C 7 -40.20 40.61 -8.00
CA GLU C 7 -40.13 42.02 -7.61
C GLU C 7 -41.47 42.48 -7.05
N THR C 8 -41.43 43.16 -5.91
CA THR C 8 -42.60 43.76 -5.30
C THR C 8 -42.25 45.17 -4.85
N GLY C 9 -43.22 45.85 -4.23
CA GLY C 9 -43.01 47.18 -3.71
C GLY C 9 -43.31 48.31 -4.67
N GLY C 10 -43.57 48.01 -5.94
CA GLY C 10 -43.87 49.05 -6.90
C GLY C 10 -45.27 49.61 -6.71
N GLY C 11 -45.67 50.45 -7.64
CA GLY C 11 -46.99 51.03 -7.64
C GLY C 11 -46.95 52.42 -8.24
N LEU C 12 -47.98 53.21 -7.92
CA LEU C 12 -48.10 54.59 -8.38
C LEU C 12 -47.75 55.54 -7.24
N VAL C 13 -46.96 56.56 -7.55
CA VAL C 13 -46.52 57.55 -6.58
C VAL C 13 -46.51 58.92 -7.25
N GLN C 14 -46.35 59.96 -6.43
CA GLN C 14 -46.33 61.33 -6.91
C GLN C 14 -44.92 61.70 -7.35
N ALA C 15 -44.76 62.94 -7.81
CA ALA C 15 -43.50 63.36 -8.42
C ALA C 15 -42.39 63.49 -7.38
N GLY C 16 -42.70 64.04 -6.21
CA GLY C 16 -41.66 64.37 -5.27
C GLY C 16 -41.35 63.30 -4.23
N GLY C 17 -42.24 62.33 -4.07
CA GLY C 17 -42.17 61.41 -2.95
C GLY C 17 -41.11 60.34 -3.03
N SER C 18 -41.42 59.16 -2.52
CA SER C 18 -40.45 58.08 -2.42
C SER C 18 -41.18 56.75 -2.30
N LEU C 19 -40.44 55.66 -2.56
CA LEU C 19 -40.90 54.31 -2.31
C LEU C 19 -39.76 53.32 -2.47
N ARG C 20 -39.77 52.19 -1.74
CA ARG C 20 -38.70 51.21 -1.85
C ARG C 20 -39.23 49.92 -2.47
N LEU C 21 -38.40 49.30 -3.32
CA LEU C 21 -38.78 48.08 -4.00
C LEU C 21 -38.06 46.90 -3.37
N SER C 22 -38.82 45.84 -3.05
CA SER C 22 -38.27 44.66 -2.41
C SER C 22 -38.16 43.53 -3.44
N CYS C 23 -37.00 42.90 -3.50
CA CYS C 23 -36.74 41.80 -4.41
C CYS C 23 -36.59 40.52 -3.61
N ALA C 24 -37.45 39.54 -3.89
CA ALA C 24 -37.43 38.26 -3.21
C ALA C 24 -36.71 37.22 -4.07
N ALA C 25 -35.84 36.45 -3.45
CA ALA C 25 -35.05 35.44 -4.14
C ALA C 25 -35.61 34.04 -3.89
N SER C 26 -35.42 33.16 -4.87
CA SER C 26 -35.89 31.78 -4.75
C SER C 26 -35.00 30.98 -3.81
N GLY C 27 -33.70 30.92 -4.11
CA GLY C 27 -32.74 30.21 -3.29
C GLY C 27 -31.90 31.15 -2.45
N SER C 28 -30.94 30.55 -1.73
CA SER C 28 -30.08 31.33 -0.86
C SER C 28 -29.23 32.30 -1.68
N ILE C 29 -29.44 33.59 -1.46
CA ILE C 29 -28.71 34.62 -2.18
C ILE C 29 -27.26 34.73 -1.75
N PHE C 30 -26.90 34.08 -0.65
CA PHE C 30 -25.51 34.06 -0.21
C PHE C 30 -24.63 33.43 -1.29
N SER C 31 -23.36 33.84 -1.31
CA SER C 31 -22.35 33.44 -2.29
C SER C 31 -22.61 34.00 -3.68
N LEU C 32 -23.66 34.80 -3.87
CA LEU C 32 -23.89 35.49 -5.13
C LEU C 32 -23.26 36.88 -5.05
N ASN C 33 -22.25 37.12 -5.89
CA ASN C 33 -21.40 38.28 -5.71
C ASN C 33 -22.13 39.58 -6.05
N ALA C 34 -22.92 39.58 -7.13
CA ALA C 34 -23.53 40.80 -7.63
C ALA C 34 -25.05 40.68 -7.56
N MET C 35 -25.69 41.71 -7.01
CA MET C 35 -27.14 41.85 -7.03
C MET C 35 -27.44 43.26 -7.53
N GLY C 36 -28.03 43.36 -8.72
CA GLY C 36 -28.22 44.63 -9.38
C GLY C 36 -29.68 44.92 -9.68
N TRP C 37 -30.00 46.20 -9.76
CA TRP C 37 -31.31 46.67 -10.19
C TRP C 37 -31.18 47.34 -11.54
N PHE C 38 -32.10 47.02 -12.45
CA PHE C 38 -32.13 47.60 -13.78
C PHE C 38 -33.54 48.11 -14.07
N ARG C 39 -33.62 49.12 -14.92
CA ARG C 39 -34.91 49.71 -15.28
C ARG C 39 -34.97 49.95 -16.79
N GLN C 40 -36.19 49.96 -17.31
CA GLN C 40 -36.42 50.20 -18.74
C GLN C 40 -37.62 51.13 -18.87
N ALA C 41 -37.36 52.38 -19.26
CA ALA C 41 -38.43 53.35 -19.44
C ALA C 41 -39.15 53.11 -20.76
N PRO C 42 -40.42 53.49 -20.85
CA PRO C 42 -41.14 53.36 -22.13
C PRO C 42 -40.48 54.19 -23.22
N GLY C 43 -40.17 53.53 -24.34
CA GLY C 43 -39.50 54.17 -25.45
C GLY C 43 -37.99 54.23 -25.33
N LYS C 44 -37.42 53.76 -24.22
CA LYS C 44 -35.98 53.78 -23.98
C LYS C 44 -35.47 52.36 -23.83
N GLU C 45 -34.15 52.23 -23.68
CA GLU C 45 -33.51 50.95 -23.49
C GLU C 45 -33.31 50.65 -22.01
N ARG C 46 -33.11 49.37 -21.70
CA ARG C 46 -32.84 48.95 -20.34
C ARG C 46 -31.49 49.49 -19.89
N GLU C 47 -31.48 50.24 -18.79
CA GLU C 47 -30.29 50.91 -18.32
C GLU C 47 -29.93 50.43 -16.93
N PHE C 48 -28.69 50.69 -16.53
CA PHE C 48 -28.17 50.28 -15.23
C PHE C 48 -28.60 51.27 -14.14
N VAL C 49 -28.94 50.74 -12.97
CA VAL C 49 -29.35 51.57 -11.84
C VAL C 49 -28.33 51.44 -10.71
N ALA C 50 -28.26 50.28 -10.07
CA ALA C 50 -27.40 50.11 -8.91
C ALA C 50 -27.04 48.64 -8.73
N THR C 51 -25.80 48.39 -8.28
CA THR C 51 -25.33 47.08 -7.87
C THR C 51 -24.85 47.15 -6.42
N ILE C 52 -24.88 45.99 -5.75
CA ILE C 52 -24.40 45.89 -4.39
C ILE C 52 -23.47 44.70 -4.29
N ASN C 53 -22.48 44.82 -3.40
CA ASN C 53 -21.52 43.76 -3.15
C ASN C 53 -22.22 42.53 -2.58
N ARG C 54 -21.46 41.43 -2.48
CA ARG C 54 -21.99 40.22 -1.86
C ARG C 54 -22.28 40.47 -0.38
N SER C 55 -21.33 41.09 0.32
CA SER C 55 -21.52 41.44 1.73
C SER C 55 -22.18 42.79 1.92
N GLY C 56 -22.35 43.57 0.85
CA GLY C 56 -22.98 44.86 0.93
C GLY C 56 -22.02 46.02 1.18
N GLY C 57 -20.72 45.77 1.23
CA GLY C 57 -19.76 46.81 1.53
C GLY C 57 -19.38 47.67 0.34
N ARG C 58 -19.71 47.25 -0.87
CA ARG C 58 -19.40 48.00 -2.09
C ARG C 58 -20.66 48.14 -2.93
N THR C 59 -20.86 49.33 -3.48
CA THR C 59 -21.99 49.59 -4.36
C THR C 59 -21.53 50.42 -5.56
N TYR C 60 -22.37 50.45 -6.58
CA TYR C 60 -22.18 51.30 -7.75
C TYR C 60 -23.53 51.83 -8.18
N TYR C 61 -23.58 53.12 -8.52
CA TYR C 61 -24.82 53.75 -8.95
C TYR C 61 -24.61 54.44 -10.29
N ALA C 62 -25.70 54.59 -11.04
CA ALA C 62 -25.66 55.37 -12.27
C ALA C 62 -25.69 56.85 -11.97
N ASP C 63 -25.09 57.64 -12.85
CA ASP C 63 -24.96 59.07 -12.61
C ASP C 63 -26.31 59.76 -12.52
N SER C 64 -27.32 59.24 -13.21
CA SER C 64 -28.64 59.88 -13.19
C SER C 64 -29.32 59.74 -11.83
N VAL C 65 -29.01 58.67 -11.10
CA VAL C 65 -29.65 58.41 -9.81
C VAL C 65 -28.58 58.31 -8.74
N LYS C 66 -27.46 59.02 -8.93
CA LYS C 66 -26.26 58.79 -8.13
C LYS C 66 -26.51 59.06 -6.65
N GLY C 67 -27.04 60.24 -6.33
CA GLY C 67 -27.22 60.60 -4.94
C GLY C 67 -28.66 60.54 -4.47
N ARG C 68 -29.51 59.81 -5.21
CA ARG C 68 -30.93 59.74 -4.88
C ARG C 68 -31.42 58.34 -4.55
N PHE C 69 -30.75 57.29 -5.00
CA PHE C 69 -31.13 55.92 -4.68
C PHE C 69 -30.10 55.28 -3.77
N THR C 70 -30.56 54.27 -3.01
CA THR C 70 -29.70 53.56 -2.07
C THR C 70 -30.05 52.09 -2.11
N ILE C 71 -29.10 51.27 -2.56
CA ILE C 71 -29.31 49.82 -2.68
C ILE C 71 -28.81 49.13 -1.42
N SER C 72 -29.56 48.13 -0.96
CA SER C 72 -29.20 47.37 0.22
C SER C 72 -29.68 45.94 0.04
N ARG C 73 -29.06 45.02 0.78
CA ARG C 73 -29.41 43.60 0.70
C ARG C 73 -29.33 42.98 2.08
N ASP C 74 -30.11 41.92 2.27
CA ASP C 74 -30.10 41.13 3.50
C ASP C 74 -29.86 39.68 3.09
N ASN C 75 -28.60 39.23 3.26
CA ASN C 75 -28.25 37.87 2.83
C ASN C 75 -28.94 36.81 3.68
N GLY C 76 -29.28 37.14 4.93
CA GLY C 76 -29.98 36.19 5.77
C GLY C 76 -31.44 36.01 5.41
N LYS C 77 -32.06 37.02 4.80
CA LYS C 77 -33.46 36.95 4.41
C LYS C 77 -33.64 36.68 2.92
N ASN C 78 -32.55 36.58 2.16
CA ASN C 78 -32.61 36.39 0.71
C ASN C 78 -33.41 37.52 0.06
N MET C 79 -33.04 38.76 0.39
CA MET C 79 -33.78 39.93 -0.05
C MET C 79 -32.82 40.99 -0.56
N VAL C 80 -33.27 41.73 -1.58
CA VAL C 80 -32.58 42.90 -2.09
C VAL C 80 -33.58 44.06 -2.10
N TYR C 81 -33.11 45.26 -1.80
CA TYR C 81 -33.97 46.43 -1.74
C TYR C 81 -33.37 47.57 -2.54
N LEU C 82 -34.21 48.53 -2.91
CA LEU C 82 -33.77 49.71 -3.65
C LEU C 82 -34.64 50.89 -3.17
N GLN C 83 -34.13 51.62 -2.17
CA GLN C 83 -34.82 52.77 -1.63
C GLN C 83 -34.69 53.94 -2.59
N MET C 84 -35.82 54.40 -3.13
CA MET C 84 -35.87 55.47 -4.12
C MET C 84 -36.36 56.74 -3.44
N HIS C 85 -35.49 57.74 -3.34
CA HIS C 85 -35.82 59.03 -2.75
C HIS C 85 -35.71 60.14 -3.78
N SER C 86 -36.44 61.22 -3.56
CA SER C 86 -36.42 62.42 -4.40
C SER C 86 -36.67 62.05 -5.86
N LEU C 87 -37.85 61.49 -6.11
CA LEU C 87 -38.18 60.96 -7.42
C LEU C 87 -38.28 62.08 -8.46
N LYS C 88 -38.08 61.70 -9.72
CA LYS C 88 -38.21 62.58 -10.87
C LYS C 88 -39.10 61.92 -11.90
N PRO C 89 -39.83 62.71 -12.70
CA PRO C 89 -40.71 62.11 -13.72
C PRO C 89 -39.96 61.32 -14.78
N GLU C 90 -38.64 61.45 -14.87
CA GLU C 90 -37.83 60.68 -15.81
C GLU C 90 -37.44 59.31 -15.26
N ASP C 91 -37.91 58.95 -14.06
CA ASP C 91 -37.63 57.66 -13.46
C ASP C 91 -38.74 56.64 -13.67
N THR C 92 -39.79 57.00 -14.40
CA THR C 92 -40.87 56.07 -14.69
C THR C 92 -40.37 54.95 -15.59
N ALA C 93 -40.38 53.73 -15.09
CA ALA C 93 -39.82 52.60 -15.81
C ALA C 93 -40.26 51.31 -15.12
N ILE C 94 -40.05 50.20 -15.82
CA ILE C 94 -40.20 48.88 -15.24
C ILE C 94 -38.87 48.51 -14.58
N TYR C 95 -38.90 48.21 -13.29
CA TYR C 95 -37.69 47.94 -12.53
C TYR C 95 -37.48 46.44 -12.40
N TYR C 96 -36.32 45.97 -12.86
CA TYR C 96 -35.98 44.55 -12.87
C TYR C 96 -34.89 44.26 -11.84
N CYS C 97 -35.07 43.15 -11.13
CA CYS C 97 -34.08 42.64 -10.19
C CYS C 97 -33.36 41.47 -10.85
N ALA C 98 -32.02 41.46 -10.75
CA ALA C 98 -31.22 40.48 -11.47
C ALA C 98 -30.11 39.96 -10.59
N ALA C 99 -29.80 38.67 -10.76
CA ALA C 99 -28.67 38.03 -10.10
C ALA C 99 -27.47 38.02 -11.04
N GLY C 100 -26.29 38.28 -10.48
CA GLY C 100 -25.09 38.40 -11.27
C GLY C 100 -23.97 37.51 -10.76
N THR C 101 -22.83 37.59 -11.45
CA THR C 101 -21.65 36.82 -11.13
C THR C 101 -20.59 37.62 -10.38
N GLY C 102 -20.74 38.96 -10.33
CA GLY C 102 -19.75 39.83 -9.76
C GLY C 102 -18.89 40.54 -10.79
N TRP C 103 -18.64 39.89 -11.93
CA TRP C 103 -17.84 40.50 -12.98
C TRP C 103 -18.64 41.60 -13.68
N SER C 104 -17.97 42.72 -13.95
CA SER C 104 -18.55 43.91 -14.59
C SER C 104 -19.95 44.16 -14.07
N PRO C 105 -20.12 44.51 -12.78
CA PRO C 105 -21.47 44.59 -12.21
C PRO C 105 -22.30 45.75 -12.74
N GLN C 106 -21.72 46.66 -13.52
CA GLN C 106 -22.47 47.79 -14.07
C GLN C 106 -23.02 47.53 -15.46
N THR C 107 -22.86 46.31 -15.99
CA THR C 107 -23.42 45.92 -17.27
C THR C 107 -24.33 44.71 -17.09
N ASP C 108 -25.29 44.58 -18.01
CA ASP C 108 -26.26 43.49 -17.94
C ASP C 108 -25.75 42.18 -18.53
N ASN C 109 -24.55 42.19 -19.13
CA ASN C 109 -24.03 41.02 -19.82
C ASN C 109 -23.51 39.95 -18.86
N GLU C 110 -23.41 40.25 -17.57
CA GLU C 110 -22.97 39.28 -16.57
C GLU C 110 -24.07 38.91 -15.59
N TYR C 111 -25.33 39.05 -16.01
CA TYR C 111 -26.48 38.66 -15.20
C TYR C 111 -27.28 37.62 -15.97
N ASN C 112 -27.36 36.41 -15.41
CA ASN C 112 -27.99 35.30 -16.08
C ASN C 112 -29.36 34.95 -15.52
N TYR C 113 -29.75 35.53 -14.39
CA TYR C 113 -31.03 35.24 -13.75
C TYR C 113 -31.75 36.56 -13.49
N TRP C 114 -32.84 36.79 -14.22
CA TRP C 114 -33.62 38.02 -14.12
C TRP C 114 -34.98 37.74 -13.52
N GLY C 115 -35.69 38.82 -13.18
CA GLY C 115 -36.99 38.74 -12.55
C GLY C 115 -38.11 39.20 -13.47
N GLN C 116 -39.32 39.13 -12.92
CA GLN C 116 -40.50 39.54 -13.68
C GLN C 116 -40.51 41.04 -13.94
N GLY C 117 -40.05 41.83 -12.98
CA GLY C 117 -40.10 43.27 -13.07
C GLY C 117 -41.36 43.84 -12.43
N THR C 118 -41.27 45.11 -12.05
CA THR C 118 -42.39 45.81 -11.44
C THR C 118 -42.45 47.23 -11.98
N GLN C 119 -43.68 47.75 -12.10
CA GLN C 119 -43.91 49.06 -12.66
C GLN C 119 -43.89 50.12 -11.55
N VAL C 120 -43.09 51.15 -11.75
CA VAL C 120 -42.98 52.28 -10.83
C VAL C 120 -43.27 53.53 -11.65
N THR C 121 -44.49 54.05 -11.51
CA THR C 121 -44.94 55.22 -12.27
C THR C 121 -44.87 56.45 -11.37
N VAL C 122 -44.00 57.38 -11.72
CA VAL C 122 -43.85 58.66 -11.02
C VAL C 122 -44.47 59.72 -11.92
N SER C 123 -45.69 60.13 -11.60
CA SER C 123 -46.41 61.08 -12.44
C SER C 123 -46.00 62.51 -12.10
N SER C 124 -46.01 63.36 -13.13
CA SER C 124 -45.73 64.78 -12.94
C SER C 124 -46.84 65.50 -12.22
N HIS C 125 -47.99 64.85 -12.04
CA HIS C 125 -49.12 65.44 -11.32
C HIS C 125 -49.00 65.17 -9.83
#